data_9MVK
#
_entry.id   9MVK
#
_cell.length_a   63.919
_cell.length_b   106.316
_cell.length_c   78.509
_cell.angle_alpha   90.000
_cell.angle_beta   90.510
_cell.angle_gamma   90.000
#
_symmetry.space_group_name_H-M   'P 1 21 1'
#
loop_
_entity.id
_entity.type
_entity.pdbx_description
1 polymer 'Peptidase C30'
2 non-polymer (1R,2S,5S)-N-{(1E,2S)-1-imino-3-[(3S)-2-oxopyrrolidin-3-yl]propan-2-yl}-6,6-dimethyl-3-[3-methyl-N-(trifluoroacetyl)-L-valyl]-3-azabicyclo[3.1.0]hexane-2-carboxamide
3 non-polymer DI(HYDROXYETHYL)ETHER
4 water water
#
_entity_poly.entity_id   1
_entity_poly.type   'polypeptide(L)'
_entity_poly.pdbx_seq_one_letter_code
;SGLRKMAQPSGIVEPCIVRVAYGSNVLNGLWIGDEVICPRHVIASDTSRVINYDNELSSVRLHNFSIAKNNVFLGVVSAK
YKGVNLVLKVNQVNPNTPAHKFKSVKPGESFNILACYEGCPGSVYGVNMRSQGTIKGSFIAGTCGSVGYVLENGILYFVY
MHHLELGNGSHVGSNLEGEMYGGYEDQPSMQLEGTNVMSSDNVVAFLYAALINGERWFVTNASMSLESYNAWAKTNSFTE
IVSTDAFNMLAAKTGYSVEKLLECIVRLNKGFGGRTILSYGSLCDEFTPTEVIRQMYGVNLQ
;
_entity_poly.pdbx_strand_id   A,B,C,D
#
loop_
_chem_comp.id
_chem_comp.type
_chem_comp.name
_chem_comp.formula
4WI non-polymer (1R,2S,5S)-N-{(1E,2S)-1-imino-3-[(3S)-2-oxopyrrolidin-3-yl]propan-2-yl}-6,6-dimethyl-3-[3-methyl-N-(trifluoroacetyl)-L-valyl]-3-azabicyclo[3.1.0]hexane-2-carboxamide 'C23 H34 F3 N5 O4'
PEG non-polymer DI(HYDROXYETHYL)ETHER 'C4 H10 O3'
#
# COMPACT_ATOMS: atom_id res chain seq x y z
N SER A 1 0.84 3.01 -3.75
CA SER A 1 1.82 2.21 -3.04
C SER A 1 1.67 0.73 -3.39
N GLY A 2 2.67 -0.06 -3.04
CA GLY A 2 2.66 -1.48 -3.30
C GLY A 2 3.63 -1.86 -4.42
N LEU A 3 4.00 -3.14 -4.44
CA LEU A 3 4.88 -3.68 -5.46
C LEU A 3 4.47 -5.11 -5.76
N ARG A 4 4.20 -5.39 -7.04
CA ARG A 4 3.84 -6.72 -7.48
C ARG A 4 4.57 -7.02 -8.79
N LYS A 5 5.02 -8.26 -8.95
CA LYS A 5 5.56 -8.69 -10.24
C LYS A 5 4.44 -8.67 -11.27
N MET A 6 4.62 -7.85 -12.31
N MET A 6 4.62 -7.85 -12.31
CA MET A 6 3.57 -7.59 -13.28
CA MET A 6 3.57 -7.58 -13.28
C MET A 6 3.99 -8.05 -14.67
C MET A 6 3.99 -8.01 -14.67
N ALA A 7 2.99 -8.26 -15.52
CA ALA A 7 3.18 -8.56 -16.92
C ALA A 7 2.46 -7.52 -17.75
N GLN A 8 3.10 -7.04 -18.82
CA GLN A 8 2.43 -6.12 -19.73
C GLN A 8 1.25 -6.85 -20.39
N PRO A 9 0.22 -6.11 -20.80
CA PRO A 9 -0.98 -6.77 -21.34
C PRO A 9 -0.65 -7.64 -22.55
N SER A 10 -1.33 -8.78 -22.62
CA SER A 10 -1.05 -9.79 -23.64
C SER A 10 -2.03 -9.76 -24.80
N GLY A 11 -2.90 -8.74 -24.87
CA GLY A 11 -3.91 -8.72 -25.90
C GLY A 11 -3.34 -8.70 -27.31
N ILE A 12 -2.23 -7.97 -27.50
CA ILE A 12 -1.62 -7.87 -28.81
C ILE A 12 -0.89 -9.14 -29.24
N VAL A 13 -0.69 -10.08 -28.31
CA VAL A 13 0.05 -11.30 -28.62
C VAL A 13 -0.92 -12.47 -28.80
N GLU A 14 -2.04 -12.42 -28.10
CA GLU A 14 -2.96 -13.55 -28.11
C GLU A 14 -3.43 -13.93 -29.50
N PRO A 15 -3.69 -13.01 -30.43
CA PRO A 15 -4.12 -13.41 -31.78
C PRO A 15 -3.04 -14.13 -32.59
N CYS A 16 -1.78 -14.12 -32.14
CA CYS A 16 -0.69 -14.73 -32.88
C CYS A 16 -0.35 -16.14 -32.40
N ILE A 17 -1.04 -16.65 -31.39
CA ILE A 17 -0.76 -17.99 -30.85
C ILE A 17 -1.62 -19.01 -31.58
N VAL A 18 -0.98 -20.10 -32.01
CA VAL A 18 -1.67 -21.16 -32.74
C VAL A 18 -1.21 -22.51 -32.20
N ARG A 19 -2.07 -23.51 -32.38
CA ARG A 19 -1.71 -24.89 -32.10
C ARG A 19 -0.94 -25.46 -33.30
N VAL A 20 0.18 -26.12 -33.02
CA VAL A 20 0.98 -26.78 -34.05
C VAL A 20 1.09 -28.25 -33.66
N ALA A 21 0.49 -29.12 -34.46
CA ALA A 21 0.57 -30.56 -34.28
C ALA A 21 1.31 -31.19 -35.45
N TYR A 22 2.09 -32.22 -35.15
CA TYR A 22 2.82 -32.96 -36.18
C TYR A 22 3.22 -34.31 -35.58
N GLY A 23 2.81 -35.39 -36.21
CA GLY A 23 3.16 -36.70 -35.70
C GLY A 23 2.61 -36.88 -34.30
N SER A 24 3.52 -37.15 -33.35
CA SER A 24 3.13 -37.42 -31.97
C SER A 24 3.26 -36.20 -31.07
N ASN A 25 3.48 -35.01 -31.62
CA ASN A 25 3.75 -33.82 -30.85
C ASN A 25 2.70 -32.75 -31.11
N VAL A 26 2.34 -32.03 -30.06
CA VAL A 26 1.42 -30.89 -30.13
C VAL A 26 1.96 -29.81 -29.21
N LEU A 27 2.21 -28.62 -29.77
CA LEU A 27 2.71 -27.50 -28.99
C LEU A 27 2.18 -26.21 -29.60
N ASN A 28 2.81 -25.10 -29.29
CA ASN A 28 2.36 -23.79 -29.73
C ASN A 28 3.28 -23.22 -30.80
N GLY A 29 2.72 -22.37 -31.64
CA GLY A 29 3.49 -21.64 -32.62
C GLY A 29 3.09 -20.18 -32.66
N LEU A 30 4.00 -19.36 -33.17
CA LEU A 30 3.78 -17.92 -33.31
C LEU A 30 3.44 -17.60 -34.75
N TRP A 31 2.22 -17.14 -34.99
CA TRP A 31 1.72 -16.83 -36.33
C TRP A 31 1.85 -15.33 -36.54
N ILE A 32 2.88 -14.92 -37.28
CA ILE A 32 3.11 -13.54 -37.64
C ILE A 32 3.33 -13.46 -39.14
N GLY A 33 2.62 -12.55 -39.80
CA GLY A 33 2.69 -12.49 -41.25
C GLY A 33 2.21 -13.80 -41.83
N ASP A 34 2.99 -14.33 -42.78
CA ASP A 34 2.70 -15.62 -43.41
C ASP A 34 3.59 -16.73 -42.89
N GLU A 35 4.05 -16.64 -41.64
CA GLU A 35 4.91 -17.63 -41.04
C GLU A 35 4.30 -18.13 -39.74
N VAL A 36 4.69 -19.35 -39.36
CA VAL A 36 4.40 -19.93 -38.05
C VAL A 36 5.72 -20.43 -37.48
N ILE A 37 6.24 -19.73 -36.49
CA ILE A 37 7.48 -20.12 -35.82
C ILE A 37 7.14 -21.00 -34.62
N CYS A 38 7.89 -22.08 -34.43
CA CYS A 38 7.64 -23.00 -33.34
C CYS A 38 8.91 -23.81 -33.09
N PRO A 39 9.00 -24.47 -31.94
CA PRO A 39 10.19 -25.31 -31.68
C PRO A 39 10.29 -26.45 -32.69
N ARG A 40 11.52 -26.70 -33.15
CA ARG A 40 11.72 -27.68 -34.21
C ARG A 40 11.51 -29.11 -33.74
N HIS A 41 11.50 -29.37 -32.44
CA HIS A 41 11.30 -30.72 -31.97
C HIS A 41 9.85 -31.17 -32.09
N VAL A 42 8.98 -30.35 -32.71
CA VAL A 42 7.62 -30.80 -32.99
C VAL A 42 7.60 -31.87 -34.07
N ILE A 43 8.62 -31.92 -34.93
CA ILE A 43 8.72 -32.97 -35.94
C ILE A 43 9.59 -34.14 -35.50
N ALA A 44 10.09 -34.12 -34.27
CA ALA A 44 10.88 -35.23 -33.76
C ALA A 44 10.02 -36.48 -33.65
N SER A 45 10.50 -37.57 -34.25
CA SER A 45 9.75 -38.82 -34.20
C SER A 45 9.91 -39.54 -32.87
N ASP A 46 10.96 -39.25 -32.11
CA ASP A 46 11.22 -39.94 -30.84
C ASP A 46 11.90 -38.93 -29.91
N THR A 47 11.11 -38.37 -29.00
CA THR A 47 11.61 -37.40 -28.03
C THR A 47 12.17 -38.07 -26.78
N SER A 48 12.26 -39.40 -26.75
CA SER A 48 12.81 -40.10 -25.61
C SER A 48 14.33 -40.20 -25.64
N ARG A 49 14.96 -39.91 -26.78
CA ARG A 49 16.40 -40.03 -26.89
C ARG A 49 16.89 -39.02 -27.92
N VAL A 50 18.20 -38.93 -28.05
CA VAL A 50 18.83 -37.92 -28.89
C VAL A 50 18.15 -37.90 -30.26
N ILE A 51 18.06 -36.71 -30.86
CA ILE A 51 17.34 -36.51 -32.11
C ILE A 51 18.34 -36.08 -33.17
N ASN A 52 18.23 -36.70 -34.34
CA ASN A 52 18.98 -36.27 -35.53
C ASN A 52 18.07 -35.35 -36.32
N TYR A 53 18.21 -34.03 -36.09
CA TYR A 53 17.29 -33.09 -36.70
C TYR A 53 17.49 -33.00 -38.21
N ASP A 54 18.71 -33.21 -38.69
CA ASP A 54 18.94 -33.25 -40.13
C ASP A 54 18.11 -34.36 -40.76
N ASN A 55 18.04 -35.51 -40.10
CA ASN A 55 17.25 -36.62 -40.64
C ASN A 55 15.75 -36.35 -40.52
N GLU A 56 15.34 -35.69 -39.43
CA GLU A 56 13.91 -35.42 -39.25
C GLU A 56 13.38 -34.46 -40.31
N LEU A 57 14.16 -33.43 -40.65
CA LEU A 57 13.73 -32.47 -41.65
C LEU A 57 13.76 -33.08 -43.05
N SER A 58 14.78 -33.89 -43.33
CA SER A 58 14.90 -34.50 -44.66
C SER A 58 13.71 -35.37 -45.00
N SER A 59 12.93 -35.80 -44.01
CA SER A 59 11.79 -36.67 -44.23
C SER A 59 10.47 -36.03 -43.84
N VAL A 60 10.46 -34.71 -43.67
CA VAL A 60 9.25 -34.03 -43.21
C VAL A 60 8.15 -34.14 -44.26
N ARG A 61 6.93 -34.39 -43.80
CA ARG A 61 5.75 -34.47 -44.66
C ARG A 61 4.87 -33.25 -44.36
N LEU A 62 4.89 -32.28 -45.27
CA LEU A 62 4.16 -31.03 -45.03
C LEU A 62 2.67 -31.28 -44.80
N HIS A 63 2.12 -32.35 -45.37
CA HIS A 63 0.71 -32.64 -45.17
C HIS A 63 0.39 -33.04 -43.73
N ASN A 64 1.40 -33.43 -42.95
CA ASN A 64 1.15 -33.89 -41.58
C ASN A 64 1.04 -32.75 -40.59
N PHE A 65 1.50 -31.55 -40.93
CA PHE A 65 1.31 -30.40 -40.06
C PHE A 65 -0.17 -30.09 -39.93
N SER A 66 -0.62 -29.87 -38.70
CA SER A 66 -2.01 -29.52 -38.39
C SER A 66 -1.98 -28.26 -37.52
N ILE A 67 -2.01 -27.10 -38.17
CA ILE A 67 -1.95 -25.81 -37.49
C ILE A 67 -3.35 -25.22 -37.46
N ALA A 68 -3.81 -24.85 -36.27
CA ALA A 68 -5.19 -24.41 -36.06
C ALA A 68 -5.22 -23.12 -35.24
N LYS A 69 -6.20 -22.28 -35.55
CA LYS A 69 -6.45 -21.04 -34.82
C LYS A 69 -7.97 -20.86 -34.80
N ASN A 70 -8.60 -21.20 -33.68
CA ASN A 70 -10.07 -21.20 -33.56
C ASN A 70 -10.59 -22.20 -34.59
N ASN A 71 -11.50 -21.82 -35.47
CA ASN A 71 -11.98 -22.72 -36.51
C ASN A 71 -11.08 -22.74 -37.74
N VAL A 72 -10.05 -21.90 -37.79
CA VAL A 72 -9.18 -21.80 -38.95
C VAL A 72 -8.11 -22.88 -38.88
N PHE A 73 -7.74 -23.42 -40.04
CA PHE A 73 -6.56 -24.24 -40.21
C PHE A 73 -5.63 -23.55 -41.19
N LEU A 74 -4.34 -23.54 -40.89
CA LEU A 74 -3.31 -22.97 -41.76
C LEU A 74 -2.51 -24.09 -42.41
N GLY A 75 -2.41 -24.04 -43.74
CA GLY A 75 -1.61 -25.00 -44.47
C GLY A 75 -0.17 -24.54 -44.57
N VAL A 76 0.74 -25.52 -44.60
CA VAL A 76 2.18 -25.26 -44.59
C VAL A 76 2.68 -25.27 -46.04
N VAL A 77 3.28 -24.15 -46.46
CA VAL A 77 3.86 -24.08 -47.79
C VAL A 77 5.25 -24.71 -47.81
N SER A 78 6.08 -24.38 -46.81
CA SER A 78 7.45 -24.88 -46.74
C SER A 78 7.90 -24.85 -45.30
N ALA A 79 8.95 -25.62 -45.01
CA ALA A 79 9.48 -25.74 -43.66
C ALA A 79 11.00 -25.77 -43.69
N LYS A 80 11.63 -24.89 -42.93
CA LYS A 80 13.07 -24.85 -42.79
C LYS A 80 13.43 -24.70 -41.32
N TYR A 81 14.71 -24.90 -41.02
CA TYR A 81 15.23 -24.65 -39.69
C TYR A 81 15.83 -23.25 -39.62
N LYS A 82 15.55 -22.55 -38.53
CA LYS A 82 16.28 -21.33 -38.15
C LYS A 82 16.73 -21.56 -36.70
N GLY A 83 17.96 -22.02 -36.54
CA GLY A 83 18.42 -22.39 -35.20
C GLY A 83 17.63 -23.60 -34.71
N VAL A 84 17.11 -23.49 -33.48
CA VAL A 84 16.37 -24.57 -32.86
C VAL A 84 14.86 -24.43 -33.12
N ASN A 85 14.46 -23.57 -34.03
CA ASN A 85 13.07 -23.35 -34.34
C ASN A 85 12.77 -23.72 -35.78
N LEU A 86 11.55 -24.20 -36.01
CA LEU A 86 11.03 -24.43 -37.35
C LEU A 86 10.36 -23.15 -37.86
N VAL A 87 10.65 -22.78 -39.10
CA VAL A 87 10.01 -21.66 -39.77
C VAL A 87 9.08 -22.23 -40.82
N LEU A 88 7.78 -22.14 -40.58
CA LEU A 88 6.77 -22.73 -41.45
C LEU A 88 6.05 -21.61 -42.20
N LYS A 89 6.31 -21.50 -43.50
CA LYS A 89 5.52 -20.62 -44.36
C LYS A 89 4.11 -21.18 -44.49
N VAL A 90 3.11 -20.30 -44.34
CA VAL A 90 1.72 -20.72 -44.33
C VAL A 90 0.98 -20.00 -45.46
N ASN A 91 -0.23 -20.49 -45.74
CA ASN A 91 -1.02 -20.05 -46.87
C ASN A 91 -1.88 -18.82 -46.57
N GLN A 92 -1.78 -18.26 -45.36
CA GLN A 92 -2.56 -17.09 -45.01
C GLN A 92 -1.72 -16.16 -44.16
N VAL A 93 -1.83 -14.87 -44.43
CA VAL A 93 -1.18 -13.84 -43.62
C VAL A 93 -2.07 -13.56 -42.42
N ASN A 94 -1.48 -13.54 -41.22
CA ASN A 94 -2.24 -13.27 -40.01
C ASN A 94 -2.82 -11.86 -40.09
N PRO A 95 -4.15 -11.71 -40.16
CA PRO A 95 -4.72 -10.36 -40.26
C PRO A 95 -4.45 -9.50 -39.04
N ASN A 96 -4.08 -10.10 -37.91
CA ASN A 96 -3.84 -9.39 -36.66
C ASN A 96 -2.35 -9.33 -36.32
N THR A 97 -1.50 -9.21 -37.34
CA THR A 97 -0.06 -9.11 -37.11
C THR A 97 0.27 -7.72 -36.60
N PRO A 98 0.81 -7.57 -35.39
CA PRO A 98 1.14 -6.24 -34.88
C PRO A 98 2.50 -5.76 -35.35
N ALA A 99 2.66 -4.44 -35.35
CA ALA A 99 3.97 -3.86 -35.59
C ALA A 99 4.94 -4.38 -34.54
N HIS A 100 5.97 -5.10 -35.00
CA HIS A 100 6.81 -5.87 -34.09
C HIS A 100 8.24 -5.87 -34.57
N LYS A 101 9.13 -6.29 -33.67
CA LYS A 101 10.53 -6.57 -33.98
C LYS A 101 10.96 -7.79 -33.16
N PHE A 102 12.24 -8.13 -33.27
CA PHE A 102 12.83 -9.24 -32.53
C PHE A 102 14.10 -8.77 -31.86
N LYS A 103 14.37 -9.34 -30.68
CA LYS A 103 15.62 -9.06 -29.97
C LYS A 103 15.79 -10.12 -28.89
N SER A 104 16.98 -10.16 -28.30
CA SER A 104 17.31 -11.12 -27.26
C SER A 104 17.35 -10.42 -25.90
N VAL A 105 16.91 -11.14 -24.87
CA VAL A 105 16.98 -10.66 -23.49
C VAL A 105 18.32 -11.08 -22.91
N LYS A 106 18.86 -10.24 -22.04
CA LYS A 106 20.12 -10.51 -21.38
C LYS A 106 19.90 -10.78 -19.89
N PRO A 107 20.90 -11.34 -19.21
CA PRO A 107 20.72 -11.68 -17.79
C PRO A 107 20.33 -10.46 -16.97
N GLY A 108 19.43 -10.67 -16.01
CA GLY A 108 18.96 -9.60 -15.15
C GLY A 108 17.87 -8.74 -15.74
N GLU A 109 17.45 -9.00 -16.96
CA GLU A 109 16.43 -8.21 -17.63
C GLU A 109 15.09 -8.91 -17.57
N SER A 110 14.03 -8.12 -17.47
CA SER A 110 12.68 -8.64 -17.29
C SER A 110 11.94 -8.69 -18.63
N PHE A 111 11.00 -9.62 -18.72
CA PHE A 111 10.11 -9.71 -19.87
C PHE A 111 8.88 -10.51 -19.46
N ASN A 112 7.91 -10.56 -20.36
CA ASN A 112 6.61 -11.15 -20.09
C ASN A 112 6.48 -12.49 -20.79
N ILE A 113 5.73 -13.39 -20.18
CA ILE A 113 5.45 -14.71 -20.73
C ILE A 113 3.95 -14.84 -20.94
N LEU A 114 3.55 -15.29 -22.13
CA LEU A 114 2.18 -15.73 -22.40
C LEU A 114 2.20 -17.26 -22.42
N ALA A 115 1.87 -17.87 -21.29
CA ALA A 115 1.86 -19.33 -21.20
C ALA A 115 0.68 -19.87 -21.99
N CYS A 116 0.98 -20.71 -22.98
CA CYS A 116 -0.01 -21.28 -23.87
C CYS A 116 0.02 -22.80 -23.77
N TYR A 117 -1.15 -23.40 -23.71
CA TYR A 117 -1.29 -24.84 -23.47
C TYR A 117 -1.86 -25.47 -24.74
N GLU A 118 -0.97 -25.89 -25.63
CA GLU A 118 -1.35 -26.54 -26.89
C GLU A 118 -2.22 -25.60 -27.74
N GLY A 119 -1.69 -24.40 -27.99
CA GLY A 119 -2.34 -23.45 -28.86
C GLY A 119 -3.36 -22.54 -28.19
N CYS A 120 -3.66 -22.76 -26.91
N CYS A 120 -3.66 -22.77 -26.91
CA CYS A 120 -4.65 -21.97 -26.20
CA CYS A 120 -4.65 -21.97 -26.19
C CYS A 120 -3.96 -21.11 -25.14
C CYS A 120 -3.96 -21.11 -25.16
N PRO A 121 -3.81 -19.80 -25.37
CA PRO A 121 -3.20 -18.94 -24.35
C PRO A 121 -3.88 -19.13 -23.00
N GLY A 122 -3.06 -19.44 -21.98
CA GLY A 122 -3.60 -19.79 -20.68
C GLY A 122 -3.35 -18.73 -19.62
N SER A 123 -2.19 -18.10 -19.63
CA SER A 123 -1.84 -17.19 -18.54
C SER A 123 -0.75 -16.24 -19.01
N VAL A 124 -0.54 -15.20 -18.20
CA VAL A 124 0.44 -14.16 -18.48
C VAL A 124 1.09 -13.76 -17.16
N TYR A 125 2.42 -13.62 -17.17
CA TYR A 125 3.17 -13.25 -15.98
C TYR A 125 4.55 -12.78 -16.39
N GLY A 126 5.16 -11.98 -15.53
CA GLY A 126 6.49 -11.47 -15.77
C GLY A 126 7.57 -12.41 -15.26
N VAL A 127 8.73 -12.36 -15.92
CA VAL A 127 9.88 -13.19 -15.58
C VAL A 127 11.13 -12.33 -15.65
N ASN A 128 12.24 -12.90 -15.19
CA ASN A 128 13.53 -12.23 -15.22
C ASN A 128 14.60 -13.26 -15.60
N MET A 129 15.43 -12.90 -16.57
N MET A 129 15.43 -12.90 -16.58
CA MET A 129 16.45 -13.82 -17.05
CA MET A 129 16.44 -13.84 -17.06
C MET A 129 17.54 -14.01 -16.00
C MET A 129 17.53 -14.02 -16.00
N ARG A 130 17.89 -15.27 -15.73
CA ARG A 130 18.94 -15.59 -14.79
C ARG A 130 20.30 -15.60 -15.49
N SER A 131 21.35 -15.66 -14.67
CA SER A 131 22.71 -15.51 -15.21
C SER A 131 23.01 -16.60 -16.25
N GLN A 132 22.51 -17.82 -16.03
CA GLN A 132 22.80 -18.94 -16.90
C GLN A 132 21.86 -19.03 -18.10
N GLY A 133 21.09 -17.98 -18.37
CA GLY A 133 20.20 -17.98 -19.50
C GLY A 133 18.90 -18.72 -19.30
N THR A 134 18.51 -18.96 -18.05
CA THR A 134 17.28 -19.67 -17.72
C THR A 134 16.28 -18.71 -17.10
N ILE A 135 15.06 -19.22 -16.88
CA ILE A 135 14.03 -18.50 -16.14
C ILE A 135 13.25 -19.51 -15.32
N LYS A 136 12.53 -19.00 -14.32
CA LYS A 136 11.59 -19.78 -13.53
C LYS A 136 10.19 -19.40 -14.02
N GLY A 137 9.56 -20.29 -14.78
CA GLY A 137 8.41 -19.88 -15.58
C GLY A 137 7.19 -20.78 -15.64
N SER A 138 7.06 -21.70 -14.69
N SER A 138 7.05 -21.69 -14.68
CA SER A 138 5.85 -22.51 -14.54
CA SER A 138 5.85 -22.53 -14.54
C SER A 138 5.40 -23.11 -15.87
C SER A 138 5.40 -23.12 -15.88
N PHE A 139 6.34 -23.72 -16.59
CA PHE A 139 6.05 -24.39 -17.84
C PHE A 139 5.85 -25.88 -17.59
N ILE A 140 4.82 -26.45 -18.21
CA ILE A 140 4.54 -27.87 -18.12
C ILE A 140 4.35 -28.45 -19.52
N ALA A 141 3.92 -29.69 -19.61
CA ALA A 141 3.76 -30.34 -20.90
C ALA A 141 2.77 -29.59 -21.77
N GLY A 142 3.09 -29.46 -23.05
CA GLY A 142 2.25 -28.76 -24.00
C GLY A 142 2.47 -27.27 -24.07
N THR A 143 3.38 -26.71 -23.29
CA THR A 143 3.62 -25.28 -23.25
C THR A 143 4.78 -24.83 -24.11
N CYS A 144 5.49 -25.76 -24.76
CA CYS A 144 6.55 -25.36 -25.68
C CYS A 144 5.97 -24.52 -26.80
N GLY A 145 6.74 -23.55 -27.25
CA GLY A 145 6.26 -22.56 -28.18
C GLY A 145 5.65 -21.34 -27.54
N SER A 146 5.34 -21.40 -26.24
CA SER A 146 4.88 -20.22 -25.52
C SER A 146 5.84 -19.07 -25.76
N VAL A 147 5.29 -17.87 -25.91
CA VAL A 147 6.04 -16.72 -26.38
C VAL A 147 6.34 -15.78 -25.21
N GLY A 148 7.55 -15.23 -25.22
CA GLY A 148 7.93 -14.16 -24.32
C GLY A 148 8.09 -12.88 -25.12
N TYR A 149 7.65 -11.76 -24.56
CA TYR A 149 7.58 -10.52 -25.29
C TYR A 149 7.86 -9.34 -24.38
N VAL A 150 8.09 -8.18 -25.00
CA VAL A 150 8.27 -6.92 -24.30
C VAL A 150 7.65 -5.82 -25.14
N LEU A 151 6.89 -4.94 -24.50
CA LEU A 151 6.25 -3.81 -25.18
C LEU A 151 7.00 -2.54 -24.82
N GLU A 152 7.32 -1.75 -25.85
CA GLU A 152 8.06 -0.51 -25.64
C GLU A 152 7.82 0.41 -26.84
N ASN A 153 7.37 1.63 -26.56
CA ASN A 153 7.23 2.67 -27.58
C ASN A 153 6.34 2.20 -28.72
N GLY A 154 5.26 1.50 -28.39
CA GLY A 154 4.29 1.05 -29.37
C GLY A 154 4.72 -0.12 -30.23
N ILE A 155 5.90 -0.68 -29.99
CA ILE A 155 6.41 -1.80 -30.77
C ILE A 155 6.36 -3.04 -29.90
N LEU A 156 6.04 -4.18 -30.51
CA LEU A 156 6.02 -5.47 -29.83
C LEU A 156 7.30 -6.21 -30.16
N TYR A 157 8.07 -6.56 -29.12
CA TYR A 157 9.34 -7.25 -29.28
C TYR A 157 9.17 -8.70 -28.81
N PHE A 158 9.26 -9.64 -29.75
CA PHE A 158 9.33 -11.05 -29.41
C PHE A 158 10.77 -11.38 -29.01
N VAL A 159 10.93 -12.07 -27.87
CA VAL A 159 12.26 -12.24 -27.31
C VAL A 159 12.52 -13.64 -26.77
N TYR A 160 11.50 -14.50 -26.77
CA TYR A 160 11.66 -15.79 -26.14
C TYR A 160 10.62 -16.78 -26.66
N MET A 161 11.05 -18.02 -26.83
CA MET A 161 10.17 -19.14 -27.17
C MET A 161 10.62 -20.34 -26.35
N HIS A 162 9.67 -21.00 -25.69
CA HIS A 162 10.01 -22.01 -24.71
C HIS A 162 10.33 -23.34 -25.39
N HIS A 163 11.25 -24.09 -24.78
CA HIS A 163 11.72 -25.35 -25.36
C HIS A 163 11.78 -26.50 -24.36
N LEU A 164 12.36 -26.27 -23.19
CA LEU A 164 12.61 -27.39 -22.29
C LEU A 164 12.74 -26.91 -20.84
N GLU A 165 12.65 -27.87 -19.92
CA GLU A 165 12.85 -27.66 -18.49
C GLU A 165 14.03 -28.51 -18.04
N LEU A 166 14.96 -27.89 -17.32
CA LEU A 166 16.12 -28.61 -16.83
C LEU A 166 15.75 -29.48 -15.63
N GLY A 167 16.67 -30.37 -15.27
CA GLY A 167 16.42 -31.27 -14.16
C GLY A 167 16.18 -30.56 -12.85
N ASN A 168 16.76 -29.38 -12.67
CA ASN A 168 16.61 -28.61 -11.45
C ASN A 168 15.37 -27.71 -11.46
N GLY A 169 14.54 -27.80 -12.50
CA GLY A 169 13.33 -27.01 -12.59
C GLY A 169 13.45 -25.76 -13.42
N SER A 170 14.67 -25.25 -13.62
CA SER A 170 14.86 -24.06 -14.44
C SER A 170 14.36 -24.31 -15.85
N HIS A 171 13.92 -23.23 -16.50
CA HIS A 171 13.29 -23.31 -17.82
C HIS A 171 14.16 -22.65 -18.86
N VAL A 172 14.20 -23.25 -20.05
CA VAL A 172 15.12 -22.87 -21.11
C VAL A 172 14.34 -22.65 -22.39
N GLY A 173 14.67 -21.59 -23.10
CA GLY A 173 14.07 -21.29 -24.38
C GLY A 173 15.05 -20.62 -25.31
N SER A 174 14.55 -20.09 -26.43
CA SER A 174 15.40 -19.43 -27.41
C SER A 174 14.76 -18.11 -27.83
N ASN A 175 15.60 -17.21 -28.34
CA ASN A 175 15.08 -16.06 -29.05
C ASN A 175 14.43 -16.53 -30.35
N LEU A 176 13.72 -15.61 -31.01
CA LEU A 176 12.98 -15.99 -32.21
C LEU A 176 13.89 -16.25 -33.40
N GLU A 177 15.18 -15.92 -33.31
CA GLU A 177 16.15 -16.26 -34.34
C GLU A 177 16.72 -17.67 -34.14
N GLY A 178 16.23 -18.42 -33.16
CA GLY A 178 16.61 -19.81 -33.00
C GLY A 178 17.84 -20.06 -32.17
N GLU A 179 18.37 -19.07 -31.48
CA GLU A 179 19.54 -19.24 -30.62
C GLU A 179 19.07 -19.54 -29.20
N MET A 180 19.35 -20.75 -28.73
CA MET A 180 19.01 -21.12 -27.37
C MET A 180 19.75 -20.23 -26.38
N TYR A 181 19.02 -19.72 -25.39
CA TYR A 181 19.64 -18.96 -24.33
C TYR A 181 20.48 -19.88 -23.45
N GLY A 182 21.66 -19.40 -23.07
CA GLY A 182 22.56 -20.17 -22.24
C GLY A 182 23.35 -21.24 -22.96
N GLY A 183 23.15 -21.41 -24.26
CA GLY A 183 23.87 -22.41 -25.02
C GLY A 183 23.34 -23.82 -24.89
N TYR A 184 22.15 -23.99 -24.32
CA TYR A 184 21.58 -25.31 -24.17
C TYR A 184 21.18 -25.90 -25.52
N GLU A 185 20.96 -27.21 -25.53
CA GLU A 185 20.60 -27.96 -26.72
C GLU A 185 19.17 -28.45 -26.61
N ASP A 186 18.48 -28.51 -27.74
CA ASP A 186 17.11 -29.05 -27.77
C ASP A 186 17.13 -30.57 -27.93
N GLN A 187 17.99 -31.22 -27.16
CA GLN A 187 18.11 -32.67 -27.12
C GLN A 187 17.63 -33.20 -25.77
N PRO A 188 16.91 -34.33 -25.74
CA PRO A 188 16.43 -34.89 -24.47
C PRO A 188 17.53 -35.61 -23.68
N SER A 189 18.70 -34.98 -23.58
CA SER A 189 19.79 -35.45 -22.74
C SER A 189 19.89 -34.57 -21.51
N MET A 190 20.33 -35.16 -20.40
CA MET A 190 20.45 -34.39 -19.17
C MET A 190 21.39 -33.21 -19.37
N GLN A 191 21.02 -32.06 -18.82
CA GLN A 191 21.81 -30.85 -18.93
C GLN A 191 21.83 -30.14 -17.58
N LEU A 192 22.91 -29.42 -17.33
CA LEU A 192 23.17 -28.79 -16.05
C LEU A 192 23.08 -27.28 -16.15
N GLU A 193 22.67 -26.65 -15.05
CA GLU A 193 22.73 -25.21 -14.89
C GLU A 193 23.79 -24.87 -13.86
N GLY A 194 24.73 -24.01 -14.24
CA GLY A 194 25.76 -23.59 -13.31
C GLY A 194 25.20 -22.84 -12.12
N THR A 195 26.06 -22.21 -11.34
CA THR A 195 25.60 -21.46 -10.18
C THR A 195 24.80 -20.24 -10.63
N ASN A 196 23.73 -19.95 -9.90
CA ASN A 196 22.90 -18.79 -10.18
C ASN A 196 23.52 -17.55 -9.53
N VAL A 197 23.93 -16.59 -10.35
CA VAL A 197 24.47 -15.32 -9.88
C VAL A 197 23.35 -14.30 -9.88
N MET A 198 23.02 -13.80 -8.69
CA MET A 198 21.88 -12.89 -8.54
C MET A 198 22.23 -11.50 -9.05
N SER A 199 21.23 -10.84 -9.64
CA SER A 199 21.44 -9.50 -10.20
C SER A 199 21.53 -8.48 -9.07
N SER A 200 22.70 -7.86 -8.93
CA SER A 200 22.88 -6.86 -7.87
C SER A 200 22.07 -5.60 -8.15
N ASP A 201 21.95 -5.22 -9.43
CA ASP A 201 21.14 -4.05 -9.77
C ASP A 201 19.68 -4.26 -9.39
N ASN A 202 19.17 -5.48 -9.59
CA ASN A 202 17.77 -5.75 -9.28
C ASN A 202 17.52 -5.76 -7.78
N VAL A 203 18.47 -6.24 -6.99
CA VAL A 203 18.29 -6.26 -5.54
C VAL A 203 18.26 -4.84 -5.00
N VAL A 204 19.14 -3.97 -5.50
CA VAL A 204 19.12 -2.57 -5.09
C VAL A 204 17.76 -1.95 -5.40
N ALA A 205 17.22 -2.24 -6.59
CA ALA A 205 15.89 -1.75 -6.93
C ALA A 205 14.83 -2.33 -6.00
N PHE A 206 15.01 -3.58 -5.57
CA PHE A 206 14.06 -4.19 -4.66
C PHE A 206 14.08 -3.50 -3.31
N LEU A 207 15.25 -3.08 -2.85
CA LEU A 207 15.35 -2.37 -1.58
C LEU A 207 14.85 -0.93 -1.71
N TYR A 208 15.20 -0.26 -2.81
CA TYR A 208 14.63 1.06 -3.07
C TYR A 208 13.12 1.00 -3.11
N ALA A 209 12.57 -0.10 -3.64
CA ALA A 209 11.11 -0.24 -3.70
C ALA A 209 10.51 -0.32 -2.32
N ALA A 210 11.16 -1.04 -1.39
CA ALA A 210 10.64 -1.14 -0.03
C ALA A 210 10.70 0.21 0.68
N LEU A 211 11.77 0.97 0.48
CA LEU A 211 11.89 2.28 1.12
C LEU A 211 10.77 3.20 0.64
N ILE A 212 10.49 3.20 -0.65
CA ILE A 212 9.44 4.05 -1.18
C ILE A 212 8.09 3.65 -0.60
N ASN A 213 7.86 2.36 -0.40
CA ASN A 213 6.63 1.87 0.17
C ASN A 213 6.49 2.16 1.66
N GLY A 214 7.48 2.79 2.27
CA GLY A 214 7.44 3.08 3.69
C GLY A 214 7.97 2.01 4.59
N GLU A 215 8.68 1.03 4.05
CA GLU A 215 9.27 -0.07 4.83
C GLU A 215 10.76 0.24 4.99
N ARG A 216 11.14 0.67 6.21
CA ARG A 216 12.47 1.21 6.45
C ARG A 216 13.15 0.55 7.66
N TRP A 217 12.75 -0.68 7.99
CA TRP A 217 13.29 -1.33 9.18
C TRP A 217 14.70 -1.87 8.98
N PHE A 218 15.15 -2.02 7.73
CA PHE A 218 16.40 -2.70 7.44
C PHE A 218 17.56 -1.74 7.16
N VAL A 219 17.29 -0.47 6.96
CA VAL A 219 18.32 0.48 6.55
C VAL A 219 18.98 1.09 7.78
N THR A 220 20.27 1.40 7.65
CA THR A 220 21.05 2.03 8.69
C THR A 220 21.78 3.23 8.09
N ASN A 221 22.61 3.87 8.91
CA ASN A 221 23.50 4.92 8.43
C ASN A 221 24.81 4.36 7.88
N ALA A 222 25.04 3.06 8.01
CA ALA A 222 26.28 2.46 7.52
C ALA A 222 26.26 2.36 6.01
N SER A 223 27.43 2.56 5.39
CA SER A 223 27.58 2.50 3.96
C SER A 223 28.70 1.53 3.61
N MET A 224 28.80 1.21 2.31
CA MET A 224 29.87 0.38 1.79
C MET A 224 30.26 0.90 0.42
N SER A 225 31.56 1.01 0.16
CA SER A 225 32.02 1.48 -1.14
C SER A 225 31.59 0.49 -2.22
N LEU A 226 31.46 1.02 -3.44
CA LEU A 226 31.10 0.17 -4.57
C LEU A 226 32.17 -0.89 -4.81
N GLU A 227 33.44 -0.51 -4.71
CA GLU A 227 34.53 -1.46 -4.94
C GLU A 227 34.50 -2.57 -3.90
N SER A 228 34.14 -2.26 -2.65
CA SER A 228 34.06 -3.29 -1.63
C SER A 228 32.90 -4.24 -1.89
N TYR A 229 31.74 -3.71 -2.28
CA TYR A 229 30.61 -4.58 -2.59
C TYR A 229 30.95 -5.50 -3.76
N ASN A 230 31.54 -4.93 -4.81
CA ASN A 230 31.87 -5.74 -5.99
C ASN A 230 32.80 -6.87 -5.62
N ALA A 231 33.78 -6.61 -4.76
CA ALA A 231 34.65 -7.69 -4.27
C ALA A 231 33.84 -8.74 -3.54
N TRP A 232 32.91 -8.32 -2.68
CA TRP A 232 32.03 -9.26 -2.01
C TRP A 232 31.13 -9.98 -3.00
N ALA A 233 30.67 -9.27 -4.03
CA ALA A 233 29.74 -9.87 -4.98
C ALA A 233 30.40 -11.01 -5.75
N LYS A 234 31.57 -10.75 -6.34
CA LYS A 234 32.28 -11.76 -7.11
C LYS A 234 32.78 -12.91 -6.23
N THR A 235 32.51 -12.88 -4.93
CA THR A 235 32.79 -13.98 -4.03
C THR A 235 31.53 -14.66 -3.52
N ASN A 236 30.37 -13.99 -3.61
CA ASN A 236 29.12 -14.51 -3.05
C ASN A 236 28.05 -14.72 -4.12
N SER A 237 28.44 -14.86 -5.38
CA SER A 237 27.51 -15.14 -6.47
C SER A 237 26.51 -14.00 -6.66
N PHE A 238 27.04 -12.78 -6.71
CA PHE A 238 26.27 -11.59 -7.05
C PHE A 238 26.99 -10.83 -8.14
N THR A 239 26.23 -10.27 -9.07
CA THR A 239 26.83 -9.51 -10.16
C THR A 239 27.43 -8.21 -9.65
N GLU A 240 28.42 -7.71 -10.38
CA GLU A 240 29.00 -6.42 -10.06
C GLU A 240 28.06 -5.29 -10.47
N ILE A 241 28.12 -4.20 -9.72
CA ILE A 241 27.41 -2.96 -10.07
C ILE A 241 28.41 -2.04 -10.72
N VAL A 242 28.12 -1.60 -11.94
CA VAL A 242 29.08 -0.82 -12.70
C VAL A 242 29.10 0.63 -12.24
N SER A 243 27.96 1.18 -11.82
CA SER A 243 27.89 2.58 -11.45
C SER A 243 26.79 2.80 -10.44
N THR A 244 27.05 3.69 -9.48
CA THR A 244 26.00 4.16 -8.59
C THR A 244 25.07 5.15 -9.30
N ASP A 245 25.53 5.76 -10.39
CA ASP A 245 24.71 6.71 -11.14
C ASP A 245 23.54 6.04 -11.83
N ALA A 246 23.57 4.71 -11.98
CA ALA A 246 22.48 4.01 -12.63
C ALA A 246 21.19 4.03 -11.82
N PHE A 247 21.26 4.41 -10.55
CA PHE A 247 20.08 4.52 -9.69
C PHE A 247 19.83 5.97 -9.27
N ASN A 248 20.25 6.91 -10.11
CA ASN A 248 20.19 8.33 -9.74
C ASN A 248 18.75 8.80 -9.52
N MET A 249 17.78 8.21 -10.21
CA MET A 249 16.40 8.60 -10.00
C MET A 249 15.85 8.03 -8.70
N LEU A 250 16.17 6.77 -8.38
CA LEU A 250 15.66 6.16 -7.17
C LEU A 250 16.32 6.76 -5.93
N ALA A 251 17.59 7.14 -6.02
CA ALA A 251 18.25 7.77 -4.89
C ALA A 251 17.75 9.20 -4.69
N ALA A 252 17.31 9.85 -5.76
CA ALA A 252 16.87 11.24 -5.66
C ALA A 252 15.47 11.36 -5.10
N LYS A 253 14.61 10.37 -5.34
CA LYS A 253 13.25 10.41 -4.84
C LYS A 253 13.10 9.80 -3.44
N THR A 254 14.11 9.06 -2.98
CA THR A 254 14.10 8.50 -1.64
C THR A 254 15.10 9.16 -0.70
N GLY A 255 16.10 9.86 -1.23
CA GLY A 255 17.13 10.47 -0.42
C GLY A 255 18.17 9.50 0.11
N TYR A 256 18.06 8.22 -0.19
CA TYR A 256 19.02 7.21 0.27
C TYR A 256 20.06 6.95 -0.81
N SER A 257 21.31 6.86 -0.39
CA SER A 257 22.40 6.59 -1.33
C SER A 257 22.49 5.10 -1.65
N VAL A 258 23.12 4.81 -2.79
CA VAL A 258 23.28 3.41 -3.20
C VAL A 258 24.22 2.69 -2.23
N GLU A 259 25.32 3.35 -1.84
CA GLU A 259 26.27 2.71 -0.94
C GLU A 259 25.63 2.30 0.37
N LYS A 260 24.59 3.03 0.80
CA LYS A 260 23.84 2.60 1.99
C LYS A 260 23.12 1.28 1.73
N LEU A 261 22.51 1.14 0.55
CA LEU A 261 21.79 -0.09 0.24
C LEU A 261 22.75 -1.26 0.00
N LEU A 262 23.94 -0.98 -0.52
CA LEU A 262 24.94 -2.04 -0.67
C LEU A 262 25.27 -2.67 0.67
N GLU A 263 25.45 -1.82 1.70
CA GLU A 263 25.62 -2.33 3.06
C GLU A 263 24.47 -3.24 3.46
N CYS A 264 23.24 -2.88 3.09
CA CYS A 264 22.09 -3.68 3.47
C CYS A 264 22.10 -5.05 2.81
N ILE A 265 22.60 -5.14 1.57
CA ILE A 265 22.58 -6.42 0.86
C ILE A 265 23.44 -7.44 1.58
N VAL A 266 24.69 -7.08 1.89
CA VAL A 266 25.59 -8.01 2.57
C VAL A 266 25.05 -8.36 3.95
N ARG A 267 24.45 -7.39 4.63
CA ARG A 267 23.87 -7.65 5.94
C ARG A 267 22.63 -8.52 5.84
N LEU A 268 21.76 -8.24 4.87
CA LEU A 268 20.52 -9.00 4.73
C LEU A 268 20.75 -10.36 4.08
N ASN A 269 21.80 -10.49 3.27
CA ASN A 269 22.14 -11.80 2.71
C ASN A 269 22.48 -12.81 3.80
N LYS A 270 22.80 -12.33 5.01
CA LYS A 270 23.02 -13.22 6.14
C LYS A 270 21.71 -13.69 6.78
N GLY A 271 20.65 -12.93 6.62
CA GLY A 271 19.36 -13.27 7.19
C GLY A 271 18.53 -12.01 7.39
N PHE A 272 17.21 -12.17 7.31
CA PHE A 272 16.28 -11.07 7.48
C PHE A 272 15.90 -10.83 8.93
N GLY A 273 16.44 -11.60 9.86
CA GLY A 273 16.15 -11.41 11.27
C GLY A 273 14.72 -11.75 11.64
N GLY A 274 14.14 -12.76 11.02
CA GLY A 274 12.77 -13.12 11.28
C GLY A 274 11.73 -12.22 10.64
N ARG A 275 12.14 -11.12 10.01
CA ARG A 275 11.23 -10.20 9.39
C ARG A 275 11.21 -10.40 7.88
N THR A 276 10.45 -9.55 7.19
CA THR A 276 10.27 -9.65 5.75
C THR A 276 10.35 -8.27 5.13
N ILE A 277 10.66 -8.23 3.84
CA ILE A 277 10.68 -7.02 3.05
C ILE A 277 9.74 -7.24 1.87
N LEU A 278 8.64 -6.49 1.84
CA LEU A 278 7.62 -6.64 0.81
C LEU A 278 7.10 -8.07 0.73
N SER A 279 7.05 -8.74 1.88
CA SER A 279 6.52 -10.09 2.07
C SER A 279 7.55 -11.17 1.73
N TYR A 280 8.73 -10.81 1.24
CA TYR A 280 9.76 -11.78 0.89
C TYR A 280 10.62 -12.09 2.10
N GLY A 281 11.00 -13.36 2.24
CA GLY A 281 11.87 -13.78 3.32
C GLY A 281 13.34 -13.64 2.99
N SER A 282 13.66 -13.48 1.71
CA SER A 282 15.04 -13.33 1.27
C SER A 282 15.10 -12.28 0.17
N LEU A 283 16.33 -11.88 -0.17
CA LEU A 283 16.53 -10.87 -1.21
C LEU A 283 15.99 -11.37 -2.55
N CYS A 284 15.37 -10.47 -3.29
CA CYS A 284 14.74 -10.79 -4.57
C CYS A 284 15.38 -9.94 -5.67
N ASP A 285 15.82 -10.59 -6.74
CA ASP A 285 16.46 -9.91 -7.86
C ASP A 285 15.64 -10.01 -9.14
N GLU A 286 14.33 -10.19 -9.02
CA GLU A 286 13.45 -10.30 -10.19
C GLU A 286 12.84 -8.97 -10.61
N PHE A 287 13.12 -7.88 -9.89
CA PHE A 287 12.60 -6.57 -10.20
C PHE A 287 13.74 -5.67 -10.66
N THR A 288 13.60 -5.09 -11.85
CA THR A 288 14.60 -4.20 -12.40
C THR A 288 14.34 -2.76 -11.96
N PRO A 289 15.36 -1.90 -12.03
CA PRO A 289 15.11 -0.47 -11.75
C PRO A 289 14.00 0.12 -12.61
N THR A 290 14.01 -0.19 -13.91
CA THR A 290 12.94 0.26 -14.79
C THR A 290 11.58 -0.23 -14.27
N GLU A 291 11.54 -1.45 -13.76
CA GLU A 291 10.28 -2.08 -13.40
C GLU A 291 9.73 -1.55 -12.08
N VAL A 292 10.61 -1.06 -11.20
CA VAL A 292 10.16 -0.45 -9.97
C VAL A 292 9.63 0.96 -10.22
N ILE A 293 10.40 1.76 -10.96
CA ILE A 293 9.98 3.12 -11.29
C ILE A 293 8.62 3.11 -11.97
N ARG A 294 8.38 2.13 -12.85
CA ARG A 294 7.09 2.01 -13.52
C ARG A 294 5.97 1.85 -12.49
N GLN A 295 6.05 0.79 -11.67
CA GLN A 295 4.96 0.48 -10.76
C GLN A 295 4.61 1.65 -9.85
N MET A 296 5.60 2.45 -9.48
CA MET A 296 5.51 3.30 -8.30
C MET A 296 5.56 4.79 -8.57
N TYR A 297 6.09 5.21 -9.72
CA TYR A 297 6.04 6.61 -10.13
C TYR A 297 5.34 6.79 -11.47
N GLY A 298 4.85 5.72 -12.09
CA GLY A 298 4.17 5.81 -13.37
C GLY A 298 5.12 5.70 -14.54
N GLY B 2 8.58 -23.51 -9.25
CA GLY B 2 8.20 -22.65 -8.14
C GLY B 2 6.71 -22.35 -8.12
N LEU B 3 6.38 -21.10 -7.79
CA LEU B 3 4.99 -20.67 -7.72
C LEU B 3 4.96 -19.16 -7.82
N ARG B 4 4.10 -18.65 -8.70
CA ARG B 4 4.03 -17.21 -8.95
C ARG B 4 2.57 -16.85 -9.24
N LYS B 5 2.15 -15.68 -8.75
CA LYS B 5 0.82 -15.19 -9.08
C LYS B 5 0.75 -14.87 -10.57
N MET B 6 -0.23 -15.47 -11.25
CA MET B 6 -0.39 -15.33 -12.69
C MET B 6 -1.75 -14.72 -12.98
N ALA B 7 -1.84 -14.05 -14.13
CA ALA B 7 -3.08 -13.44 -14.59
C ALA B 7 -3.62 -14.19 -15.79
N GLN B 8 -4.93 -14.29 -15.88
CA GLN B 8 -5.56 -14.81 -17.09
C GLN B 8 -5.38 -13.79 -18.22
N PRO B 9 -5.32 -14.25 -19.47
CA PRO B 9 -5.04 -13.32 -20.58
C PRO B 9 -6.04 -12.18 -20.62
N SER B 10 -5.53 -10.98 -20.89
CA SER B 10 -6.29 -9.75 -20.77
C SER B 10 -6.75 -9.17 -22.11
N GLY B 11 -6.56 -9.90 -23.21
CA GLY B 11 -6.91 -9.37 -24.51
C GLY B 11 -8.40 -9.05 -24.64
N ILE B 12 -9.25 -9.87 -24.02
CA ILE B 12 -10.69 -9.67 -24.13
C ILE B 12 -11.15 -8.42 -23.38
N VAL B 13 -10.35 -7.89 -22.47
CA VAL B 13 -10.71 -6.72 -21.70
C VAL B 13 -10.02 -5.46 -22.18
N GLU B 14 -8.84 -5.57 -22.76
CA GLU B 14 -8.08 -4.39 -23.12
C GLU B 14 -8.83 -3.42 -24.02
N PRO B 15 -9.57 -3.86 -25.05
CA PRO B 15 -10.28 -2.88 -25.89
C PRO B 15 -11.34 -2.07 -25.16
N CYS B 16 -11.68 -2.44 -23.92
CA CYS B 16 -12.73 -1.75 -23.17
C CYS B 16 -12.22 -0.60 -22.31
N ILE B 17 -10.91 -0.42 -22.21
CA ILE B 17 -10.33 0.59 -21.33
C ILE B 17 -10.20 1.89 -22.09
N VAL B 18 -10.65 3.00 -21.48
CA VAL B 18 -10.57 4.31 -22.09
C VAL B 18 -10.07 5.32 -21.06
N ARG B 19 -9.35 6.32 -21.54
CA ARG B 19 -8.97 7.46 -20.72
C ARG B 19 -10.21 8.31 -20.44
N VAL B 20 -10.45 8.61 -19.16
CA VAL B 20 -11.56 9.47 -18.76
C VAL B 20 -10.98 10.67 -18.03
N ALA B 21 -11.14 11.86 -18.62
CA ALA B 21 -10.64 13.10 -18.05
C ALA B 21 -11.79 14.08 -17.87
N TYR B 22 -11.85 14.71 -16.70
CA TYR B 22 -12.81 15.78 -16.41
C TYR B 22 -12.02 16.93 -15.78
N GLY B 23 -11.87 18.02 -16.52
CA GLY B 23 -11.04 19.11 -16.04
C GLY B 23 -9.60 18.63 -15.87
N SER B 24 -9.04 18.89 -14.70
CA SER B 24 -7.69 18.45 -14.38
C SER B 24 -7.63 17.04 -13.82
N ASN B 25 -8.77 16.37 -13.70
CA ASN B 25 -8.81 15.00 -13.21
C ASN B 25 -8.72 14.02 -14.37
N VAL B 26 -7.91 12.98 -14.19
CA VAL B 26 -7.68 11.98 -15.24
C VAL B 26 -7.58 10.61 -14.57
N LEU B 27 -8.42 9.68 -15.01
CA LEU B 27 -8.37 8.30 -14.54
C LEU B 27 -8.83 7.40 -15.69
N ASN B 28 -9.30 6.20 -15.35
CA ASN B 28 -9.67 5.20 -16.34
C ASN B 28 -11.15 4.89 -16.25
N GLY B 29 -11.69 4.39 -17.37
CA GLY B 29 -13.08 3.97 -17.41
C GLY B 29 -13.23 2.69 -18.21
N LEU B 30 -14.34 2.01 -17.97
CA LEU B 30 -14.67 0.75 -18.63
C LEU B 30 -15.74 1.03 -19.67
N TRP B 31 -15.39 0.86 -20.94
CA TRP B 31 -16.29 1.15 -22.06
C TRP B 31 -17.01 -0.13 -22.47
N ILE B 32 -18.29 -0.21 -22.13
CA ILE B 32 -19.14 -1.37 -22.42
C ILE B 32 -20.41 -0.86 -23.08
N GLY B 33 -20.76 -1.45 -24.22
CA GLY B 33 -21.90 -0.94 -24.97
C GLY B 33 -21.70 0.52 -25.29
N ASP B 34 -22.77 1.31 -25.11
CA ASP B 34 -22.72 2.75 -25.26
C ASP B 34 -22.53 3.47 -23.93
N GLU B 35 -21.78 2.86 -23.01
CA GLU B 35 -21.64 3.38 -21.66
C GLU B 35 -20.18 3.28 -21.24
N VAL B 36 -19.75 4.27 -20.45
CA VAL B 36 -18.42 4.30 -19.86
C VAL B 36 -18.59 4.40 -18.35
N ILE B 37 -18.09 3.39 -17.63
CA ILE B 37 -18.18 3.34 -16.17
C ILE B 37 -16.82 3.68 -15.59
N CYS B 38 -16.81 4.55 -14.57
CA CYS B 38 -15.57 4.99 -13.96
C CYS B 38 -15.87 5.43 -12.54
N PRO B 39 -14.85 5.58 -11.70
CA PRO B 39 -15.08 6.12 -10.35
C PRO B 39 -15.61 7.54 -10.42
N ARG B 40 -16.65 7.81 -9.62
CA ARG B 40 -17.35 9.08 -9.72
C ARG B 40 -16.54 10.27 -9.23
N HIS B 41 -15.45 10.05 -8.50
CA HIS B 41 -14.67 11.18 -8.00
C HIS B 41 -13.80 11.83 -9.07
N VAL B 42 -13.95 11.41 -10.33
CA VAL B 42 -13.28 12.12 -11.42
C VAL B 42 -13.86 13.51 -11.59
N ILE B 43 -15.13 13.70 -11.24
CA ILE B 43 -15.77 15.01 -11.35
C ILE B 43 -15.67 15.81 -10.05
N ALA B 44 -15.03 15.27 -9.02
CA ALA B 44 -14.94 15.97 -7.74
C ALA B 44 -14.09 17.22 -7.88
N SER B 45 -14.61 18.34 -7.37
CA SER B 45 -13.89 19.60 -7.44
C SER B 45 -12.75 19.71 -6.43
N ASP B 46 -12.81 18.94 -5.34
CA ASP B 46 -11.76 18.97 -4.33
C ASP B 46 -11.72 17.60 -3.66
N THR B 47 -10.81 16.75 -4.12
CA THR B 47 -10.68 15.40 -3.58
C THR B 47 -9.96 15.36 -2.24
N SER B 48 -9.54 16.51 -1.70
CA SER B 48 -8.98 16.58 -0.37
C SER B 48 -10.03 16.79 0.71
N ARG B 49 -11.27 17.08 0.32
CA ARG B 49 -12.37 17.30 1.25
C ARG B 49 -13.47 16.30 0.98
N VAL B 50 -14.34 16.10 1.97
CA VAL B 50 -15.52 15.28 1.76
C VAL B 50 -16.38 15.90 0.66
N ILE B 51 -16.96 15.06 -0.19
CA ILE B 51 -17.58 15.49 -1.43
C ILE B 51 -19.09 15.28 -1.33
N ASN B 52 -19.85 16.29 -1.75
CA ASN B 52 -21.29 16.17 -1.97
C ASN B 52 -21.48 15.73 -3.41
N TYR B 53 -21.50 14.41 -3.63
CA TYR B 53 -21.46 13.88 -4.99
C TYR B 53 -22.71 14.25 -5.77
N ASP B 54 -23.90 14.05 -5.18
CA ASP B 54 -25.14 14.36 -5.89
C ASP B 54 -25.17 15.83 -6.31
N ASN B 55 -24.65 16.72 -5.47
CA ASN B 55 -24.61 18.13 -5.84
C ASN B 55 -23.57 18.39 -6.92
N GLU B 56 -22.43 17.69 -6.85
CA GLU B 56 -21.41 17.86 -7.87
C GLU B 56 -21.93 17.43 -9.24
N LEU B 57 -22.69 16.34 -9.28
CA LEU B 57 -23.24 15.87 -10.55
C LEU B 57 -24.26 16.86 -11.11
N SER B 58 -25.03 17.52 -10.25
CA SER B 58 -26.00 18.50 -10.72
C SER B 58 -25.30 19.68 -11.39
N SER B 59 -24.06 19.97 -11.01
CA SER B 59 -23.29 21.06 -11.56
C SER B 59 -22.22 20.59 -12.55
N VAL B 60 -22.47 19.47 -13.23
CA VAL B 60 -21.50 18.87 -14.14
C VAL B 60 -21.74 19.39 -15.55
N ARG B 61 -20.65 19.68 -16.27
CA ARG B 61 -20.70 20.06 -17.67
C ARG B 61 -20.32 18.83 -18.50
N LEU B 62 -21.32 18.24 -19.17
CA LEU B 62 -21.07 17.02 -19.94
C LEU B 62 -20.00 17.23 -21.01
N HIS B 63 -19.88 18.43 -21.54
CA HIS B 63 -18.89 18.71 -22.57
C HIS B 63 -17.49 18.88 -22.02
N ASN B 64 -17.33 19.02 -20.71
CA ASN B 64 -16.01 19.11 -20.08
C ASN B 64 -15.33 17.75 -20.00
N PHE B 65 -16.01 16.67 -20.40
CA PHE B 65 -15.42 15.35 -20.41
C PHE B 65 -14.55 15.16 -21.65
N SER B 66 -13.47 14.38 -21.50
CA SER B 66 -12.62 13.98 -22.60
C SER B 66 -12.33 12.49 -22.45
N ILE B 67 -12.95 11.68 -23.30
CA ILE B 67 -12.84 10.22 -23.22
C ILE B 67 -12.26 9.73 -24.54
N ALA B 68 -11.14 8.99 -24.47
CA ALA B 68 -10.42 8.61 -25.67
C ALA B 68 -9.67 7.30 -25.45
N LYS B 69 -9.37 6.63 -26.57
CA LYS B 69 -8.53 5.45 -26.57
C LYS B 69 -8.00 5.28 -27.99
N ASN B 70 -6.68 5.43 -28.16
CA ASN B 70 -6.07 5.29 -29.47
C ASN B 70 -6.79 6.15 -30.49
N ASN B 71 -7.47 5.52 -31.46
CA ASN B 71 -8.22 6.24 -32.48
C ASN B 71 -9.72 6.28 -32.18
N VAL B 72 -10.08 6.33 -30.91
CA VAL B 72 -11.47 6.44 -30.48
C VAL B 72 -11.58 7.65 -29.56
N PHE B 73 -12.59 8.48 -29.79
CA PHE B 73 -12.89 9.64 -28.95
C PHE B 73 -14.39 9.69 -28.76
N LEU B 74 -14.82 9.77 -27.50
CA LEU B 74 -16.23 9.62 -27.15
C LEU B 74 -16.79 10.92 -26.58
N GLY B 75 -18.05 11.19 -26.91
CA GLY B 75 -18.79 12.33 -26.36
C GLY B 75 -19.86 11.84 -25.41
N VAL B 76 -20.00 12.54 -24.28
CA VAL B 76 -20.91 12.14 -23.22
C VAL B 76 -22.30 12.68 -23.51
N VAL B 77 -23.30 11.82 -23.43
CA VAL B 77 -24.70 12.19 -23.66
C VAL B 77 -25.42 12.46 -22.34
N SER B 78 -25.26 11.57 -21.36
CA SER B 78 -25.86 11.75 -20.06
C SER B 78 -24.93 11.16 -19.01
N ALA B 79 -25.18 11.51 -17.74
CA ALA B 79 -24.37 11.04 -16.62
C ALA B 79 -25.27 10.77 -15.42
N LYS B 80 -25.08 9.59 -14.82
CA LYS B 80 -25.80 9.22 -13.60
C LYS B 80 -24.86 8.44 -12.70
N TYR B 81 -25.29 8.24 -11.46
CA TYR B 81 -24.57 7.41 -10.51
C TYR B 81 -25.23 6.04 -10.40
N LYS B 82 -24.42 5.00 -10.38
CA LYS B 82 -24.83 3.67 -9.93
C LYS B 82 -23.92 3.35 -8.75
N GLY B 83 -24.42 3.58 -7.53
CA GLY B 83 -23.55 3.46 -6.37
C GLY B 83 -22.44 4.49 -6.43
N VAL B 84 -21.20 4.00 -6.28
CA VAL B 84 -20.04 4.89 -6.29
C VAL B 84 -19.44 5.08 -7.67
N ASN B 85 -20.03 4.49 -8.71
CA ASN B 85 -19.51 4.60 -10.06
C ASN B 85 -20.33 5.57 -10.89
N LEU B 86 -19.65 6.42 -11.65
CA LEU B 86 -20.28 7.24 -12.68
C LEU B 86 -20.56 6.37 -13.90
N VAL B 87 -21.80 6.43 -14.39
CA VAL B 87 -22.21 5.74 -15.60
C VAL B 87 -22.51 6.79 -16.66
N LEU B 88 -21.64 6.89 -17.65
CA LEU B 88 -21.76 7.90 -18.71
C LEU B 88 -22.26 7.21 -19.98
N LYS B 89 -23.41 7.65 -20.47
CA LYS B 89 -23.86 7.23 -21.79
C LYS B 89 -23.11 8.04 -22.85
N VAL B 90 -22.51 7.35 -23.82
CA VAL B 90 -21.70 7.99 -24.83
C VAL B 90 -22.36 7.80 -26.20
N ASN B 91 -21.89 8.57 -27.17
CA ASN B 91 -22.49 8.62 -28.49
C ASN B 91 -21.94 7.56 -29.45
N GLN B 92 -21.12 6.63 -28.95
CA GLN B 92 -20.63 5.53 -29.77
C GLN B 92 -20.59 4.26 -28.94
N VAL B 93 -21.03 3.16 -29.55
CA VAL B 93 -20.95 1.85 -28.93
C VAL B 93 -19.52 1.34 -28.99
N ASN B 94 -19.14 0.51 -28.02
CA ASN B 94 -17.87 -0.20 -28.08
C ASN B 94 -18.05 -1.36 -29.04
N PRO B 95 -17.47 -1.31 -30.24
CA PRO B 95 -17.71 -2.40 -31.21
C PRO B 95 -17.18 -3.74 -30.77
N ASN B 96 -16.26 -3.76 -29.80
CA ASN B 96 -15.67 -5.02 -29.33
C ASN B 96 -16.07 -5.27 -27.89
N THR B 97 -17.36 -5.16 -27.58
CA THR B 97 -17.86 -5.42 -26.25
C THR B 97 -18.04 -6.92 -26.07
N PRO B 98 -17.24 -7.57 -25.20
CA PRO B 98 -17.37 -9.03 -25.05
C PRO B 98 -18.55 -9.41 -24.18
N ALA B 99 -19.12 -10.57 -24.48
CA ALA B 99 -20.13 -11.16 -23.61
C ALA B 99 -19.56 -11.26 -22.19
N HIS B 100 -20.35 -10.83 -21.22
CA HIS B 100 -19.84 -10.74 -19.86
C HIS B 100 -20.99 -10.67 -18.87
N LYS B 101 -20.65 -10.90 -17.60
CA LYS B 101 -21.56 -10.75 -16.48
C LYS B 101 -20.88 -9.91 -15.41
N PHE B 102 -21.67 -9.43 -14.46
CA PHE B 102 -21.15 -8.76 -13.27
C PHE B 102 -21.41 -9.66 -12.06
N LYS B 103 -20.37 -9.85 -11.24
CA LYS B 103 -20.54 -10.50 -9.95
C LYS B 103 -19.45 -10.01 -9.02
N SER B 104 -19.60 -10.32 -7.74
CA SER B 104 -18.68 -9.88 -6.70
C SER B 104 -17.80 -11.04 -6.25
N VAL B 105 -16.53 -10.75 -6.03
CA VAL B 105 -15.61 -11.74 -5.47
C VAL B 105 -15.76 -11.74 -3.95
N LYS B 106 -15.54 -12.91 -3.36
CA LYS B 106 -15.63 -13.10 -1.92
C LYS B 106 -14.24 -13.22 -1.31
N PRO B 107 -14.11 -13.04 0.02
CA PRO B 107 -12.80 -13.20 0.65
C PRO B 107 -12.20 -14.58 0.35
N GLY B 108 -10.91 -14.58 0.04
CA GLY B 108 -10.22 -15.79 -0.33
C GLY B 108 -10.23 -16.10 -1.81
N GLU B 109 -11.04 -15.40 -2.60
CA GLU B 109 -11.13 -15.63 -4.03
C GLU B 109 -10.11 -14.77 -4.77
N SER B 110 -9.55 -15.33 -5.84
CA SER B 110 -8.54 -14.65 -6.64
C SER B 110 -9.16 -14.14 -7.94
N PHE B 111 -8.60 -13.05 -8.44
CA PHE B 111 -9.04 -12.47 -9.70
C PHE B 111 -7.90 -11.64 -10.26
N ASN B 112 -8.10 -11.14 -11.48
CA ASN B 112 -7.07 -10.46 -12.24
C ASN B 112 -7.31 -8.96 -12.23
N ILE B 113 -6.23 -8.20 -12.19
CA ILE B 113 -6.26 -6.74 -12.21
C ILE B 113 -5.55 -6.28 -13.48
N LEU B 114 -6.27 -5.56 -14.33
CA LEU B 114 -5.64 -4.84 -15.45
C LEU B 114 -5.31 -3.44 -14.96
N ALA B 115 -4.05 -3.23 -14.58
CA ALA B 115 -3.62 -1.93 -14.09
C ALA B 115 -3.52 -0.95 -15.26
N CYS B 116 -4.22 0.17 -15.15
CA CYS B 116 -4.32 1.16 -16.22
C CYS B 116 -3.84 2.50 -15.70
N TYR B 117 -3.06 3.21 -16.52
CA TYR B 117 -2.46 4.48 -16.13
C TYR B 117 -2.98 5.57 -17.06
N GLU B 118 -3.97 6.33 -16.58
CA GLU B 118 -4.53 7.45 -17.33
C GLU B 118 -5.02 7.01 -18.71
N GLY B 119 -5.71 5.87 -18.73
CA GLY B 119 -6.31 5.36 -19.96
C GLY B 119 -5.52 4.28 -20.66
N CYS B 120 -4.24 4.12 -20.32
CA CYS B 120 -3.40 3.16 -21.01
C CYS B 120 -3.25 1.91 -20.18
N PRO B 121 -3.80 0.76 -20.60
CA PRO B 121 -3.50 -0.50 -19.91
C PRO B 121 -2.00 -0.74 -19.79
N GLY B 122 -1.49 -0.76 -18.56
CA GLY B 122 -0.06 -0.81 -18.34
C GLY B 122 0.46 -2.17 -17.92
N SER B 123 -0.35 -2.94 -17.21
CA SER B 123 0.08 -4.25 -16.72
C SER B 123 -1.13 -5.05 -16.28
N VAL B 124 -0.89 -6.34 -16.04
CA VAL B 124 -1.92 -7.27 -15.57
C VAL B 124 -1.27 -8.19 -14.56
N TYR B 125 -2.00 -8.50 -13.48
CA TYR B 125 -1.46 -9.33 -12.42
C TYR B 125 -2.61 -9.85 -11.57
N GLY B 126 -2.36 -10.96 -10.88
CA GLY B 126 -3.36 -11.58 -10.03
C GLY B 126 -3.36 -11.02 -8.63
N VAL B 127 -4.54 -11.04 -8.00
CA VAL B 127 -4.74 -10.55 -6.64
C VAL B 127 -5.68 -11.51 -5.92
N ASN B 128 -5.87 -11.25 -4.62
CA ASN B 128 -6.73 -12.07 -3.79
C ASN B 128 -7.51 -11.17 -2.85
N MET B 129 -8.80 -11.45 -2.69
CA MET B 129 -9.67 -10.66 -1.84
C MET B 129 -9.49 -11.05 -0.38
N ARG B 130 -9.26 -10.06 0.47
CA ARG B 130 -9.04 -10.30 1.89
C ARG B 130 -10.36 -10.26 2.66
N SER B 131 -10.28 -10.63 3.94
CA SER B 131 -11.49 -10.77 4.75
C SER B 131 -12.23 -9.44 4.88
N GLN B 132 -11.49 -8.35 5.06
CA GLN B 132 -12.10 -7.03 5.22
C GLN B 132 -12.41 -6.36 3.88
N GLY B 133 -12.52 -7.13 2.80
CA GLY B 133 -12.88 -6.56 1.52
C GLY B 133 -11.80 -5.73 0.87
N THR B 134 -10.54 -5.92 1.25
CA THR B 134 -9.42 -5.21 0.66
C THR B 134 -8.55 -6.18 -0.13
N ILE B 135 -7.69 -5.60 -0.98
CA ILE B 135 -6.69 -6.36 -1.72
C ILE B 135 -5.36 -5.64 -1.58
N LYS B 136 -4.28 -6.40 -1.75
CA LYS B 136 -2.92 -5.87 -1.79
C LYS B 136 -2.45 -5.92 -3.25
N GLY B 137 -2.45 -4.76 -3.90
CA GLY B 137 -1.98 -4.65 -5.26
C GLY B 137 -0.88 -3.61 -5.39
N SER B 138 -0.90 -2.86 -6.48
CA SER B 138 0.11 -1.83 -6.73
C SER B 138 -0.59 -0.71 -7.51
N PHE B 139 -1.22 0.20 -6.79
CA PHE B 139 -2.00 1.29 -7.38
C PHE B 139 -1.38 2.62 -6.99
N ILE B 140 -1.30 3.54 -7.96
CA ILE B 140 -0.79 4.89 -7.70
C ILE B 140 -1.75 5.89 -8.35
N ALA B 141 -1.36 7.16 -8.36
CA ALA B 141 -2.21 8.19 -8.92
C ALA B 141 -2.52 7.91 -10.38
N GLY B 142 -3.78 8.11 -10.76
CA GLY B 142 -4.22 7.90 -12.12
C GLY B 142 -4.59 6.48 -12.45
N THR B 143 -4.55 5.56 -11.49
CA THR B 143 -4.89 4.17 -11.73
C THR B 143 -6.31 3.83 -11.32
N CYS B 144 -7.04 4.76 -10.73
CA CYS B 144 -8.45 4.51 -10.43
C CYS B 144 -9.21 4.21 -11.71
N GLY B 145 -10.23 3.36 -11.60
CA GLY B 145 -10.94 2.86 -12.74
C GLY B 145 -10.36 1.60 -13.32
N SER B 146 -9.12 1.25 -12.96
CA SER B 146 -8.57 -0.05 -13.33
C SER B 146 -9.56 -1.15 -12.96
N VAL B 147 -9.75 -2.09 -13.88
CA VAL B 147 -10.80 -3.09 -13.77
C VAL B 147 -10.21 -4.41 -13.31
N GLY B 148 -10.98 -5.14 -12.50
CA GLY B 148 -10.65 -6.50 -12.12
C GLY B 148 -11.65 -7.44 -12.74
N TYR B 149 -11.16 -8.59 -13.21
CA TYR B 149 -11.98 -9.53 -13.94
C TYR B 149 -11.55 -10.95 -13.61
N VAL B 150 -12.45 -11.89 -13.88
CA VAL B 150 -12.16 -13.30 -13.74
C VAL B 150 -12.90 -14.04 -14.85
N LEU B 151 -12.23 -15.01 -15.45
CA LEU B 151 -12.80 -15.83 -16.50
C LEU B 151 -13.05 -17.22 -15.94
N GLU B 152 -14.32 -17.54 -15.72
CA GLU B 152 -14.71 -18.84 -15.19
C GLU B 152 -15.63 -19.51 -16.20
N ASN B 153 -15.18 -20.66 -16.73
CA ASN B 153 -16.08 -21.53 -17.48
C ASN B 153 -16.44 -20.90 -18.83
N GLY B 154 -15.46 -20.25 -19.47
CA GLY B 154 -15.71 -19.52 -20.70
C GLY B 154 -16.49 -18.24 -20.54
N ILE B 155 -16.81 -17.85 -19.32
CA ILE B 155 -17.61 -16.66 -19.05
C ILE B 155 -16.70 -15.58 -18.48
N LEU B 156 -16.79 -14.38 -19.04
CA LEU B 156 -16.05 -13.22 -18.53
C LEU B 156 -16.88 -12.54 -17.45
N TYR B 157 -16.25 -12.29 -16.30
CA TYR B 157 -16.89 -11.58 -15.19
C TYR B 157 -16.06 -10.34 -14.87
N PHE B 158 -16.73 -9.19 -14.78
CA PHE B 158 -16.14 -7.97 -14.23
C PHE B 158 -16.52 -7.90 -12.76
N VAL B 159 -15.54 -7.66 -11.90
CA VAL B 159 -15.76 -7.88 -10.47
C VAL B 159 -15.15 -6.79 -9.61
N TYR B 160 -14.43 -5.85 -10.21
CA TYR B 160 -13.71 -4.87 -9.40
C TYR B 160 -13.40 -3.62 -10.22
N MET B 161 -13.46 -2.47 -9.54
CA MET B 161 -13.01 -1.20 -10.08
C MET B 161 -12.34 -0.43 -8.96
N HIS B 162 -11.09 -0.01 -9.19
CA HIS B 162 -10.29 0.58 -8.12
C HIS B 162 -10.75 1.99 -7.81
N HIS B 163 -10.69 2.36 -6.52
CA HIS B 163 -11.17 3.66 -6.08
C HIS B 163 -10.19 4.40 -5.17
N LEU B 164 -9.60 3.71 -4.19
CA LEU B 164 -8.78 4.42 -3.20
C LEU B 164 -7.84 3.46 -2.50
N GLU B 165 -6.94 4.05 -1.72
CA GLU B 165 -5.96 3.33 -0.91
C GLU B 165 -6.10 3.73 0.55
N LEU B 166 -6.16 2.76 1.43
CA LEU B 166 -6.24 3.03 2.87
C LEU B 166 -4.88 3.48 3.39
N GLY B 167 -4.88 3.98 4.63
CA GLY B 167 -3.65 4.49 5.21
C GLY B 167 -2.62 3.40 5.45
N ASN B 168 -3.05 2.16 5.62
CA ASN B 168 -2.15 1.03 5.82
C ASN B 168 -1.64 0.44 4.52
N GLY B 169 -2.01 1.02 3.38
CA GLY B 169 -1.58 0.53 2.09
C GLY B 169 -2.55 -0.39 1.39
N SER B 170 -3.57 -0.88 2.10
CA SER B 170 -4.56 -1.73 1.46
C SER B 170 -5.33 -0.95 0.39
N HIS B 171 -5.86 -1.68 -0.58
CA HIS B 171 -6.50 -1.09 -1.75
C HIS B 171 -7.98 -1.47 -1.78
N VAL B 172 -8.82 -0.47 -2.05
CA VAL B 172 -10.27 -0.61 -1.98
C VAL B 172 -10.86 -0.26 -3.34
N GLY B 173 -11.83 -1.06 -3.76
CA GLY B 173 -12.57 -0.80 -4.98
C GLY B 173 -13.99 -1.30 -4.82
N SER B 174 -14.76 -1.14 -5.88
CA SER B 174 -16.16 -1.55 -5.91
C SER B 174 -16.38 -2.63 -6.95
N ASN B 175 -17.49 -3.34 -6.83
CA ASN B 175 -17.94 -4.16 -7.94
C ASN B 175 -18.48 -3.25 -9.06
N LEU B 176 -18.76 -3.85 -10.21
CA LEU B 176 -19.26 -3.05 -11.32
C LEU B 176 -20.70 -2.61 -11.12
N GLU B 177 -21.33 -2.95 -10.00
CA GLU B 177 -22.66 -2.47 -9.65
C GLU B 177 -22.62 -1.25 -8.73
N GLY B 178 -21.43 -0.75 -8.41
CA GLY B 178 -21.29 0.43 -7.59
C GLY B 178 -21.20 0.20 -6.10
N GLU B 179 -21.18 -1.05 -5.66
CA GLU B 179 -21.10 -1.36 -4.23
C GLU B 179 -19.64 -1.51 -3.83
N MET B 180 -19.19 -0.65 -2.92
CA MET B 180 -17.81 -0.70 -2.44
C MET B 180 -17.56 -1.99 -1.67
N TYR B 181 -16.40 -2.61 -1.93
CA TYR B 181 -16.00 -3.76 -1.16
C TYR B 181 -15.62 -3.34 0.26
N GLY B 182 -16.10 -4.10 1.24
CA GLY B 182 -15.85 -3.78 2.64
C GLY B 182 -16.67 -2.62 3.19
N GLY B 183 -17.57 -2.04 2.39
CA GLY B 183 -18.39 -0.96 2.87
C GLY B 183 -17.70 0.36 3.04
N TYR B 184 -16.46 0.49 2.59
CA TYR B 184 -15.75 1.75 2.70
C TYR B 184 -16.42 2.84 1.87
N GLU B 185 -16.03 4.08 2.12
CA GLU B 185 -16.58 5.24 1.43
C GLU B 185 -15.53 5.84 0.52
N ASP B 186 -15.96 6.32 -0.64
CA ASP B 186 -15.07 6.99 -1.59
C ASP B 186 -14.92 8.47 -1.22
N GLN B 187 -14.43 8.70 -0.01
CA GLN B 187 -14.26 10.03 0.55
C GLN B 187 -12.85 10.14 1.12
N PRO B 188 -12.24 11.33 1.02
CA PRO B 188 -10.90 11.50 1.63
C PRO B 188 -10.98 11.61 3.15
N SER B 189 -11.35 10.50 3.79
CA SER B 189 -11.52 10.45 5.24
C SER B 189 -10.84 9.20 5.77
N MET B 190 -10.07 9.34 6.84
CA MET B 190 -9.35 8.21 7.42
C MET B 190 -10.32 7.10 7.81
N GLN B 191 -10.13 5.93 7.21
CA GLN B 191 -10.89 4.74 7.56
C GLN B 191 -9.92 3.61 7.89
N LEU B 192 -10.37 2.70 8.76
CA LEU B 192 -9.52 1.64 9.26
C LEU B 192 -9.98 0.29 8.76
N GLU B 193 -9.03 -0.62 8.56
CA GLU B 193 -9.30 -1.99 8.16
C GLU B 193 -9.29 -2.89 9.40
N GLY B 194 -10.30 -3.75 9.50
CA GLY B 194 -10.37 -4.67 10.62
C GLY B 194 -9.24 -5.67 10.62
N THR B 195 -9.25 -6.60 11.56
CA THR B 195 -8.23 -7.64 11.60
C THR B 195 -8.38 -8.55 10.40
N ASN B 196 -7.26 -8.84 9.73
CA ASN B 196 -7.29 -9.67 8.54
C ASN B 196 -7.32 -11.15 8.92
N VAL B 197 -8.29 -11.87 8.36
CA VAL B 197 -8.44 -13.29 8.60
C VAL B 197 -7.87 -14.04 7.40
N MET B 198 -6.87 -14.88 7.65
CA MET B 198 -6.21 -15.61 6.57
C MET B 198 -7.04 -16.79 6.13
N SER B 199 -7.02 -17.07 4.82
CA SER B 199 -7.77 -18.17 4.25
C SER B 199 -7.01 -19.47 4.50
N SER B 200 -7.59 -20.36 5.30
CA SER B 200 -6.94 -21.64 5.57
C SER B 200 -6.87 -22.51 4.33
N ASP B 201 -7.91 -22.45 3.50
CA ASP B 201 -7.88 -23.18 2.23
C ASP B 201 -6.69 -22.77 1.38
N ASN B 202 -6.40 -21.47 1.33
CA ASN B 202 -5.35 -20.96 0.47
C ASN B 202 -3.97 -21.26 1.02
N VAL B 203 -3.81 -21.27 2.34
CA VAL B 203 -2.51 -21.60 2.94
C VAL B 203 -2.18 -23.07 2.72
N VAL B 204 -3.19 -23.94 2.85
CA VAL B 204 -2.98 -25.36 2.56
C VAL B 204 -2.54 -25.55 1.11
N ALA B 205 -3.16 -24.80 0.19
CA ALA B 205 -2.74 -24.87 -1.20
C ALA B 205 -1.33 -24.33 -1.38
N PHE B 206 -0.97 -23.28 -0.64
CA PHE B 206 0.36 -22.72 -0.74
C PHE B 206 1.42 -23.71 -0.27
N LEU B 207 1.11 -24.48 0.77
CA LEU B 207 2.06 -25.47 1.26
C LEU B 207 2.13 -26.68 0.31
N TYR B 208 0.98 -27.09 -0.23
CA TYR B 208 1.00 -28.14 -1.25
C TYR B 208 1.92 -27.76 -2.41
N ALA B 209 1.84 -26.51 -2.86
CA ALA B 209 2.69 -26.07 -3.97
C ALA B 209 4.16 -26.13 -3.59
N ALA B 210 4.49 -25.81 -2.34
CA ALA B 210 5.88 -25.91 -1.89
C ALA B 210 6.35 -27.36 -1.92
N LEU B 211 5.52 -28.29 -1.44
CA LEU B 211 5.86 -29.70 -1.53
C LEU B 211 6.13 -30.11 -2.98
N ILE B 212 5.29 -29.63 -3.90
CA ILE B 212 5.46 -29.97 -5.30
C ILE B 212 6.77 -29.42 -5.84
N ASN B 213 7.23 -28.28 -5.32
CA ASN B 213 8.48 -27.67 -5.75
C ASN B 213 9.70 -28.28 -5.08
N GLY B 214 9.51 -29.29 -4.23
CA GLY B 214 10.61 -29.91 -3.54
C GLY B 214 10.94 -29.36 -2.16
N GLU B 215 10.31 -28.25 -1.77
CA GLU B 215 10.53 -27.67 -0.45
C GLU B 215 9.66 -28.42 0.55
N ARG B 216 10.27 -29.32 1.31
CA ARG B 216 9.54 -30.15 2.28
C ARG B 216 10.27 -30.21 3.62
N TRP B 217 11.13 -29.23 3.91
CA TRP B 217 11.78 -29.17 5.21
C TRP B 217 10.79 -28.92 6.33
N PHE B 218 9.68 -28.25 6.02
CA PHE B 218 8.70 -27.82 7.00
C PHE B 218 7.68 -28.91 7.36
N VAL B 219 7.83 -30.11 6.83
CA VAL B 219 6.81 -31.12 6.95
C VAL B 219 7.20 -32.10 8.06
N THR B 220 6.27 -32.99 8.41
CA THR B 220 6.48 -34.04 9.39
C THR B 220 5.36 -35.05 9.22
N ASN B 221 5.53 -36.23 9.83
CA ASN B 221 4.44 -37.19 9.88
C ASN B 221 3.39 -36.81 10.91
N ALA B 222 3.65 -35.81 11.75
CA ALA B 222 2.65 -35.33 12.69
C ALA B 222 1.46 -34.75 11.93
N SER B 223 0.28 -34.82 12.55
CA SER B 223 -0.94 -34.39 11.91
C SER B 223 -1.84 -33.72 12.94
N MET B 224 -2.99 -33.24 12.46
CA MET B 224 -3.92 -32.47 13.30
C MET B 224 -5.30 -32.59 12.67
N SER B 225 -6.28 -33.05 13.44
CA SER B 225 -7.60 -33.29 12.89
C SER B 225 -8.26 -31.98 12.47
N LEU B 226 -9.26 -32.11 11.61
CA LEU B 226 -10.02 -30.94 11.16
C LEU B 226 -10.72 -30.27 12.34
N GLU B 227 -11.37 -31.07 13.19
CA GLU B 227 -12.01 -30.52 14.38
C GLU B 227 -11.01 -29.79 15.25
N SER B 228 -9.80 -30.33 15.39
N SER B 228 -9.79 -30.32 15.38
CA SER B 228 -8.79 -29.70 16.24
CA SER B 228 -8.79 -29.70 16.24
C SER B 228 -8.28 -28.41 15.62
C SER B 228 -8.29 -28.40 15.62
N TYR B 229 -8.03 -28.40 14.31
CA TYR B 229 -7.53 -27.19 13.65
C TYR B 229 -8.55 -26.07 13.72
N ASN B 230 -9.81 -26.38 13.43
CA ASN B 230 -10.86 -25.36 13.43
C ASN B 230 -10.98 -24.70 14.80
N ALA B 231 -10.90 -25.50 15.87
CA ALA B 231 -10.91 -24.93 17.21
C ALA B 231 -9.74 -23.96 17.40
N TRP B 232 -8.60 -24.26 16.78
CA TRP B 232 -7.46 -23.35 16.85
C TRP B 232 -7.62 -22.18 15.89
N ALA B 233 -8.25 -22.40 14.74
CA ALA B 233 -8.36 -21.33 13.75
C ALA B 233 -9.24 -20.19 14.25
N LYS B 234 -10.29 -20.52 15.03
CA LYS B 234 -11.24 -19.50 15.44
C LYS B 234 -10.59 -18.41 16.28
N THR B 235 -9.48 -18.71 16.95
CA THR B 235 -8.84 -17.78 17.87
C THR B 235 -7.47 -17.33 17.40
N ASN B 236 -7.12 -17.57 16.13
CA ASN B 236 -5.83 -17.16 15.59
C ASN B 236 -5.97 -16.46 14.25
N SER B 237 -7.17 -16.00 13.90
CA SER B 237 -7.41 -15.22 12.69
C SER B 237 -7.20 -16.07 11.44
N PHE B 238 -7.72 -17.29 11.45
CA PHE B 238 -7.71 -18.18 10.30
C PHE B 238 -9.10 -18.73 10.10
N THR B 239 -9.47 -18.96 8.84
CA THR B 239 -10.78 -19.52 8.54
C THR B 239 -10.81 -21.01 8.89
N GLU B 240 -12.03 -21.51 9.06
CA GLU B 240 -12.23 -22.93 9.32
C GLU B 240 -12.20 -23.71 8.00
N ILE B 241 -11.70 -24.94 8.07
CA ILE B 241 -11.71 -25.86 6.94
C ILE B 241 -12.95 -26.72 7.04
N VAL B 242 -13.74 -26.78 5.97
CA VAL B 242 -14.99 -27.52 6.01
C VAL B 242 -14.80 -28.98 5.62
N SER B 243 -13.94 -29.25 4.65
CA SER B 243 -13.68 -30.63 4.23
C SER B 243 -12.31 -30.68 3.59
N THR B 244 -11.87 -31.91 3.32
CA THR B 244 -10.60 -32.16 2.63
C THR B 244 -10.79 -32.51 1.16
N ASP B 245 -12.02 -32.45 0.66
CA ASP B 245 -12.28 -32.88 -0.71
C ASP B 245 -11.61 -31.96 -1.72
N ALA B 246 -11.64 -30.65 -1.47
CA ALA B 246 -11.03 -29.71 -2.40
C ALA B 246 -9.54 -29.99 -2.62
N PHE B 247 -8.90 -30.69 -1.69
CA PHE B 247 -7.49 -31.03 -1.80
C PHE B 247 -7.26 -32.50 -2.11
N ASN B 248 -8.33 -33.27 -2.32
CA ASN B 248 -8.19 -34.70 -2.61
C ASN B 248 -7.16 -34.91 -3.71
N MET B 249 -7.25 -34.12 -4.77
CA MET B 249 -6.34 -34.24 -5.90
C MET B 249 -4.92 -33.84 -5.50
N LEU B 250 -4.76 -32.65 -4.92
CA LEU B 250 -3.43 -32.23 -4.47
C LEU B 250 -2.82 -33.26 -3.53
N ALA B 251 -3.65 -33.86 -2.66
CA ALA B 251 -3.17 -34.92 -1.80
C ALA B 251 -2.84 -36.18 -2.60
N ALA B 252 -3.59 -36.45 -3.67
CA ALA B 252 -3.33 -37.63 -4.48
C ALA B 252 -1.94 -37.59 -5.10
N LYS B 253 -1.60 -36.46 -5.74
CA LYS B 253 -0.30 -36.33 -6.39
C LYS B 253 0.82 -36.30 -5.36
N THR B 254 0.82 -35.30 -4.48
CA THR B 254 1.89 -35.15 -3.51
C THR B 254 1.92 -36.29 -2.51
N GLY B 255 0.82 -37.01 -2.33
CA GLY B 255 0.75 -38.03 -1.30
C GLY B 255 0.69 -37.50 0.11
N TYR B 256 0.54 -36.19 0.29
CA TYR B 256 0.46 -35.58 1.60
C TYR B 256 -1.00 -35.27 1.94
N SER B 257 -1.37 -35.51 3.19
CA SER B 257 -2.73 -35.29 3.65
C SER B 257 -2.92 -33.86 4.13
N VAL B 258 -4.18 -33.42 4.14
CA VAL B 258 -4.49 -32.09 4.63
C VAL B 258 -4.13 -31.97 6.10
N GLU B 259 -4.51 -32.98 6.90
CA GLU B 259 -4.26 -32.92 8.34
C GLU B 259 -2.78 -32.73 8.64
N LYS B 260 -1.91 -33.33 7.83
CA LYS B 260 -0.48 -33.07 7.98
C LYS B 260 -0.17 -31.59 7.79
N LEU B 261 -0.76 -30.97 6.76
CA LEU B 261 -0.48 -29.57 6.47
C LEU B 261 -1.14 -28.65 7.47
N LEU B 262 -2.27 -29.05 8.05
CA LEU B 262 -2.91 -28.25 9.08
C LEU B 262 -2.00 -28.12 10.30
N GLU B 263 -1.36 -29.22 10.71
CA GLU B 263 -0.36 -29.14 11.76
C GLU B 263 0.77 -28.21 11.37
N CYS B 264 1.16 -28.21 10.09
CA CYS B 264 2.23 -27.33 9.64
C CYS B 264 1.85 -25.87 9.81
N ILE B 265 0.58 -25.54 9.58
CA ILE B 265 0.12 -24.16 9.72
C ILE B 265 0.30 -23.70 11.17
N VAL B 266 -0.28 -24.46 12.12
CA VAL B 266 -0.17 -24.09 13.52
C VAL B 266 1.30 -23.93 13.91
N ARG B 267 2.14 -24.87 13.49
CA ARG B 267 3.56 -24.80 13.82
C ARG B 267 4.24 -23.66 13.08
N LEU B 268 3.96 -23.50 11.78
CA LEU B 268 4.60 -22.44 11.01
C LEU B 268 4.01 -21.07 11.32
N ASN B 269 2.75 -21.01 11.79
CA ASN B 269 2.18 -19.73 12.22
C ASN B 269 3.04 -19.09 13.29
N LYS B 270 3.74 -19.90 14.09
CA LYS B 270 4.62 -19.36 15.13
C LYS B 270 5.85 -18.70 14.53
N GLY B 271 6.31 -19.17 13.38
CA GLY B 271 7.46 -18.59 12.72
C GLY B 271 8.18 -19.63 11.88
N PHE B 272 8.89 -19.16 10.86
CA PHE B 272 9.62 -20.02 9.96
C PHE B 272 11.05 -20.31 10.42
N GLY B 273 11.47 -19.72 11.53
CA GLY B 273 12.80 -19.98 12.07
C GLY B 273 13.92 -19.60 11.12
N GLY B 274 13.81 -18.44 10.48
CA GLY B 274 14.82 -17.99 9.57
C GLY B 274 14.83 -18.67 8.21
N ARG B 275 13.89 -19.55 7.94
CA ARG B 275 13.81 -20.28 6.69
C ARG B 275 12.67 -19.75 5.82
N THR B 276 12.70 -20.14 4.56
CA THR B 276 11.79 -19.63 3.55
C THR B 276 10.94 -20.76 2.97
N ILE B 277 9.77 -20.39 2.46
CA ILE B 277 8.88 -21.31 1.76
C ILE B 277 8.43 -20.60 0.49
N LEU B 278 8.92 -21.04 -0.66
CA LEU B 278 8.58 -20.43 -1.94
C LEU B 278 8.96 -18.95 -1.94
N SER B 279 10.13 -18.64 -1.38
CA SER B 279 10.71 -17.30 -1.26
C SER B 279 10.05 -16.51 -0.14
N TYR B 280 8.94 -16.96 0.43
CA TYR B 280 8.25 -16.22 1.47
C TYR B 280 8.83 -16.52 2.85
N GLY B 281 8.79 -15.51 3.71
CA GLY B 281 9.14 -15.66 5.10
C GLY B 281 7.96 -15.80 6.04
N SER B 282 6.74 -15.91 5.50
CA SER B 282 5.54 -16.07 6.29
C SER B 282 4.50 -16.78 5.45
N LEU B 283 3.52 -17.37 6.12
CA LEU B 283 2.48 -18.11 5.40
C LEU B 283 1.74 -17.18 4.44
N CYS B 284 1.36 -17.74 3.29
CA CYS B 284 0.74 -16.99 2.20
C CYS B 284 -0.62 -17.60 1.89
N ASP B 285 -1.65 -16.75 1.87
CA ASP B 285 -3.02 -17.19 1.61
C ASP B 285 -3.57 -16.59 0.33
N GLU B 286 -2.69 -16.25 -0.62
CA GLU B 286 -3.11 -15.59 -1.84
C GLU B 286 -3.41 -16.55 -2.98
N PHE B 287 -2.99 -17.81 -2.89
CA PHE B 287 -3.22 -18.81 -3.93
C PHE B 287 -4.34 -19.75 -3.48
N THR B 288 -5.30 -19.96 -4.34
CA THR B 288 -6.40 -20.87 -4.04
C THR B 288 -6.07 -22.30 -4.47
N PRO B 289 -6.77 -23.28 -3.90
CA PRO B 289 -6.58 -24.66 -4.41
C PRO B 289 -6.62 -24.76 -5.91
N THR B 290 -7.62 -24.16 -6.55
CA THR B 290 -7.72 -24.22 -8.00
C THR B 290 -6.51 -23.58 -8.67
N GLU B 291 -6.06 -22.43 -8.15
CA GLU B 291 -4.90 -21.76 -8.73
C GLU B 291 -3.69 -22.68 -8.76
N VAL B 292 -3.40 -23.34 -7.64
CA VAL B 292 -2.24 -24.21 -7.57
C VAL B 292 -2.40 -25.40 -8.50
N ILE B 293 -3.59 -26.00 -8.53
CA ILE B 293 -3.83 -27.13 -9.42
C ILE B 293 -3.67 -26.71 -10.88
N ARG B 294 -4.01 -25.46 -11.21
CA ARG B 294 -3.84 -24.98 -12.57
C ARG B 294 -2.35 -24.93 -12.94
N GLN B 295 -1.56 -24.16 -12.18
CA GLN B 295 -0.16 -23.97 -12.54
C GLN B 295 0.60 -25.30 -12.54
N MET B 296 0.37 -26.13 -11.53
CA MET B 296 1.19 -27.33 -11.37
C MET B 296 0.82 -28.40 -12.40
N TYR B 297 -0.47 -28.54 -12.71
CA TYR B 297 -0.95 -29.64 -13.53
C TYR B 297 -1.68 -29.21 -14.79
N GLY B 298 -1.95 -27.92 -14.97
CA GLY B 298 -2.66 -27.44 -16.14
C GLY B 298 -4.16 -27.51 -16.01
N SER C 1 -19.86 51.18 -3.91
CA SER C 1 -18.65 51.01 -3.12
C SER C 1 -17.45 50.79 -4.04
N GLY C 2 -17.23 49.56 -4.47
CA GLY C 2 -16.17 49.27 -5.41
C GLY C 2 -15.74 47.82 -5.35
N LEU C 3 -15.13 47.39 -6.45
CA LEU C 3 -14.55 46.05 -6.56
C LEU C 3 -13.07 46.17 -6.91
N ARG C 4 -12.25 45.37 -6.24
CA ARG C 4 -10.81 45.35 -6.48
C ARG C 4 -10.29 43.93 -6.26
N LYS C 5 -9.39 43.50 -7.13
CA LYS C 5 -8.72 42.21 -6.93
C LYS C 5 -7.84 42.31 -5.70
N MET C 6 -8.13 41.48 -4.70
N MET C 6 -8.10 41.47 -4.71
CA MET C 6 -7.49 41.57 -3.40
CA MET C 6 -7.48 41.58 -3.40
C MET C 6 -6.70 40.30 -3.10
C MET C 6 -6.76 40.29 -3.04
N ALA C 7 -5.80 40.42 -2.12
CA ALA C 7 -5.06 39.30 -1.58
C ALA C 7 -5.36 39.15 -0.09
N GLN C 8 -5.46 37.90 0.37
CA GLN C 8 -5.65 37.66 1.78
C GLN C 8 -4.36 38.01 2.52
N PRO C 9 -4.47 38.39 3.80
CA PRO C 9 -3.27 38.87 4.52
C PRO C 9 -2.15 37.84 4.51
N SER C 10 -0.93 38.32 4.31
CA SER C 10 0.22 37.46 4.10
C SER C 10 1.03 37.21 5.37
N GLY C 11 0.67 37.83 6.49
CA GLY C 11 1.51 37.76 7.67
C GLY C 11 1.79 36.35 8.13
N ILE C 12 0.85 35.44 7.94
CA ILE C 12 1.02 34.07 8.42
C ILE C 12 2.00 33.29 7.53
N VAL C 13 2.29 33.77 6.32
CA VAL C 13 3.17 33.09 5.41
C VAL C 13 4.54 33.73 5.34
N GLU C 14 4.65 35.03 5.52
CA GLU C 14 5.91 35.72 5.37
C GLU C 14 7.04 35.10 6.18
N PRO C 15 6.82 34.62 7.41
CA PRO C 15 7.96 34.07 8.18
C PRO C 15 8.55 32.79 7.60
N CYS C 16 7.90 32.18 6.61
CA CYS C 16 8.37 30.93 6.04
C CYS C 16 9.25 31.10 4.80
N ILE C 17 9.42 32.33 4.32
CA ILE C 17 10.18 32.58 3.10
C ILE C 17 11.66 32.63 3.41
N VAL C 18 12.46 31.94 2.59
CA VAL C 18 13.90 31.90 2.76
C VAL C 18 14.55 32.13 1.40
N ARG C 19 15.76 32.71 1.43
CA ARG C 19 16.60 32.80 0.24
C ARG C 19 17.35 31.48 0.08
N VAL C 20 17.24 30.88 -1.09
CA VAL C 20 17.95 29.63 -1.40
C VAL C 20 18.92 29.90 -2.55
N ALA C 21 20.21 29.80 -2.28
CA ALA C 21 21.25 30.00 -3.28
C ALA C 21 22.12 28.75 -3.38
N TYR C 22 22.49 28.41 -4.61
CA TYR C 22 23.39 27.27 -4.86
C TYR C 22 24.22 27.59 -6.09
N GLY C 23 25.53 27.68 -5.92
CA GLY C 23 26.41 28.00 -7.01
C GLY C 23 26.13 29.37 -7.61
N SER C 24 25.50 29.39 -8.78
CA SER C 24 25.19 30.63 -9.48
C SER C 24 23.72 31.01 -9.41
N ASN C 25 22.87 30.17 -8.85
CA ASN C 25 21.43 30.40 -8.83
C ASN C 25 20.99 30.94 -7.48
N VAL C 26 19.96 31.78 -7.52
CA VAL C 26 19.38 32.38 -6.32
C VAL C 26 17.87 32.50 -6.52
N LEU C 27 17.10 31.88 -5.63
CA LEU C 27 15.65 31.96 -5.68
C LEU C 27 15.13 31.84 -4.25
N ASN C 28 13.85 31.50 -4.11
CA ASN C 28 13.18 31.46 -2.82
C ASN C 28 12.85 30.02 -2.43
N GLY C 29 12.65 29.82 -1.12
CA GLY C 29 12.22 28.54 -0.61
C GLY C 29 11.18 28.72 0.47
N LEU C 30 10.43 27.66 0.70
CA LEU C 30 9.38 27.64 1.72
C LEU C 30 9.89 26.82 2.91
N TRP C 31 10.18 27.50 4.01
CA TRP C 31 10.76 26.89 5.19
C TRP C 31 9.64 26.44 6.12
N ILE C 32 9.40 25.14 6.17
CA ILE C 32 8.32 24.54 6.96
C ILE C 32 8.93 23.52 7.90
N GLY C 33 8.83 23.78 9.20
CA GLY C 33 9.45 22.88 10.16
C GLY C 33 10.94 22.80 9.94
N ASP C 34 11.45 21.57 9.83
CA ASP C 34 12.86 21.34 9.54
C ASP C 34 13.11 21.09 8.05
N GLU C 35 12.19 21.53 7.19
CA GLU C 35 12.29 21.30 5.76
C GLU C 35 12.18 22.61 5.00
N VAL C 36 12.97 22.74 3.94
CA VAL C 36 12.87 23.86 3.00
C VAL C 36 12.52 23.28 1.64
N ILE C 37 11.42 23.78 1.06
CA ILE C 37 10.95 23.36 -0.25
C ILE C 37 11.23 24.50 -1.24
N CYS C 38 11.81 24.17 -2.38
CA CYS C 38 12.14 25.16 -3.39
C CYS C 38 12.20 24.48 -4.75
N PRO C 39 12.15 25.26 -5.83
CA PRO C 39 12.31 24.66 -7.17
C PRO C 39 13.66 23.98 -7.31
N ARG C 40 13.65 22.79 -7.92
CA ARG C 40 14.86 21.99 -8.00
C ARG C 40 15.88 22.55 -8.99
N HIS C 41 15.48 23.46 -9.87
CA HIS C 41 16.40 24.04 -10.83
C HIS C 41 17.35 25.05 -10.22
N VAL C 42 17.37 25.17 -8.89
CA VAL C 42 18.36 26.02 -8.24
C VAL C 42 19.73 25.34 -8.24
N ILE C 43 19.76 24.01 -8.28
CA ILE C 43 21.02 23.28 -8.31
C ILE C 43 21.52 23.03 -9.72
N ALA C 44 20.72 23.30 -10.75
CA ALA C 44 21.14 23.09 -12.12
C ALA C 44 22.39 23.89 -12.42
N SER C 45 23.38 23.22 -13.02
CA SER C 45 24.66 23.88 -13.30
C SER C 45 24.53 24.90 -14.43
N ASP C 46 23.60 24.68 -15.35
CA ASP C 46 23.41 25.59 -16.48
C ASP C 46 21.95 25.55 -16.88
N THR C 47 21.22 26.63 -16.60
CA THR C 47 19.81 26.73 -16.95
C THR C 47 19.60 27.17 -18.40
N SER C 48 20.66 27.28 -19.18
CA SER C 48 20.52 27.65 -20.59
C SER C 48 20.13 26.46 -21.45
N ARG C 49 20.49 25.25 -21.04
CA ARG C 49 20.21 24.04 -21.79
C ARG C 49 19.29 23.15 -20.95
N VAL C 50 18.79 22.07 -21.58
CA VAL C 50 18.03 21.08 -20.83
C VAL C 50 18.91 20.50 -19.73
N ILE C 51 18.28 20.02 -18.66
CA ILE C 51 18.99 19.61 -17.45
C ILE C 51 18.71 18.14 -17.17
N ASN C 52 19.76 17.41 -16.78
CA ASN C 52 19.63 16.06 -16.24
C ASN C 52 19.54 16.20 -14.73
N TYR C 53 18.30 16.32 -14.22
CA TYR C 53 18.11 16.68 -12.82
C TYR C 53 18.62 15.59 -11.88
N ASP C 54 18.28 14.33 -12.18
CA ASP C 54 18.69 13.24 -11.29
C ASP C 54 20.21 13.13 -11.21
N ASN C 55 20.90 13.37 -12.33
N ASN C 55 20.90 13.37 -12.33
CA ASN C 55 22.37 13.37 -12.30
CA ASN C 55 22.36 13.36 -12.30
C ASN C 55 22.90 14.56 -11.53
C ASN C 55 22.90 14.57 -11.53
N GLU C 56 22.28 15.73 -11.71
CA GLU C 56 22.74 16.93 -11.00
C GLU C 56 22.62 16.76 -9.50
N LEU C 57 21.59 16.05 -9.03
CA LEU C 57 21.44 15.83 -7.60
C LEU C 57 22.44 14.80 -7.07
N SER C 58 22.77 13.80 -7.89
CA SER C 58 23.79 12.83 -7.49
C SER C 58 25.14 13.52 -7.24
N SER C 59 25.37 14.68 -7.86
CA SER C 59 26.60 15.43 -7.69
C SER C 59 26.44 16.61 -6.74
N VAL C 60 25.28 16.73 -6.08
CA VAL C 60 25.03 17.88 -5.24
C VAL C 60 26.02 17.88 -4.06
N ARG C 61 26.41 19.08 -3.64
CA ARG C 61 27.29 19.27 -2.50
C ARG C 61 26.51 20.04 -1.45
N LEU C 62 26.08 19.34 -0.39
CA LEU C 62 25.07 19.88 0.51
C LEU C 62 25.55 21.13 1.23
N HIS C 63 26.84 21.21 1.57
CA HIS C 63 27.34 22.38 2.29
C HIS C 63 27.60 23.57 1.39
N ASN C 64 27.33 23.45 0.09
CA ASN C 64 27.41 24.58 -0.82
C ASN C 64 26.07 25.32 -0.95
N PHE C 65 25.01 24.81 -0.34
CA PHE C 65 23.76 25.55 -0.28
C PHE C 65 23.90 26.75 0.65
N SER C 66 23.27 27.86 0.27
CA SER C 66 23.27 29.09 1.07
C SER C 66 21.80 29.47 1.31
N ILE C 67 21.26 29.03 2.43
CA ILE C 67 19.88 29.29 2.81
C ILE C 67 19.88 30.30 3.96
N ALA C 68 19.06 31.33 3.84
CA ALA C 68 19.04 32.40 4.85
C ALA C 68 17.63 32.97 4.99
N LYS C 69 17.22 33.15 6.24
CA LYS C 69 15.99 33.84 6.60
C LYS C 69 16.38 35.17 7.23
N ASN C 70 16.21 36.26 6.49
CA ASN C 70 16.74 37.55 6.90
C ASN C 70 18.27 37.46 6.91
N ASN C 71 18.86 37.49 8.09
CA ASN C 71 20.31 37.31 8.22
C ASN C 71 20.67 35.85 8.52
N VAL C 72 20.00 35.25 9.52
CA VAL C 72 20.31 33.90 9.95
C VAL C 72 20.48 32.96 8.76
N PHE C 73 21.44 32.06 8.87
CA PHE C 73 21.72 31.07 7.82
C PHE C 73 21.32 29.68 8.30
N LEU C 74 20.76 28.89 7.39
CA LEU C 74 20.35 27.53 7.67
C LEU C 74 21.27 26.54 6.97
N GLY C 75 21.45 25.38 7.58
CA GLY C 75 22.34 24.35 7.05
C GLY C 75 21.52 23.16 6.57
N VAL C 76 21.95 22.58 5.44
CA VAL C 76 21.26 21.45 4.84
C VAL C 76 21.82 20.16 5.42
N VAL C 77 20.93 19.25 5.79
CA VAL C 77 21.34 17.95 6.32
C VAL C 77 21.12 16.84 5.29
N SER C 78 20.10 16.99 4.44
CA SER C 78 19.78 15.98 3.44
C SER C 78 19.08 16.68 2.28
N ALA C 79 18.82 15.92 1.21
CA ALA C 79 18.21 16.49 0.02
C ALA C 79 17.58 15.39 -0.81
N LYS C 80 16.41 15.68 -1.37
CA LYS C 80 15.74 14.75 -2.27
C LYS C 80 14.78 15.55 -3.15
N TYR C 81 14.26 14.89 -4.18
CA TYR C 81 13.24 15.45 -5.04
C TYR C 81 11.87 14.92 -4.64
N LYS C 82 10.86 15.78 -4.70
CA LYS C 82 9.47 15.37 -4.70
C LYS C 82 8.83 16.09 -5.89
N GLY C 83 8.73 15.40 -7.03
CA GLY C 83 8.28 16.06 -8.24
C GLY C 83 9.34 17.01 -8.76
N VAL C 84 8.93 18.24 -9.05
CA VAL C 84 9.82 19.26 -9.58
C VAL C 84 10.40 20.14 -8.49
N ASN C 85 10.24 19.76 -7.23
CA ASN C 85 10.68 20.56 -6.10
C ASN C 85 11.75 19.82 -5.31
N LEU C 86 12.77 20.56 -4.90
CA LEU C 86 13.74 20.05 -3.93
C LEU C 86 13.15 20.10 -2.53
N VAL C 87 13.35 19.02 -1.77
CA VAL C 87 12.92 18.92 -0.39
C VAL C 87 14.18 18.78 0.45
N LEU C 88 14.59 19.86 1.11
CA LEU C 88 15.84 19.93 1.84
C LEU C 88 15.55 19.89 3.33
N LYS C 89 16.10 18.89 4.02
CA LYS C 89 16.05 18.85 5.48
C LYS C 89 17.15 19.74 6.03
N VAL C 90 16.76 20.67 6.90
CA VAL C 90 17.68 21.69 7.41
C VAL C 90 17.90 21.46 8.90
N ASN C 91 18.88 22.17 9.45
CA ASN C 91 19.36 21.94 10.80
C ASN C 91 18.65 22.79 11.86
N GLN C 92 17.53 23.42 11.52
CA GLN C 92 16.77 24.18 12.50
C GLN C 92 15.31 24.19 12.10
N VAL C 93 14.44 23.90 13.06
CA VAL C 93 13.00 24.01 12.83
C VAL C 93 12.60 25.48 12.79
N ASN C 94 11.72 25.81 11.85
CA ASN C 94 11.24 27.18 11.75
C ASN C 94 10.35 27.49 12.95
N PRO C 95 10.73 28.42 13.83
CA PRO C 95 9.93 28.68 15.04
C PRO C 95 8.62 29.38 14.76
N ASN C 96 8.37 29.84 13.54
CA ASN C 96 7.16 30.54 13.17
C ASN C 96 6.42 29.82 12.05
N THR C 97 6.43 28.49 12.09
CA THR C 97 5.69 27.71 11.11
C THR C 97 4.21 27.71 11.48
N PRO C 98 3.31 28.08 10.57
CA PRO C 98 1.88 28.01 10.88
C PRO C 98 1.31 26.63 10.64
N ALA C 99 0.24 26.33 11.37
CA ALA C 99 -0.58 25.18 11.01
C ALA C 99 -1.12 25.38 9.60
N HIS C 100 -1.09 24.33 8.80
CA HIS C 100 -1.41 24.48 7.39
C HIS C 100 -1.72 23.12 6.77
N LYS C 101 -2.19 23.17 5.53
CA LYS C 101 -2.44 21.99 4.71
C LYS C 101 -1.93 22.26 3.31
N PHE C 102 -1.84 21.21 2.51
CA PHE C 102 -1.55 21.32 1.09
C PHE C 102 -2.80 20.95 0.30
N LYS C 103 -3.05 21.69 -0.78
CA LYS C 103 -4.12 21.34 -1.71
C LYS C 103 -3.81 21.97 -3.05
N SER C 104 -4.48 21.45 -4.08
CA SER C 104 -4.31 21.95 -5.44
C SER C 104 -5.48 22.85 -5.82
N VAL C 105 -5.17 23.96 -6.48
CA VAL C 105 -6.20 24.83 -7.02
C VAL C 105 -6.57 24.34 -8.42
N LYS C 106 -7.78 24.71 -8.86
CA LYS C 106 -8.33 24.27 -10.13
C LYS C 106 -8.63 25.47 -11.01
N PRO C 107 -8.80 25.26 -12.32
CA PRO C 107 -9.09 26.39 -13.20
C PRO C 107 -10.34 27.14 -12.75
N GLY C 108 -10.25 28.46 -12.76
CA GLY C 108 -11.33 29.31 -12.31
C GLY C 108 -11.28 29.67 -10.84
N GLU C 109 -10.38 29.07 -10.07
CA GLU C 109 -10.29 29.33 -8.63
C GLU C 109 -9.28 30.44 -8.37
N SER C 110 -9.61 31.31 -7.41
CA SER C 110 -8.73 32.40 -7.02
C SER C 110 -7.83 31.98 -5.85
N PHE C 111 -6.63 32.56 -5.82
CA PHE C 111 -5.71 32.31 -4.73
C PHE C 111 -4.71 33.44 -4.68
N ASN C 112 -3.94 33.49 -3.59
CA ASN C 112 -3.03 34.58 -3.31
C ASN C 112 -1.60 34.20 -3.69
N ILE C 113 -0.83 35.19 -4.12
CA ILE C 113 0.58 35.03 -4.44
C ILE C 113 1.38 35.98 -3.56
N LEU C 114 2.39 35.45 -2.87
CA LEU C 114 3.36 36.26 -2.14
C LEU C 114 4.63 36.30 -2.98
N ALA C 115 4.79 37.38 -3.73
CA ALA C 115 5.96 37.53 -4.60
C ALA C 115 7.20 37.79 -3.77
N CYS C 116 8.22 36.95 -3.94
CA CYS C 116 9.46 37.05 -3.19
C CYS C 116 10.60 37.22 -4.17
N TYR C 117 11.57 38.06 -3.82
CA TYR C 117 12.69 38.41 -4.70
C TYR C 117 13.99 38.04 -4.01
N GLU C 118 14.49 36.83 -4.32
CA GLU C 118 15.72 36.32 -3.73
C GLU C 118 15.61 36.27 -2.21
N GLY C 119 14.46 35.77 -1.72
CA GLY C 119 14.25 35.53 -0.31
C GLY C 119 13.54 36.63 0.44
N CYS C 120 13.37 37.80 -0.17
N CYS C 120 13.38 37.81 -0.16
CA CYS C 120 12.74 38.92 0.52
CA CYS C 120 12.74 38.93 0.51
C CYS C 120 11.31 39.08 0.02
C CYS C 120 11.31 39.07 0.01
N PRO C 121 10.30 38.77 0.83
CA PRO C 121 8.91 39.02 0.38
C PRO C 121 8.71 40.49 0.05
N GLY C 122 8.23 40.75 -1.15
CA GLY C 122 8.15 42.11 -1.65
C GLY C 122 6.75 42.57 -2.00
N SER C 123 5.86 41.63 -2.31
CA SER C 123 4.51 41.99 -2.74
C SER C 123 3.58 40.80 -2.52
N VAL C 124 2.30 41.12 -2.38
CA VAL C 124 1.24 40.12 -2.25
C VAL C 124 0.07 40.56 -3.13
N TYR C 125 -0.47 39.62 -3.90
CA TYR C 125 -1.55 39.95 -4.82
C TYR C 125 -2.33 38.69 -5.15
N GLY C 126 -3.59 38.89 -5.53
CA GLY C 126 -4.47 37.79 -5.88
C GLY C 126 -4.46 37.49 -7.36
N VAL C 127 -4.71 36.21 -7.69
CA VAL C 127 -4.67 35.73 -9.05
C VAL C 127 -5.80 34.72 -9.24
N ASN C 128 -5.95 34.27 -10.49
CA ASN C 128 -6.93 33.26 -10.85
C ASN C 128 -6.28 32.25 -11.79
N MET C 129 -6.58 30.98 -11.58
CA MET C 129 -5.97 29.92 -12.38
C MET C 129 -6.74 29.75 -13.69
N ARG C 130 -6.01 29.79 -14.80
CA ARG C 130 -6.60 29.72 -16.12
C ARG C 130 -6.76 28.27 -16.56
N SER C 131 -7.52 28.09 -17.65
CA SER C 131 -7.96 26.74 -18.01
C SER C 131 -6.79 25.77 -18.19
N GLN C 132 -5.65 26.27 -18.66
CA GLN C 132 -4.50 25.41 -18.96
C GLN C 132 -3.55 25.25 -17.77
N GLY C 133 -3.96 25.69 -16.58
CA GLY C 133 -3.13 25.56 -15.40
C GLY C 133 -2.11 26.65 -15.21
N THR C 134 -2.20 27.74 -15.97
CA THR C 134 -1.30 28.88 -15.83
C THR C 134 -1.98 29.99 -15.03
N ILE C 135 -1.20 31.00 -14.68
CA ILE C 135 -1.71 32.21 -14.07
C ILE C 135 -1.06 33.40 -14.77
N LYS C 136 -1.73 34.54 -14.70
CA LYS C 136 -1.21 35.80 -15.22
C LYS C 136 -0.83 36.66 -14.02
N GLY C 137 0.47 36.72 -13.73
CA GLY C 137 1.00 37.45 -12.60
C GLY C 137 2.12 38.37 -13.03
N SER C 138 3.10 38.52 -12.12
CA SER C 138 4.25 39.39 -12.36
C SER C 138 5.46 38.74 -11.70
N PHE C 139 6.15 37.89 -12.46
CA PHE C 139 7.32 37.17 -11.97
C PHE C 139 8.53 37.51 -12.83
N ILE C 140 9.67 37.69 -12.17
CA ILE C 140 10.92 38.02 -12.84
C ILE C 140 12.02 37.11 -12.31
N ALA C 141 13.27 37.40 -12.66
CA ALA C 141 14.39 36.62 -12.16
C ALA C 141 14.44 36.70 -10.64
N GLY C 142 14.71 35.57 -10.01
CA GLY C 142 14.81 35.49 -8.56
C GLY C 142 13.50 35.35 -7.83
N THR C 143 12.38 35.19 -8.55
CA THR C 143 11.07 35.04 -7.92
C THR C 143 10.61 33.60 -7.87
N CYS C 144 11.35 32.67 -8.46
CA CYS C 144 11.00 31.26 -8.35
C CYS C 144 11.01 30.86 -6.88
N GLY C 145 10.08 29.98 -6.51
CA GLY C 145 9.86 29.65 -5.13
C GLY C 145 8.82 30.51 -4.45
N SER C 146 8.45 31.65 -5.04
CA SER C 146 7.31 32.41 -4.56
C SER C 146 6.11 31.50 -4.41
N VAL C 147 5.35 31.71 -3.34
CA VAL C 147 4.36 30.74 -2.90
C VAL C 147 2.95 31.29 -3.11
N GLY C 148 2.03 30.39 -3.42
CA GLY C 148 0.61 30.71 -3.51
C GLY C 148 -0.15 30.02 -2.39
N TYR C 149 -1.12 30.74 -1.82
CA TYR C 149 -1.85 30.24 -0.66
C TYR C 149 -3.29 30.71 -0.72
N VAL C 150 -4.14 30.00 0.01
CA VAL C 150 -5.52 30.42 0.23
C VAL C 150 -5.87 30.13 1.69
N LEU C 151 -6.74 30.96 2.25
CA LEU C 151 -7.23 30.81 3.61
C LEU C 151 -8.73 30.57 3.56
N GLU C 152 -9.17 29.41 4.02
CA GLU C 152 -10.58 29.03 4.03
C GLU C 152 -10.94 28.48 5.39
N ASN C 153 -11.98 29.04 6.01
CA ASN C 153 -12.47 28.59 7.31
C ASN C 153 -11.33 28.51 8.32
N GLY C 154 -10.44 29.51 8.29
CA GLY C 154 -9.33 29.58 9.21
C GLY C 154 -8.16 28.68 8.89
N ILE C 155 -8.28 27.84 7.88
CA ILE C 155 -7.21 26.91 7.51
C ILE C 155 -6.35 27.56 6.43
N LEU C 156 -5.03 27.47 6.60
CA LEU C 156 -4.07 27.96 5.61
C LEU C 156 -3.67 26.81 4.69
N TYR C 157 -3.88 26.99 3.38
CA TYR C 157 -3.49 26.00 2.39
C TYR C 157 -2.40 26.58 1.51
N PHE C 158 -1.31 25.83 1.34
CA PHE C 158 -0.28 26.15 0.35
C PHE C 158 -0.63 25.43 -0.95
N VAL C 159 -0.67 26.16 -2.05
CA VAL C 159 -1.26 25.61 -3.26
C VAL C 159 -0.39 25.80 -4.50
N TYR C 160 0.67 26.59 -4.39
CA TYR C 160 1.40 26.95 -5.61
C TYR C 160 2.82 27.36 -5.26
N MET C 161 3.76 26.95 -6.10
CA MET C 161 5.16 27.38 -6.06
C MET C 161 5.57 27.71 -7.49
N HIS C 162 6.21 28.87 -7.68
CA HIS C 162 6.49 29.36 -9.02
C HIS C 162 7.77 28.76 -9.57
N HIS C 163 7.77 28.47 -10.88
CA HIS C 163 8.90 27.81 -11.52
C HIS C 163 9.37 28.49 -12.79
N LEU C 164 8.46 28.92 -13.67
CA LEU C 164 8.89 29.41 -14.98
C LEU C 164 7.82 30.29 -15.60
N GLU C 165 8.20 30.92 -16.71
CA GLU C 165 7.32 31.74 -17.53
C GLU C 165 7.38 31.25 -18.97
N LEU C 166 6.22 31.15 -19.61
CA LEU C 166 6.17 30.70 -21.00
C LEU C 166 6.42 31.87 -21.95
N GLY C 167 6.51 31.55 -23.23
CA GLY C 167 6.81 32.58 -24.23
C GLY C 167 5.71 33.63 -24.35
N ASN C 168 4.46 33.23 -24.14
CA ASN C 168 3.34 34.16 -24.21
C ASN C 168 3.18 34.99 -22.94
N GLY C 169 4.00 34.76 -21.92
CA GLY C 169 3.95 35.52 -20.70
C GLY C 169 3.25 34.82 -19.55
N SER C 170 2.42 33.83 -19.84
CA SER C 170 1.72 33.11 -18.78
C SER C 170 2.71 32.43 -17.86
N HIS C 171 2.38 32.38 -16.57
CA HIS C 171 3.30 31.91 -15.54
C HIS C 171 2.89 30.52 -15.07
N VAL C 172 3.90 29.70 -14.81
CA VAL C 172 3.71 28.28 -14.52
C VAL C 172 4.38 27.93 -13.19
N GLY C 173 3.71 27.09 -12.40
CA GLY C 173 4.23 26.64 -11.14
C GLY C 173 3.63 25.28 -10.80
N SER C 174 4.01 24.77 -9.64
CA SER C 174 3.55 23.47 -9.17
C SER C 174 2.84 23.61 -7.83
N ASN C 175 2.05 22.60 -7.48
CA ASN C 175 1.55 22.49 -6.13
C ASN C 175 2.72 22.14 -5.21
N LEU C 176 2.43 22.03 -3.91
CA LEU C 176 3.50 21.78 -2.94
C LEU C 176 3.87 20.30 -2.86
N GLU C 177 3.28 19.45 -3.70
CA GLU C 177 3.69 18.06 -3.82
C GLU C 177 4.62 17.82 -5.01
N GLY C 178 4.90 18.86 -5.80
CA GLY C 178 5.82 18.76 -6.90
C GLY C 178 5.20 18.54 -8.26
N GLU C 179 3.87 18.53 -8.34
CA GLU C 179 3.17 18.34 -9.61
C GLU C 179 3.00 19.71 -10.28
N MET C 180 3.58 19.87 -11.46
CA MET C 180 3.45 21.12 -12.19
C MET C 180 2.02 21.29 -12.69
N TYR C 181 1.45 22.47 -12.42
CA TYR C 181 0.12 22.78 -12.94
C TYR C 181 0.16 22.84 -14.46
N GLY C 182 -0.76 22.14 -15.11
CA GLY C 182 -0.83 22.11 -16.55
C GLY C 182 0.05 21.08 -17.21
N GLY C 183 0.96 20.44 -16.47
CA GLY C 183 1.81 19.42 -17.02
C GLY C 183 3.07 19.91 -17.70
N TYR C 184 3.37 21.20 -17.61
CA TYR C 184 4.57 21.72 -18.23
C TYR C 184 5.82 21.18 -17.52
N GLU C 185 6.95 21.27 -18.21
CA GLU C 185 8.22 20.80 -17.68
C GLU C 185 9.08 21.97 -17.24
N ASP C 186 9.91 21.72 -16.21
CA ASP C 186 10.83 22.73 -15.71
C ASP C 186 12.15 22.68 -16.49
N GLN C 187 12.03 22.85 -17.80
CA GLN C 187 13.16 22.80 -18.71
C GLN C 187 13.17 24.06 -19.58
N PRO C 188 14.36 24.60 -19.88
CA PRO C 188 14.41 25.77 -20.79
C PRO C 188 14.20 25.36 -22.25
N SER C 189 12.95 25.03 -22.58
CA SER C 189 12.60 24.58 -23.91
C SER C 189 11.24 25.14 -24.29
N MET C 190 11.07 25.39 -25.59
CA MET C 190 9.83 25.97 -26.08
C MET C 190 8.63 25.14 -25.64
N GLN C 191 7.67 25.79 -24.98
CA GLN C 191 6.45 25.15 -24.51
C GLN C 191 5.29 26.08 -24.77
N LEU C 192 4.20 25.51 -25.29
CA LEU C 192 3.02 26.28 -25.68
C LEU C 192 1.93 26.12 -24.64
N GLU C 193 1.47 27.24 -24.09
CA GLU C 193 0.19 27.24 -23.38
C GLU C 193 -0.92 26.93 -24.38
N GLY C 194 -1.75 25.95 -24.06
CA GLY C 194 -2.85 25.61 -24.94
C GLY C 194 -3.80 26.77 -25.12
N THR C 195 -4.99 26.50 -25.67
CA THR C 195 -5.97 27.55 -25.87
C THR C 195 -6.64 27.90 -24.54
N ASN C 196 -6.75 29.20 -24.26
CA ASN C 196 -7.35 29.67 -23.02
C ASN C 196 -8.86 29.70 -23.16
N VAL C 197 -9.55 29.10 -22.18
CA VAL C 197 -11.00 29.11 -22.09
C VAL C 197 -11.38 30.00 -20.91
N MET C 198 -12.14 31.07 -21.17
CA MET C 198 -12.50 32.00 -20.13
C MET C 198 -13.65 31.45 -19.29
N SER C 199 -13.53 31.63 -17.97
CA SER C 199 -14.55 31.15 -17.05
C SER C 199 -15.82 31.99 -17.16
N SER C 200 -16.92 31.35 -17.56
CA SER C 200 -18.18 32.08 -17.67
C SER C 200 -18.76 32.41 -16.31
N ASP C 201 -18.60 31.51 -15.34
CA ASP C 201 -19.10 31.78 -13.99
C ASP C 201 -18.46 33.03 -13.41
N ASN C 202 -17.17 33.23 -13.68
CA ASN C 202 -16.46 34.39 -13.14
C ASN C 202 -16.83 35.68 -13.87
N VAL C 203 -17.13 35.59 -15.16
CA VAL C 203 -17.52 36.79 -15.90
C VAL C 203 -18.90 37.27 -15.47
N VAL C 204 -19.82 36.33 -15.22
CA VAL C 204 -21.13 36.68 -14.71
C VAL C 204 -21.01 37.38 -13.36
N ALA C 205 -20.22 36.81 -12.46
CA ALA C 205 -19.97 37.46 -11.17
C ALA C 205 -19.39 38.86 -11.36
N PHE C 206 -18.49 39.01 -12.32
CA PHE C 206 -17.91 40.33 -12.60
C PHE C 206 -18.98 41.33 -13.01
N LEU C 207 -19.90 40.93 -13.89
CA LEU C 207 -20.93 41.85 -14.35
C LEU C 207 -21.92 42.18 -13.23
N TYR C 208 -22.28 41.19 -12.41
CA TYR C 208 -23.10 41.48 -11.24
C TYR C 208 -22.46 42.55 -10.36
N ALA C 209 -21.14 42.43 -10.13
CA ALA C 209 -20.44 43.45 -9.37
C ALA C 209 -20.62 44.83 -10.00
N ALA C 210 -20.55 44.90 -11.33
CA ALA C 210 -20.75 46.18 -12.01
C ALA C 210 -22.17 46.70 -11.77
N LEU C 211 -23.16 45.81 -11.79
CA LEU C 211 -24.53 46.20 -11.50
C LEU C 211 -24.66 46.69 -10.06
N ILE C 212 -24.07 45.94 -9.12
CA ILE C 212 -24.14 46.33 -7.72
C ILE C 212 -23.47 47.69 -7.51
N ASN C 213 -22.42 47.98 -8.28
CA ASN C 213 -21.70 49.23 -8.14
C ASN C 213 -22.37 50.41 -8.85
N GLY C 214 -23.50 50.17 -9.54
CA GLY C 214 -24.25 51.23 -10.16
C GLY C 214 -24.09 51.33 -11.66
N GLU C 215 -23.11 50.65 -12.25
CA GLU C 215 -22.93 50.71 -13.69
C GLU C 215 -24.06 49.98 -14.41
N ARG C 216 -24.55 50.61 -15.49
CA ARG C 216 -25.73 50.11 -16.22
C ARG C 216 -25.58 50.15 -17.73
N TRP C 217 -24.61 50.88 -18.29
CA TRP C 217 -24.57 51.10 -19.73
C TRP C 217 -24.53 49.79 -20.51
N PHE C 218 -23.96 48.74 -19.93
CA PHE C 218 -23.72 47.51 -20.67
C PHE C 218 -24.92 46.58 -20.70
N VAL C 219 -25.92 46.81 -19.87
CA VAL C 219 -27.02 45.86 -19.72
C VAL C 219 -28.26 46.37 -20.46
N THR C 220 -29.06 45.43 -20.95
CA THR C 220 -30.31 45.74 -21.61
C THR C 220 -31.40 44.82 -21.09
N ASN C 221 -32.59 44.86 -21.71
CA ASN C 221 -33.67 43.97 -21.34
C ASN C 221 -33.54 42.58 -21.94
N ALA C 222 -32.67 42.41 -22.94
CA ALA C 222 -32.55 41.14 -23.63
C ALA C 222 -31.92 40.09 -22.73
N SER C 223 -32.33 38.85 -22.92
CA SER C 223 -31.81 37.71 -22.16
C SER C 223 -31.53 36.57 -23.12
N MET C 224 -30.65 35.67 -22.70
CA MET C 224 -30.27 34.50 -23.48
C MET C 224 -30.39 33.26 -22.62
N SER C 225 -31.00 32.21 -23.17
CA SER C 225 -31.11 30.95 -22.47
C SER C 225 -29.72 30.40 -22.14
N LEU C 226 -29.65 29.56 -21.11
CA LEU C 226 -28.41 28.91 -20.77
C LEU C 226 -27.98 27.95 -21.87
N GLU C 227 -28.94 27.36 -22.58
CA GLU C 227 -28.63 26.41 -23.64
C GLU C 227 -28.19 27.10 -24.93
N SER C 228 -28.66 28.33 -25.16
CA SER C 228 -28.18 29.10 -26.30
C SER C 228 -26.80 29.69 -26.02
N TYR C 229 -26.53 30.09 -24.77
CA TYR C 229 -25.21 30.58 -24.42
C TYR C 229 -24.18 29.46 -24.47
N ASN C 230 -24.53 28.28 -23.95
CA ASN C 230 -23.58 27.17 -23.92
C ASN C 230 -23.19 26.75 -25.33
N ALA C 231 -24.17 26.61 -26.22
CA ALA C 231 -23.86 26.33 -27.62
C ALA C 231 -22.95 27.40 -28.21
N TRP C 232 -23.10 28.64 -27.76
CA TRP C 232 -22.20 29.71 -28.17
C TRP C 232 -20.85 29.61 -27.47
N ALA C 233 -20.87 29.22 -26.19
CA ALA C 233 -19.62 29.20 -25.41
C ALA C 233 -18.62 28.22 -26.00
N LYS C 234 -19.09 27.06 -26.48
CA LYS C 234 -18.19 26.03 -26.95
C LYS C 234 -17.41 26.50 -28.19
N THR C 235 -18.03 27.33 -29.04
CA THR C 235 -17.36 27.81 -30.24
C THR C 235 -16.47 29.02 -29.99
N ASN C 236 -16.61 29.67 -28.82
CA ASN C 236 -15.94 30.94 -28.57
C ASN C 236 -15.01 30.89 -27.35
N SER C 237 -14.63 29.70 -26.91
CA SER C 237 -13.67 29.54 -25.82
C SER C 237 -14.18 30.15 -24.53
N PHE C 238 -15.43 29.81 -24.18
CA PHE C 238 -16.01 30.15 -22.89
C PHE C 238 -16.55 28.87 -22.27
N THR C 239 -16.50 28.82 -20.93
CA THR C 239 -16.97 27.63 -20.24
C THR C 239 -18.50 27.57 -20.25
N GLU C 240 -19.02 26.34 -20.16
CA GLU C 240 -20.45 26.13 -20.07
C GLU C 240 -20.93 26.44 -18.66
N ILE C 241 -22.12 27.04 -18.57
CA ILE C 241 -22.79 27.27 -17.30
C ILE C 241 -23.95 26.29 -17.21
N VAL C 242 -23.91 25.41 -16.21
CA VAL C 242 -24.92 24.40 -16.02
C VAL C 242 -25.88 24.71 -14.89
N SER C 243 -25.48 25.51 -13.92
CA SER C 243 -26.30 25.86 -12.79
C SER C 243 -26.28 27.36 -12.58
N THR C 244 -27.41 27.87 -12.10
CA THR C 244 -27.55 29.27 -11.72
C THR C 244 -27.72 29.45 -10.22
N ASP C 245 -27.65 28.37 -9.44
CA ASP C 245 -27.81 28.49 -7.99
C ASP C 245 -26.66 29.26 -7.37
N ALA C 246 -25.47 29.23 -7.99
CA ALA C 246 -24.35 30.01 -7.47
C ALA C 246 -24.66 31.49 -7.45
N PHE C 247 -25.54 31.95 -8.35
CA PHE C 247 -25.87 33.36 -8.48
C PHE C 247 -27.24 33.69 -7.90
N ASN C 248 -27.80 32.81 -7.07
CA ASN C 248 -29.10 33.09 -6.46
C ASN C 248 -29.06 34.41 -5.68
N MET C 249 -28.02 34.60 -4.88
CA MET C 249 -27.93 35.81 -4.04
C MET C 249 -27.76 37.05 -4.90
N LEU C 250 -26.80 37.02 -5.83
CA LEU C 250 -26.54 38.21 -6.65
C LEU C 250 -27.76 38.58 -7.47
N ALA C 251 -28.47 37.58 -8.02
CA ALA C 251 -29.69 37.87 -8.76
C ALA C 251 -30.76 38.46 -7.86
N ALA C 252 -30.84 37.98 -6.61
CA ALA C 252 -31.84 38.50 -5.69
C ALA C 252 -31.50 39.93 -5.25
N LYS C 253 -30.22 40.20 -5.00
CA LYS C 253 -29.82 41.53 -4.56
C LYS C 253 -30.01 42.56 -5.67
N THR C 254 -29.66 42.21 -6.90
CA THR C 254 -29.69 43.17 -8.00
C THR C 254 -31.01 43.16 -8.78
N GLY C 255 -31.67 42.01 -8.89
CA GLY C 255 -32.86 41.89 -9.68
C GLY C 255 -32.64 41.50 -11.12
N TYR C 256 -31.39 41.32 -11.54
CA TYR C 256 -31.07 40.91 -12.89
C TYR C 256 -30.86 39.40 -12.93
N SER C 257 -31.46 38.73 -13.91
CA SER C 257 -31.28 37.31 -14.07
C SER C 257 -29.90 37.03 -14.68
N VAL C 258 -29.42 35.80 -14.47
CA VAL C 258 -28.17 35.39 -15.10
C VAL C 258 -28.30 35.43 -16.61
N GLU C 259 -29.47 35.07 -17.13
CA GLU C 259 -29.67 34.99 -18.57
C GLU C 259 -29.45 36.35 -19.24
N LYS C 260 -29.83 37.43 -18.56
CA LYS C 260 -29.55 38.76 -19.10
C LYS C 260 -28.05 38.99 -19.22
N LEU C 261 -27.29 38.57 -18.20
CA LEU C 261 -25.85 38.78 -18.22
C LEU C 261 -25.17 37.91 -19.27
N LEU C 262 -25.76 36.74 -19.58
CA LEU C 262 -25.23 35.91 -20.65
C LEU C 262 -25.34 36.61 -22.00
N GLU C 263 -26.46 37.30 -22.24
CA GLU C 263 -26.59 38.10 -23.44
C GLU C 263 -25.52 39.20 -23.48
N CYS C 264 -25.19 39.76 -22.31
CA CYS C 264 -24.16 40.79 -22.26
C CYS C 264 -22.79 40.22 -22.64
N ILE C 265 -22.49 38.99 -22.20
CA ILE C 265 -21.19 38.38 -22.50
C ILE C 265 -21.02 38.22 -24.01
N VAL C 266 -22.03 37.64 -24.65
CA VAL C 266 -21.94 37.37 -26.08
C VAL C 266 -21.87 38.67 -26.86
N ARG C 267 -22.66 39.68 -26.46
CA ARG C 267 -22.67 40.95 -27.16
C ARG C 267 -21.38 41.72 -26.96
N LEU C 268 -20.74 41.59 -25.80
CA LEU C 268 -19.56 42.36 -25.46
C LEU C 268 -18.28 41.52 -25.45
N ASN C 269 -18.35 40.25 -25.87
CA ASN C 269 -17.18 39.39 -25.75
C ASN C 269 -16.01 39.90 -26.59
N LYS C 270 -16.31 40.65 -27.66
CA LYS C 270 -15.26 41.09 -28.58
C LYS C 270 -14.79 42.51 -28.32
N GLY C 271 -15.56 43.33 -27.60
CA GLY C 271 -15.13 44.68 -27.32
C GLY C 271 -16.11 45.53 -26.55
N PHE C 272 -15.60 46.42 -25.70
CA PHE C 272 -16.42 47.36 -24.95
C PHE C 272 -16.63 48.68 -25.67
N GLY C 273 -15.98 48.88 -26.82
CA GLY C 273 -16.13 50.10 -27.57
C GLY C 273 -15.52 51.30 -26.87
N GLY C 274 -14.31 51.14 -26.35
CA GLY C 274 -13.65 52.20 -25.62
C GLY C 274 -14.20 52.44 -24.23
N ARG C 275 -15.26 51.75 -23.83
CA ARG C 275 -15.86 51.91 -22.52
C ARG C 275 -15.21 50.95 -21.52
N THR C 276 -15.44 51.23 -20.24
CA THR C 276 -14.90 50.43 -19.16
C THR C 276 -16.02 49.94 -18.25
N ILE C 277 -15.83 48.75 -17.70
CA ILE C 277 -16.71 48.19 -16.69
C ILE C 277 -15.86 47.88 -15.47
N LEU C 278 -16.09 48.59 -14.38
CA LEU C 278 -15.27 48.47 -13.16
C LEU C 278 -13.80 48.72 -13.49
N SER C 279 -13.55 49.68 -14.38
CA SER C 279 -12.24 50.13 -14.83
C SER C 279 -11.52 49.12 -15.71
N TYR C 280 -12.11 47.96 -15.98
CA TYR C 280 -11.54 46.99 -16.91
C TYR C 280 -11.98 47.31 -18.34
N GLY C 281 -11.07 47.12 -19.28
CA GLY C 281 -11.35 47.37 -20.68
C GLY C 281 -11.94 46.23 -21.44
N SER C 282 -11.99 45.04 -20.83
CA SER C 282 -12.58 43.87 -21.47
C SER C 282 -13.17 42.99 -20.38
N LEU C 283 -13.95 42.00 -20.81
CA LEU C 283 -14.58 41.09 -19.86
C LEU C 283 -13.52 40.43 -18.98
N CYS C 284 -13.78 40.42 -17.67
CA CYS C 284 -12.86 39.89 -16.67
C CYS C 284 -13.43 38.62 -16.07
N ASP C 285 -12.61 37.57 -15.98
CA ASP C 285 -13.01 36.30 -15.41
C ASP C 285 -12.14 35.93 -14.20
N GLU C 286 -11.46 36.91 -13.61
CA GLU C 286 -10.57 36.67 -12.49
C GLU C 286 -11.27 36.76 -11.13
N PHE C 287 -12.54 37.15 -11.09
CA PHE C 287 -13.31 37.22 -9.86
C PHE C 287 -14.34 36.11 -9.85
N THR C 288 -14.35 35.31 -8.78
CA THR C 288 -15.32 34.24 -8.66
C THR C 288 -16.60 34.75 -8.01
N PRO C 289 -17.70 34.02 -8.15
CA PRO C 289 -18.96 34.47 -7.53
C PRO C 289 -18.85 34.70 -6.02
N THR C 290 -18.23 33.76 -5.31
CA THR C 290 -18.07 33.92 -3.86
C THR C 290 -17.13 35.07 -3.54
N GLU C 291 -16.08 35.25 -4.34
CA GLU C 291 -15.16 36.35 -4.15
C GLU C 291 -15.88 37.69 -4.27
N VAL C 292 -16.84 37.78 -5.19
CA VAL C 292 -17.59 39.02 -5.37
C VAL C 292 -18.55 39.22 -4.19
N ILE C 293 -19.33 38.19 -3.85
CA ILE C 293 -20.31 38.32 -2.77
C ILE C 293 -19.63 38.72 -1.48
N ARG C 294 -18.49 38.09 -1.16
CA ARG C 294 -17.76 38.45 0.05
C ARG C 294 -17.33 39.91 0.02
N GLN C 295 -16.69 40.32 -1.07
CA GLN C 295 -16.15 41.67 -1.14
C GLN C 295 -17.23 42.74 -1.18
N MET C 296 -18.43 42.39 -1.61
CA MET C 296 -19.53 43.35 -1.73
C MET C 296 -20.45 43.34 -0.52
N TYR C 297 -20.67 42.18 0.10
CA TYR C 297 -21.57 42.06 1.23
C TYR C 297 -20.90 41.51 2.49
N GLY C 298 -19.61 41.21 2.44
CA GLY C 298 -18.91 40.74 3.62
C GLY C 298 -19.50 39.45 4.15
N VAL C 299 -19.57 39.35 5.48
CA VAL C 299 -20.06 38.16 6.15
C VAL C 299 -21.36 37.66 5.53
N SER D 1 -14.09 8.27 48.88
CA SER D 1 -14.35 8.58 47.47
C SER D 1 -13.06 8.50 46.65
N GLY D 2 -13.21 8.35 45.35
CA GLY D 2 -12.08 8.28 44.45
C GLY D 2 -11.90 6.89 43.88
N LEU D 3 -11.59 6.82 42.59
CA LEU D 3 -11.34 5.56 41.89
C LEU D 3 -10.04 5.70 41.10
N ARG D 4 -9.01 4.98 41.52
CA ARG D 4 -7.68 5.14 40.96
C ARG D 4 -7.03 3.77 40.83
N LYS D 5 -6.32 3.56 39.71
CA LYS D 5 -5.62 2.31 39.50
C LYS D 5 -4.49 2.16 40.51
N MET D 6 -4.46 1.04 41.20
CA MET D 6 -3.48 0.80 42.25
C MET D 6 -2.84 -0.57 42.07
N ALA D 7 -1.83 -0.83 42.90
CA ALA D 7 -1.15 -2.12 42.96
C ALA D 7 -1.12 -2.60 44.40
N GLN D 8 -1.26 -3.90 44.59
CA GLN D 8 -1.07 -4.47 45.92
C GLN D 8 0.38 -4.25 46.35
N PRO D 9 0.62 -4.10 47.67
CA PRO D 9 1.98 -3.79 48.12
C PRO D 9 2.98 -4.85 47.69
N SER D 10 4.20 -4.39 47.40
CA SER D 10 5.22 -5.22 46.77
C SER D 10 6.27 -5.73 47.73
N GLY D 11 6.15 -5.42 49.02
CA GLY D 11 7.22 -5.77 49.95
C GLY D 11 7.53 -7.26 49.97
N ILE D 12 6.51 -8.11 49.85
CA ILE D 12 6.73 -9.54 49.92
C ILE D 12 7.44 -10.08 48.70
N VAL D 13 7.47 -9.31 47.61
CA VAL D 13 8.04 -9.77 46.34
C VAL D 13 9.45 -9.24 46.15
N GLU D 14 9.71 -8.06 46.70
CA GLU D 14 11.01 -7.41 46.49
C GLU D 14 12.20 -8.30 46.84
N PRO D 15 12.18 -9.06 47.94
CA PRO D 15 13.36 -9.89 48.27
C PRO D 15 13.62 -11.00 47.27
N CYS D 16 12.73 -11.25 46.32
CA CYS D 16 12.87 -12.35 45.36
C CYS D 16 13.43 -11.90 44.02
N ILE D 17 13.67 -10.61 43.83
CA ILE D 17 14.19 -10.09 42.57
C ILE D 17 15.70 -10.15 42.61
N VAL D 18 16.30 -10.77 41.58
CA VAL D 18 17.74 -10.90 41.48
C VAL D 18 18.19 -10.33 40.15
N ARG D 19 19.43 -9.86 40.11
CA ARG D 19 20.08 -9.49 38.87
C ARG D 19 20.67 -10.73 38.22
N VAL D 20 20.23 -11.05 37.00
CA VAL D 20 20.70 -12.23 36.28
C VAL D 20 21.44 -11.78 35.04
N ALA D 21 22.72 -12.13 34.96
CA ALA D 21 23.56 -11.80 33.81
C ALA D 21 24.18 -13.08 33.26
N TYR D 22 24.23 -13.18 31.94
CA TYR D 22 24.99 -14.23 31.24
C TYR D 22 25.99 -13.52 30.34
N GLY D 23 27.26 -13.52 30.74
CA GLY D 23 28.25 -12.72 30.07
C GLY D 23 28.01 -11.25 30.32
N SER D 24 27.77 -10.49 29.25
CA SER D 24 27.45 -9.08 29.35
C SER D 24 25.96 -8.78 29.16
N ASN D 25 25.15 -9.80 28.87
CA ASN D 25 23.71 -9.64 28.82
C ASN D 25 23.15 -9.66 30.24
N VAL D 26 22.30 -8.69 30.56
CA VAL D 26 21.80 -8.51 31.92
C VAL D 26 20.30 -8.28 31.88
N LEU D 27 19.57 -9.02 32.71
CA LEU D 27 18.14 -8.81 32.91
C LEU D 27 17.80 -9.25 34.33
N ASN D 28 16.51 -9.41 34.62
CA ASN D 28 16.02 -9.69 35.95
C ASN D 28 15.58 -11.15 36.07
N GLY D 29 15.63 -11.67 37.30
CA GLY D 29 15.17 -13.01 37.57
C GLY D 29 14.43 -13.08 38.89
N LEU D 30 13.78 -14.22 39.11
CA LEU D 30 12.99 -14.46 40.31
C LEU D 30 13.67 -15.56 41.12
N TRP D 31 14.11 -15.22 42.33
CA TRP D 31 14.84 -16.14 43.22
C TRP D 31 13.86 -16.65 44.27
N ILE D 32 13.40 -17.88 44.10
CA ILE D 32 12.49 -18.53 45.04
C ILE D 32 13.01 -19.95 45.30
N GLY D 33 13.15 -20.30 46.57
CA GLY D 33 13.78 -21.56 46.90
C GLY D 33 15.23 -21.55 46.45
N ASP D 34 15.68 -22.68 45.91
CA ASP D 34 17.01 -22.80 45.34
C ASP D 34 17.00 -22.70 43.82
N GLU D 35 16.06 -21.93 43.26
CA GLU D 35 15.95 -21.76 41.83
C GLU D 35 15.91 -20.27 41.49
N VAL D 36 16.38 -19.94 40.30
CA VAL D 36 16.28 -18.60 39.74
C VAL D 36 15.68 -18.72 38.35
N ILE D 37 14.49 -18.14 38.16
CA ILE D 37 13.77 -18.19 36.89
C ILE D 37 13.91 -16.85 36.19
N CYS D 38 14.14 -16.88 34.89
CA CYS D 38 14.33 -15.66 34.11
C CYS D 38 14.04 -15.97 32.66
N PRO D 39 13.86 -14.94 31.83
CA PRO D 39 13.67 -15.18 30.39
C PRO D 39 14.90 -15.85 29.78
N ARG D 40 14.65 -16.84 28.93
CA ARG D 40 15.72 -17.64 28.37
C ARG D 40 16.57 -16.89 27.35
N HIS D 41 16.12 -15.75 26.84
CA HIS D 41 16.89 -15.03 25.84
C HIS D 41 18.03 -14.21 26.46
N VAL D 42 18.31 -14.39 27.75
CA VAL D 42 19.50 -13.79 28.32
C VAL D 42 20.77 -14.47 27.83
N ILE D 43 20.66 -15.72 27.38
CA ILE D 43 21.81 -16.43 26.84
C ILE D 43 21.93 -16.29 25.32
N ALA D 44 20.94 -15.71 24.65
CA ALA D 44 20.99 -15.54 23.21
C ALA D 44 22.19 -14.69 22.82
N SER D 45 22.99 -15.20 21.87
CA SER D 45 24.20 -14.49 21.47
C SER D 45 23.89 -13.27 20.61
N ASP D 46 22.79 -13.29 19.86
CA ASP D 46 22.42 -12.16 19.01
C ASP D 46 20.90 -12.08 18.97
N THR D 47 20.32 -11.22 19.81
CA THR D 47 18.87 -11.08 19.87
C THR D 47 18.30 -10.23 18.74
N SER D 48 19.15 -9.64 17.90
CA SER D 48 18.67 -8.88 16.75
C SER D 48 18.28 -9.78 15.57
N ARG D 49 18.57 -11.07 15.64
CA ARG D 49 18.22 -12.02 14.59
C ARG D 49 17.50 -13.22 15.21
N VAL D 50 17.03 -14.11 14.35
CA VAL D 50 16.36 -15.32 14.82
C VAL D 50 17.33 -16.11 15.69
N ILE D 51 16.81 -16.63 16.80
CA ILE D 51 17.61 -17.35 17.79
C ILE D 51 17.25 -18.82 17.71
N ASN D 52 18.27 -19.68 17.62
CA ASN D 52 18.11 -21.12 17.77
C ASN D 52 18.34 -21.43 19.25
N TYR D 53 17.24 -21.64 19.99
CA TYR D 53 17.36 -21.79 21.43
C TYR D 53 17.92 -23.16 21.81
N ASP D 54 17.68 -24.18 21.00
CA ASP D 54 18.34 -25.47 21.23
C ASP D 54 19.85 -25.32 21.12
N ASN D 55 20.34 -24.45 20.24
N ASN D 55 20.34 -24.45 20.24
CA ASN D 55 21.78 -24.25 20.09
CA ASN D 55 21.78 -24.26 20.10
C ASN D 55 22.34 -23.46 21.27
C ASN D 55 22.34 -23.45 21.27
N GLU D 56 21.68 -22.35 21.63
CA GLU D 56 22.17 -21.53 22.73
C GLU D 56 22.30 -22.34 24.01
N LEU D 57 21.30 -23.17 24.34
CA LEU D 57 21.36 -23.96 25.56
C LEU D 57 22.49 -24.98 25.49
N SER D 58 22.71 -25.59 24.33
CA SER D 58 23.75 -26.62 24.21
C SER D 58 25.15 -26.06 24.42
N SER D 59 25.32 -24.74 24.32
CA SER D 59 26.63 -24.11 24.47
C SER D 59 26.73 -23.25 25.73
N VAL D 60 25.79 -23.40 26.67
CA VAL D 60 25.86 -22.60 27.89
C VAL D 60 27.05 -23.05 28.72
N ARG D 61 27.62 -22.10 29.47
CA ARG D 61 28.67 -22.36 30.44
C ARG D 61 28.23 -21.74 31.77
N LEU D 62 28.05 -22.59 32.79
CA LEU D 62 27.32 -22.16 33.97
C LEU D 62 28.02 -21.03 34.72
N HIS D 63 29.35 -20.97 34.69
CA HIS D 63 30.03 -19.91 35.41
C HIS D 63 29.86 -18.55 34.74
N ASN D 64 29.47 -18.52 33.46
CA ASN D 64 29.18 -17.26 32.80
C ASN D 64 27.88 -16.63 33.31
N PHE D 65 27.07 -17.37 34.07
CA PHE D 65 25.96 -16.76 34.80
C PHE D 65 26.50 -15.98 35.98
N SER D 66 26.10 -14.72 36.10
CA SER D 66 26.49 -13.84 37.21
C SER D 66 25.22 -13.33 37.87
N ILE D 67 24.76 -14.04 38.90
CA ILE D 67 23.53 -13.71 39.62
C ILE D 67 23.89 -13.08 40.96
N ALA D 68 23.19 -12.01 41.31
CA ALA D 68 23.50 -11.27 42.53
C ALA D 68 22.25 -10.58 43.08
N LYS D 69 22.15 -10.55 44.40
CA LYS D 69 21.16 -9.76 45.13
C LYS D 69 21.94 -8.93 46.14
N ASN D 70 22.24 -7.68 45.80
CA ASN D 70 23.13 -6.83 46.59
C ASN D 70 24.50 -7.50 46.56
N ASN D 71 25.11 -7.80 47.71
CA ASN D 71 26.40 -8.47 47.75
C ASN D 71 26.27 -9.98 47.93
N VAL D 72 25.05 -10.50 47.91
CA VAL D 72 24.84 -11.95 47.86
C VAL D 72 25.02 -12.40 46.40
N PHE D 73 26.00 -13.25 46.16
CA PHE D 73 26.36 -13.68 44.81
C PHE D 73 26.02 -15.15 44.65
N LEU D 74 25.11 -15.44 43.72
CA LEU D 74 24.62 -16.79 43.50
C LEU D 74 25.26 -17.40 42.27
N GLY D 75 25.66 -18.67 42.39
CA GLY D 75 26.23 -19.43 41.28
C GLY D 75 25.25 -20.49 40.83
N VAL D 76 25.26 -20.76 39.53
CA VAL D 76 24.31 -21.68 38.93
C VAL D 76 24.84 -23.10 39.02
N VAL D 77 24.02 -24.00 39.56
CA VAL D 77 24.36 -25.42 39.63
C VAL D 77 23.87 -26.15 38.39
N SER D 78 22.68 -25.80 37.90
CA SER D 78 22.08 -26.45 36.74
C SER D 78 21.29 -25.42 35.96
N ALA D 79 21.01 -25.74 34.70
CA ALA D 79 20.26 -24.84 33.83
C ALA D 79 19.40 -25.66 32.87
N LYS D 80 18.16 -25.23 32.70
CA LYS D 80 17.23 -25.88 31.79
C LYS D 80 16.19 -24.87 31.34
N TYR D 81 15.46 -25.22 30.29
CA TYR D 81 14.29 -24.44 29.88
C TYR D 81 13.02 -25.04 30.50
N LYS D 82 12.11 -24.17 30.92
CA LYS D 82 10.72 -24.52 31.16
C LYS D 82 9.91 -23.52 30.33
N GLY D 83 9.45 -23.94 29.16
CA GLY D 83 8.81 -23.00 28.26
C GLY D 83 9.82 -22.01 27.73
N VAL D 84 9.48 -20.73 27.81
CA VAL D 84 10.32 -19.65 27.30
C VAL D 84 11.24 -19.10 28.39
N ASN D 85 11.31 -19.76 29.54
CA ASN D 85 12.10 -19.31 30.66
C ASN D 85 13.21 -20.29 30.97
N LEU D 86 14.30 -19.76 31.54
CA LEU D 86 15.37 -20.57 32.08
C LEU D 86 15.11 -20.84 33.56
N VAL D 87 15.24 -22.11 33.96
CA VAL D 87 15.14 -22.52 35.36
C VAL D 87 16.55 -22.89 35.81
N LEU D 88 17.09 -22.11 36.75
CA LEU D 88 18.48 -22.23 37.17
C LEU D 88 18.54 -22.64 38.63
N LYS D 89 18.98 -23.87 38.90
CA LYS D 89 19.34 -24.27 40.25
C LYS D 89 20.54 -23.46 40.73
N VAL D 90 20.42 -22.88 41.92
CA VAL D 90 21.48 -22.07 42.49
C VAL D 90 21.95 -22.72 43.79
N ASN D 91 23.05 -22.18 44.34
CA ASN D 91 23.70 -22.78 45.49
C ASN D 91 23.05 -22.43 46.82
N GLN D 92 22.13 -21.48 46.84
CA GLN D 92 21.54 -21.01 48.08
C GLN D 92 20.02 -20.90 47.96
N VAL D 93 19.32 -21.35 48.99
CA VAL D 93 17.89 -21.14 49.10
C VAL D 93 17.64 -19.71 49.54
N ASN D 94 16.70 -19.03 48.87
CA ASN D 94 16.37 -17.67 49.24
C ASN D 94 15.78 -17.66 50.64
N PRO D 95 16.46 -17.06 51.63
CA PRO D 95 15.93 -17.08 53.00
C PRO D 95 14.63 -16.30 53.17
N ASN D 96 14.23 -15.52 52.17
CA ASN D 96 13.01 -14.73 52.23
C ASN D 96 11.95 -15.22 51.23
N THR D 97 11.94 -16.51 50.97
CA THR D 97 10.96 -17.08 50.05
C THR D 97 9.59 -17.07 50.70
N PRO D 98 8.62 -16.32 50.18
CA PRO D 98 7.29 -16.33 50.79
C PRO D 98 6.46 -17.51 50.33
N ALA D 99 5.42 -17.80 51.10
CA ALA D 99 4.43 -18.77 50.68
C ALA D 99 3.88 -18.35 49.31
N HIS D 100 4.03 -19.23 48.31
CA HIS D 100 3.73 -18.82 46.95
C HIS D 100 3.17 -19.99 46.16
N LYS D 101 2.40 -19.65 45.13
CA LYS D 101 1.88 -20.58 44.15
C LYS D 101 1.99 -19.95 42.78
N PHE D 102 1.59 -20.70 41.75
CA PHE D 102 1.68 -20.23 40.37
C PHE D 102 0.33 -20.42 39.70
N LYS D 103 -0.11 -19.38 38.99
CA LYS D 103 -1.34 -19.47 38.19
C LYS D 103 -1.27 -18.40 37.10
N SER D 104 -2.20 -18.52 36.15
CA SER D 104 -2.30 -17.56 35.06
C SER D 104 -3.48 -16.63 35.29
N VAL D 105 -3.36 -15.41 34.77
CA VAL D 105 -4.42 -14.42 34.86
C VAL D 105 -5.30 -14.50 33.61
N LYS D 106 -6.60 -14.40 33.80
CA LYS D 106 -7.56 -14.42 32.70
C LYS D 106 -7.66 -13.04 32.08
N PRO D 107 -8.29 -12.94 30.90
CA PRO D 107 -8.44 -11.62 30.26
C PRO D 107 -9.35 -10.74 31.08
N GLY D 108 -8.91 -9.50 31.33
CA GLY D 108 -9.61 -8.57 32.17
C GLY D 108 -9.19 -8.58 33.62
N GLU D 109 -8.60 -9.66 34.10
CA GLU D 109 -8.16 -9.72 35.48
C GLU D 109 -6.97 -8.79 35.69
N SER D 110 -6.93 -8.16 36.86
CA SER D 110 -5.85 -7.24 37.21
C SER D 110 -4.76 -7.99 37.95
N PHE D 111 -3.52 -7.51 37.76
CA PHE D 111 -2.39 -8.00 38.54
C PHE D 111 -1.36 -6.89 38.63
N ASN D 112 -0.36 -7.11 39.48
CA ASN D 112 0.61 -6.07 39.85
C ASN D 112 1.94 -6.35 39.17
N ILE D 113 2.50 -5.33 38.54
CA ILE D 113 3.79 -5.43 37.87
C ILE D 113 4.84 -4.76 38.76
N LEU D 114 5.89 -5.51 39.08
CA LEU D 114 7.06 -4.95 39.77
C LEU D 114 8.15 -4.75 38.72
N ALA D 115 8.23 -3.53 38.18
CA ALA D 115 9.23 -3.24 37.16
C ALA D 115 10.62 -3.19 37.77
N CYS D 116 11.58 -3.82 37.12
CA CYS D 116 12.91 -4.02 37.68
C CYS D 116 13.97 -3.76 36.61
N TYR D 117 15.09 -3.19 37.04
CA TYR D 117 16.23 -2.95 36.16
C TYR D 117 17.49 -3.46 36.85
N GLU D 118 18.19 -4.38 36.19
CA GLU D 118 19.44 -4.93 36.71
C GLU D 118 19.23 -5.50 38.11
N GLY D 119 18.11 -6.20 38.30
CA GLY D 119 17.79 -6.82 39.57
C GLY D 119 17.34 -5.89 40.67
N CYS D 120 17.11 -4.61 40.36
CA CYS D 120 16.69 -3.65 41.37
C CYS D 120 15.24 -3.27 41.15
N PRO D 121 14.30 -3.73 41.98
CA PRO D 121 12.92 -3.25 41.87
C PRO D 121 12.88 -1.72 41.80
N GLY D 122 12.19 -1.21 40.79
CA GLY D 122 12.15 0.21 40.55
C GLY D 122 10.79 0.84 40.72
N SER D 123 9.73 0.07 40.47
CA SER D 123 8.38 0.61 40.54
C SER D 123 7.38 -0.52 40.54
N VAL D 124 6.16 -0.20 40.97
CA VAL D 124 5.06 -1.17 41.04
C VAL D 124 3.79 -0.49 40.55
N TYR D 125 3.01 -1.20 39.74
CA TYR D 125 1.78 -0.65 39.21
C TYR D 125 0.87 -1.79 38.77
N GLY D 126 -0.42 -1.48 38.66
CA GLY D 126 -1.43 -2.46 38.29
C GLY D 126 -1.74 -2.41 36.81
N VAL D 127 -2.02 -3.59 36.25
CA VAL D 127 -2.37 -3.72 34.83
C VAL D 127 -3.37 -4.85 34.70
N ASN D 128 -4.06 -4.87 33.56
CA ASN D 128 -5.03 -5.91 33.26
C ASN D 128 -4.56 -6.73 32.06
N MET D 129 -4.80 -8.03 32.11
CA MET D 129 -4.52 -8.89 30.96
C MET D 129 -5.57 -8.64 29.88
N ARG D 130 -5.12 -8.49 28.65
CA ARG D 130 -6.00 -8.19 27.53
C ARG D 130 -6.45 -9.47 26.85
N SER D 131 -7.48 -9.34 26.00
CA SER D 131 -8.05 -10.51 25.34
C SER D 131 -7.03 -11.21 24.45
N GLN D 132 -6.09 -10.48 23.86
CA GLN D 132 -5.11 -11.04 22.97
C GLN D 132 -3.84 -11.50 23.70
N GLY D 133 -3.87 -11.59 25.02
CA GLY D 133 -2.73 -12.04 25.77
C GLY D 133 -1.65 -11.00 25.96
N THR D 134 -1.98 -9.73 25.80
CA THR D 134 -1.03 -8.65 25.98
C THR D 134 -1.45 -7.79 27.16
N ILE D 135 -0.54 -6.88 27.56
CA ILE D 135 -0.84 -5.85 28.54
C ILE D 135 -0.31 -4.54 28.01
N LYS D 136 -0.89 -3.45 28.50
CA LYS D 136 -0.46 -2.09 28.15
C LYS D 136 0.18 -1.49 29.39
N GLY D 137 1.49 -1.65 29.51
CA GLY D 137 2.23 -1.11 30.63
C GLY D 137 3.31 -0.15 30.19
N SER D 138 4.47 -0.21 30.85
CA SER D 138 5.58 0.68 30.55
C SER D 138 6.88 -0.09 30.80
N PHE D 139 7.39 -0.72 29.75
CA PHE D 139 8.62 -1.49 29.81
C PHE D 139 9.64 -0.88 28.86
N ILE D 140 10.91 -0.92 29.25
CA ILE D 140 11.99 -0.39 28.44
C ILE D 140 13.16 -1.37 28.49
N ALA D 141 14.34 -0.91 28.08
CA ALA D 141 15.50 -1.79 28.03
C ALA D 141 15.82 -2.34 29.42
N GLY D 142 16.12 -3.65 29.47
CA GLY D 142 16.55 -4.28 30.69
C GLY D 142 15.45 -4.60 31.68
N THR D 143 14.19 -4.47 31.28
CA THR D 143 13.08 -4.75 32.18
C THR D 143 12.57 -6.18 32.06
N CYS D 144 13.09 -6.97 31.12
CA CYS D 144 12.69 -8.37 31.03
C CYS D 144 13.02 -9.08 32.34
N GLY D 145 12.21 -10.07 32.68
CA GLY D 145 12.27 -10.72 33.95
C GLY D 145 11.47 -10.06 35.04
N SER D 146 11.11 -8.78 34.89
CA SER D 146 10.18 -8.13 35.80
C SER D 146 8.97 -9.02 36.00
N VAL D 147 8.50 -9.09 37.24
CA VAL D 147 7.53 -10.08 37.68
C VAL D 147 6.17 -9.43 37.86
N GLY D 148 5.12 -10.17 37.52
CA GLY D 148 3.75 -9.80 37.83
C GLY D 148 3.20 -10.77 38.86
N TYR D 149 2.42 -10.23 39.80
CA TYR D 149 1.96 -11.04 40.93
C TYR D 149 0.58 -10.57 41.37
N VAL D 150 -0.08 -11.44 42.14
CA VAL D 150 -1.31 -11.10 42.85
C VAL D 150 -1.23 -11.72 44.24
N LEU D 151 -1.74 -11.00 45.23
CA LEU D 151 -1.78 -11.47 46.61
C LEU D 151 -3.20 -11.95 46.92
N GLU D 152 -3.33 -13.22 47.30
CA GLU D 152 -4.63 -13.82 47.54
C GLU D 152 -4.57 -14.58 48.87
N ASN D 153 -5.34 -14.11 49.85
CA ASN D 153 -5.50 -14.80 51.13
C ASN D 153 -4.15 -15.19 51.72
N GLY D 154 -3.20 -14.26 51.67
CA GLY D 154 -1.90 -14.46 52.27
C GLY D 154 -0.89 -15.21 51.43
N ILE D 155 -1.24 -15.59 50.21
CA ILE D 155 -0.36 -16.35 49.33
C ILE D 155 0.05 -15.46 48.17
N LEU D 156 1.33 -15.56 47.77
CA LEU D 156 1.87 -14.77 46.67
C LEU D 156 1.82 -15.62 45.41
N TYR D 157 0.94 -15.25 44.49
CA TYR D 157 0.85 -15.91 43.18
C TYR D 157 1.74 -15.17 42.19
N PHE D 158 2.63 -15.90 41.53
CA PHE D 158 3.42 -15.37 40.42
C PHE D 158 2.68 -15.69 39.12
N VAL D 159 2.40 -14.67 38.33
CA VAL D 159 1.51 -14.86 37.18
C VAL D 159 2.11 -14.33 35.87
N TYR D 160 3.19 -13.58 35.96
CA TYR D 160 3.72 -12.93 34.77
C TYR D 160 5.22 -12.71 34.88
N MET D 161 5.92 -12.86 33.74
CA MET D 161 7.33 -12.54 33.61
C MET D 161 7.51 -11.88 32.25
N HIS D 162 8.18 -10.73 32.23
CA HIS D 162 8.22 -9.93 31.03
C HIS D 162 9.25 -10.44 30.03
N HIS D 163 8.89 -10.40 28.74
CA HIS D 163 9.76 -10.92 27.69
C HIS D 163 10.02 -9.92 26.56
N LEU D 164 8.96 -9.34 25.98
CA LEU D 164 9.14 -8.56 24.77
C LEU D 164 8.03 -7.53 24.62
N GLU D 165 8.22 -6.64 23.65
CA GLU D 165 7.26 -5.61 23.28
C GLU D 165 6.94 -5.73 21.79
N LEU D 166 5.65 -5.68 21.46
CA LEU D 166 5.24 -5.76 20.07
C LEU D 166 5.48 -4.43 19.36
N GLY D 167 5.11 -4.38 18.07
CA GLY D 167 5.31 -3.17 17.30
C GLY D 167 4.30 -2.08 17.63
N ASN D 168 3.08 -2.47 17.99
CA ASN D 168 2.05 -1.51 18.38
C ASN D 168 2.22 -1.00 19.81
N GLY D 169 3.28 -1.42 20.51
CA GLY D 169 3.53 -1.01 21.87
C GLY D 169 3.05 -1.98 22.92
N SER D 170 2.18 -2.92 22.56
CA SER D 170 1.71 -3.91 23.51
C SER D 170 2.88 -4.73 24.04
N HIS D 171 2.77 -5.14 25.30
CA HIS D 171 3.82 -5.86 26.00
C HIS D 171 3.40 -7.31 26.19
N VAL D 172 4.36 -8.22 26.04
CA VAL D 172 4.10 -9.65 26.09
C VAL D 172 5.03 -10.30 27.10
N GLY D 173 4.48 -11.21 27.90
CA GLY D 173 5.25 -11.98 28.84
C GLY D 173 4.67 -13.38 28.95
N SER D 174 5.23 -14.16 29.87
CA SER D 174 4.79 -15.52 30.09
C SER D 174 4.37 -15.70 31.55
N ASN D 175 3.56 -16.73 31.79
CA ASN D 175 3.37 -17.20 33.15
C ASN D 175 4.67 -17.84 33.64
N LEU D 176 4.73 -18.09 34.95
CA LEU D 176 5.96 -18.67 35.50
C LEU D 176 6.14 -20.14 35.13
N GLU D 177 5.17 -20.74 34.44
CA GLU D 177 5.33 -22.08 33.88
C GLU D 177 5.94 -22.05 32.49
N GLY D 178 6.32 -20.88 31.98
CA GLY D 178 6.99 -20.76 30.71
C GLY D 178 6.09 -20.63 29.51
N GLU D 179 4.77 -20.61 29.71
CA GLU D 179 3.83 -20.45 28.61
C GLU D 179 3.61 -18.96 28.35
N MET D 180 4.03 -18.51 27.18
CA MET D 180 3.88 -17.09 26.83
C MET D 180 2.41 -16.77 26.62
N TYR D 181 1.98 -15.64 27.18
CA TYR D 181 0.60 -15.19 27.00
C TYR D 181 0.35 -14.80 25.54
N GLY D 182 -0.78 -15.23 25.01
CA GLY D 182 -1.12 -14.99 23.64
C GLY D 182 -0.44 -15.88 22.64
N GLY D 183 0.39 -16.83 23.08
CA GLY D 183 1.06 -17.73 22.17
C GLY D 183 2.16 -17.09 21.36
N TYR D 184 2.64 -15.93 21.76
CA TYR D 184 3.70 -15.25 21.03
C TYR D 184 5.03 -15.95 21.27
N GLU D 185 5.95 -15.77 20.33
CA GLU D 185 7.31 -16.28 20.46
C GLU D 185 8.26 -15.20 20.95
N ASP D 186 9.26 -15.63 21.73
CA ASP D 186 10.36 -14.77 22.16
C ASP D 186 11.41 -14.74 21.05
N GLN D 187 11.01 -14.15 19.92
CA GLN D 187 11.85 -14.02 18.74
C GLN D 187 11.69 -12.61 18.19
N PRO D 188 12.77 -12.02 17.64
CA PRO D 188 12.59 -10.76 16.88
C PRO D 188 11.82 -11.02 15.61
N SER D 189 10.57 -10.56 15.54
CA SER D 189 9.67 -10.96 14.48
C SER D 189 8.68 -9.83 14.20
N MET D 190 7.70 -10.11 13.36
N MET D 190 7.70 -10.11 13.36
CA MET D 190 6.63 -9.16 13.03
CA MET D 190 6.63 -9.17 13.02
C MET D 190 5.29 -9.65 13.55
C MET D 190 5.29 -9.65 13.55
N GLN D 191 5.27 -10.13 14.79
CA GLN D 191 4.04 -10.66 15.38
C GLN D 191 3.00 -9.56 15.51
N LEU D 192 1.74 -9.93 15.33
CA LEU D 192 0.62 -9.00 15.29
C LEU D 192 -0.34 -9.28 16.44
N GLU D 193 -1.10 -8.26 16.80
CA GLU D 193 -2.14 -8.35 17.83
C GLU D 193 -3.50 -8.16 17.17
N GLY D 194 -4.41 -9.09 17.42
CA GLY D 194 -5.74 -9.02 16.85
C GLY D 194 -6.62 -7.97 17.49
N THR D 195 -7.94 -8.14 17.38
CA THR D 195 -8.88 -7.17 17.93
C THR D 195 -9.00 -7.37 19.43
N ASN D 196 -8.97 -6.26 20.17
CA ASN D 196 -9.07 -6.30 21.62
C ASN D 196 -10.53 -6.28 22.05
N VAL D 197 -10.87 -7.14 23.00
CA VAL D 197 -12.23 -7.26 23.52
C VAL D 197 -12.31 -6.54 24.86
N MET D 198 -13.36 -5.76 25.04
CA MET D 198 -13.55 -4.99 26.27
C MET D 198 -14.19 -5.88 27.34
N SER D 199 -13.66 -5.77 28.56
CA SER D 199 -14.12 -6.61 29.67
C SER D 199 -15.47 -6.13 30.16
N SER D 200 -16.51 -6.95 29.99
CA SER D 200 -17.84 -6.56 30.45
C SER D 200 -17.89 -6.54 31.97
N ASP D 201 -17.22 -7.50 32.63
CA ASP D 201 -17.22 -7.53 34.09
C ASP D 201 -16.62 -6.27 34.68
N ASN D 202 -15.62 -5.68 34.02
CA ASN D 202 -14.98 -4.47 34.52
C ASN D 202 -15.81 -3.23 34.23
N VAL D 203 -16.65 -3.26 33.20
CA VAL D 203 -17.52 -2.13 32.92
C VAL D 203 -18.68 -2.10 33.92
N VAL D 204 -19.25 -3.27 34.23
CA VAL D 204 -20.27 -3.35 35.26
C VAL D 204 -19.73 -2.83 36.59
N ALA D 205 -18.54 -3.28 36.97
CA ALA D 205 -17.91 -2.77 38.19
C ALA D 205 -17.68 -1.27 38.12
N PHE D 206 -17.41 -0.75 36.92
CA PHE D 206 -17.21 0.69 36.77
C PHE D 206 -18.52 1.45 36.96
N LEU D 207 -19.63 0.89 36.50
CA LEU D 207 -20.92 1.54 36.73
C LEU D 207 -21.36 1.40 38.18
N TYR D 208 -21.08 0.25 38.80
CA TYR D 208 -21.34 0.10 40.23
C TYR D 208 -20.51 1.11 41.03
N ALA D 209 -19.25 1.31 40.65
CA ALA D 209 -18.41 2.28 41.33
C ALA D 209 -19.02 3.67 41.26
N ALA D 210 -19.56 4.05 40.10
CA ALA D 210 -20.19 5.35 39.97
C ALA D 210 -21.45 5.43 40.83
N LEU D 211 -22.19 4.33 40.94
CA LEU D 211 -23.37 4.32 41.78
C LEU D 211 -23.00 4.44 43.25
N ILE D 212 -21.88 3.85 43.65
CA ILE D 212 -21.42 3.98 45.03
C ILE D 212 -21.07 5.44 45.33
N ASN D 213 -20.49 6.14 44.35
CA ASN D 213 -20.13 7.54 44.50
C ASN D 213 -21.32 8.48 44.30
N GLY D 214 -22.53 7.96 44.13
CA GLY D 214 -23.70 8.79 44.01
C GLY D 214 -23.95 9.38 42.65
N GLU D 215 -23.47 8.74 41.59
CA GLU D 215 -23.68 9.18 40.21
C GLU D 215 -24.70 8.24 39.59
N ARG D 216 -25.92 8.74 39.36
CA ARG D 216 -27.03 7.90 38.93
C ARG D 216 -27.79 8.47 37.73
N TRP D 217 -27.18 9.40 36.99
CA TRP D 217 -27.88 9.97 35.84
C TRP D 217 -28.07 8.96 34.72
N PHE D 218 -27.26 7.91 34.68
CA PHE D 218 -27.25 6.98 33.56
C PHE D 218 -28.15 5.78 33.75
N VAL D 219 -28.60 5.51 34.98
CA VAL D 219 -29.40 4.33 35.25
C VAL D 219 -30.88 4.67 35.10
N THR D 220 -31.65 3.67 34.68
CA THR D 220 -33.10 3.78 34.56
C THR D 220 -33.71 2.48 35.07
N ASN D 221 -35.04 2.42 35.08
N ASN D 221 -35.04 2.42 35.08
CA ASN D 221 -35.75 1.22 35.49
CA ASN D 221 -35.74 1.21 35.50
C ASN D 221 -35.74 0.13 34.43
C ASN D 221 -35.74 0.13 34.44
N ALA D 222 -35.19 0.41 33.25
CA ALA D 222 -35.10 -0.59 32.21
C ALA D 222 -33.94 -1.54 32.48
N SER D 223 -34.12 -2.80 32.12
CA SER D 223 -33.10 -3.82 32.30
C SER D 223 -33.14 -4.78 31.11
N MET D 224 -32.05 -5.53 30.95
CA MET D 224 -31.93 -6.46 29.84
C MET D 224 -31.35 -7.77 30.35
N SER D 225 -31.90 -8.89 29.86
CA SER D 225 -31.50 -10.20 30.34
C SER D 225 -30.02 -10.46 30.04
N LEU D 226 -29.49 -11.49 30.70
CA LEU D 226 -28.09 -11.85 30.50
C LEU D 226 -27.86 -12.43 29.12
N GLU D 227 -28.79 -13.27 28.64
CA GLU D 227 -28.62 -13.87 27.32
C GLU D 227 -28.66 -12.81 26.22
N SER D 228 -29.61 -11.87 26.31
CA SER D 228 -29.70 -10.84 25.29
C SER D 228 -28.47 -9.93 25.30
N TYR D 229 -27.92 -9.67 26.48
CA TYR D 229 -26.70 -8.87 26.54
C TYR D 229 -25.51 -9.64 25.97
N ASN D 230 -25.44 -10.94 26.25
CA ASN D 230 -24.31 -11.75 25.79
C ASN D 230 -24.28 -11.80 24.27
N ALA D 231 -25.45 -11.85 23.63
CA ALA D 231 -25.50 -11.79 22.17
C ALA D 231 -24.96 -10.45 21.66
N TRP D 232 -25.40 -9.36 22.27
CA TRP D 232 -24.90 -8.04 21.88
C TRP D 232 -23.41 -7.92 22.13
N ALA D 233 -22.91 -8.55 23.20
CA ALA D 233 -21.51 -8.38 23.57
C ALA D 233 -20.59 -9.01 22.52
N LYS D 234 -20.92 -10.23 22.07
CA LYS D 234 -20.09 -10.91 21.08
C LYS D 234 -19.97 -10.08 19.80
N THR D 235 -21.00 -9.31 19.46
CA THR D 235 -20.96 -8.49 18.25
C THR D 235 -20.12 -7.24 18.45
N ASN D 236 -20.19 -6.63 19.64
CA ASN D 236 -19.62 -5.31 19.88
C ASN D 236 -18.26 -5.37 20.58
N SER D 237 -17.56 -6.50 20.48
CA SER D 237 -16.24 -6.65 21.08
C SER D 237 -16.29 -6.44 22.60
N PHE D 238 -17.25 -7.08 23.23
CA PHE D 238 -17.36 -7.13 24.68
C PHE D 238 -17.41 -8.59 25.12
N THR D 239 -16.77 -8.89 26.24
CA THR D 239 -16.83 -10.24 26.78
C THR D 239 -18.23 -10.55 27.30
N GLU D 240 -18.61 -11.82 27.21
CA GLU D 240 -19.88 -12.25 27.79
C GLU D 240 -19.77 -12.29 29.31
N ILE D 241 -20.89 -12.02 29.98
CA ILE D 241 -20.99 -12.11 31.42
C ILE D 241 -21.40 -13.52 31.78
N VAL D 242 -20.70 -14.13 32.73
CA VAL D 242 -20.94 -15.53 33.06
C VAL D 242 -22.14 -15.69 33.97
N SER D 243 -22.26 -14.83 34.99
N SER D 243 -22.26 -14.83 34.98
CA SER D 243 -23.34 -14.94 35.96
CA SER D 243 -23.34 -14.95 35.95
C SER D 243 -23.61 -13.59 36.58
C SER D 243 -23.61 -13.59 36.58
N THR D 244 -24.88 -13.37 36.94
CA THR D 244 -25.24 -12.16 37.67
C THR D 244 -24.87 -12.29 39.15
N ASP D 245 -24.92 -13.52 39.68
CA ASP D 245 -24.54 -13.74 41.08
C ASP D 245 -23.09 -13.35 41.36
N ALA D 246 -22.25 -13.30 40.33
CA ALA D 246 -20.86 -12.90 40.54
C ALA D 246 -20.75 -11.49 41.07
N PHE D 247 -21.79 -10.66 40.92
CA PHE D 247 -21.79 -9.30 41.43
C PHE D 247 -22.72 -9.13 42.63
N ASN D 248 -23.05 -10.23 43.31
CA ASN D 248 -24.01 -10.15 44.42
C ASN D 248 -23.56 -9.15 45.48
N MET D 249 -22.25 -8.97 45.66
CA MET D 249 -21.77 -8.06 46.68
C MET D 249 -21.95 -6.61 46.25
N LEU D 250 -21.62 -6.29 44.99
CA LEU D 250 -21.77 -4.92 44.52
C LEU D 250 -23.25 -4.55 44.40
N ALA D 251 -24.10 -5.49 44.02
CA ALA D 251 -25.52 -5.21 43.91
C ALA D 251 -26.15 -5.02 45.28
N ALA D 252 -25.72 -5.80 46.27
CA ALA D 252 -26.28 -5.68 47.62
C ALA D 252 -25.91 -4.36 48.26
N LYS D 253 -24.80 -3.76 47.85
CA LYS D 253 -24.30 -2.54 48.45
C LYS D 253 -24.83 -1.28 47.78
N THR D 254 -25.42 -1.40 46.60
CA THR D 254 -25.98 -0.26 45.88
C THR D 254 -27.49 -0.36 45.69
N GLY D 255 -28.05 -1.56 45.65
CA GLY D 255 -29.47 -1.74 45.42
C GLY D 255 -29.87 -1.89 43.97
N TYR D 256 -28.94 -1.77 43.03
CA TYR D 256 -29.23 -1.88 41.61
C TYR D 256 -28.85 -3.27 41.11
N SER D 257 -29.74 -3.87 40.32
CA SER D 257 -29.48 -5.18 39.76
C SER D 257 -28.45 -5.11 38.63
N VAL D 258 -27.83 -6.26 38.35
CA VAL D 258 -26.88 -6.33 37.25
C VAL D 258 -27.58 -6.08 35.92
N GLU D 259 -28.79 -6.63 35.76
CA GLU D 259 -29.51 -6.48 34.50
C GLU D 259 -29.78 -5.02 34.19
N LYS D 260 -29.95 -4.19 35.21
CA LYS D 260 -30.05 -2.75 34.98
C LYS D 260 -28.77 -2.22 34.35
N LEU D 261 -27.62 -2.58 34.93
CA LEU D 261 -26.34 -2.09 34.43
C LEU D 261 -26.04 -2.63 33.03
N LEU D 262 -26.52 -3.83 32.71
CA LEU D 262 -26.34 -4.36 31.36
C LEU D 262 -27.03 -3.48 30.34
N GLU D 263 -28.27 -3.08 30.63
CA GLU D 263 -28.97 -2.15 29.75
C GLU D 263 -28.22 -0.83 29.63
N CYS D 264 -27.63 -0.36 30.73
CA CYS D 264 -26.85 0.87 30.67
C CYS D 264 -25.66 0.72 29.74
N ILE D 265 -25.04 -0.47 29.73
CA ILE D 265 -23.86 -0.67 28.90
C ILE D 265 -24.23 -0.59 27.42
N VAL D 266 -25.27 -1.34 27.02
CA VAL D 266 -25.70 -1.32 25.62
C VAL D 266 -26.08 0.10 25.19
N ARG D 267 -26.79 0.81 26.07
CA ARG D 267 -27.21 2.17 25.75
C ARG D 267 -26.04 3.15 25.80
N LEU D 268 -25.14 3.00 26.77
CA LEU D 268 -24.04 3.92 26.93
C LEU D 268 -22.88 3.64 25.97
N ASN D 269 -22.81 2.43 25.41
CA ASN D 269 -21.78 2.15 24.42
C ASN D 269 -21.98 2.97 23.15
N LYS D 270 -23.20 3.41 22.87
CA LYS D 270 -23.45 4.30 21.74
C LYS D 270 -22.85 5.68 21.94
N GLY D 271 -22.56 6.06 23.18
CA GLY D 271 -21.97 7.35 23.46
C GLY D 271 -22.59 8.03 24.67
N PHE D 272 -21.76 8.72 25.46
CA PHE D 272 -22.27 9.46 26.60
C PHE D 272 -23.00 10.73 26.19
N GLY D 273 -22.69 11.28 25.02
CA GLY D 273 -23.37 12.47 24.55
C GLY D 273 -22.93 13.74 25.23
N GLY D 274 -21.64 13.87 25.53
CA GLY D 274 -21.12 14.99 26.27
C GLY D 274 -21.13 14.82 27.76
N ARG D 275 -21.80 13.81 28.28
CA ARG D 275 -21.83 13.52 29.71
C ARG D 275 -20.63 12.68 30.12
N THR D 276 -20.47 12.52 31.44
CA THR D 276 -19.34 11.80 31.98
C THR D 276 -19.80 10.93 33.16
N ILE D 277 -19.07 9.84 33.38
CA ILE D 277 -19.27 8.98 34.55
C ILE D 277 -17.91 8.83 35.23
N LEU D 278 -17.83 9.26 36.49
CA LEU D 278 -16.58 9.26 37.23
C LEU D 278 -15.49 10.00 36.48
N SER D 279 -15.89 11.03 35.72
CA SER D 279 -15.01 11.90 34.95
C SER D 279 -14.57 11.27 33.63
N TYR D 280 -15.08 10.09 33.28
CA TYR D 280 -14.73 9.44 32.02
C TYR D 280 -15.76 9.76 30.95
N GLY D 281 -15.29 10.02 29.73
CA GLY D 281 -16.16 10.31 28.61
C GLY D 281 -16.69 9.10 27.88
N SER D 282 -16.36 7.90 28.33
CA SER D 282 -16.85 6.67 27.71
C SER D 282 -16.71 5.53 28.71
N LEU D 283 -17.27 4.39 28.35
CA LEU D 283 -17.17 3.21 29.20
C LEU D 283 -15.71 2.85 29.43
N CYS D 284 -15.40 2.46 30.68
CA CYS D 284 -14.03 2.15 31.08
C CYS D 284 -14.01 0.77 31.71
N ASP D 285 -13.13 -0.10 31.20
CA ASP D 285 -12.97 -1.46 31.72
C ASP D 285 -11.63 -1.64 32.42
N GLU D 286 -11.07 -0.56 32.96
CA GLU D 286 -9.77 -0.62 33.62
C GLU D 286 -9.85 -1.27 34.99
N PHE D 287 -11.03 -1.29 35.61
CA PHE D 287 -11.17 -1.67 37.02
C PHE D 287 -12.07 -2.89 37.13
N THR D 288 -11.60 -3.89 37.87
CA THR D 288 -12.33 -5.14 38.05
C THR D 288 -13.29 -5.01 39.23
N PRO D 289 -14.26 -5.91 39.33
CA PRO D 289 -15.12 -5.93 40.52
C PRO D 289 -14.35 -5.95 41.82
N THR D 290 -13.28 -6.74 41.90
CA THR D 290 -12.53 -6.84 43.16
C THR D 290 -11.78 -5.56 43.45
N GLU D 291 -11.22 -4.91 42.43
CA GLU D 291 -10.53 -3.65 42.65
C GLU D 291 -11.49 -2.58 43.18
N VAL D 292 -12.73 -2.58 42.69
CA VAL D 292 -13.71 -1.59 43.16
C VAL D 292 -14.06 -1.84 44.61
N ILE D 293 -14.33 -3.10 44.97
CA ILE D 293 -14.66 -3.43 46.35
C ILE D 293 -13.54 -2.99 47.28
N ARG D 294 -12.29 -3.30 46.92
CA ARG D 294 -11.16 -2.93 47.77
C ARG D 294 -11.09 -1.41 47.97
N GLN D 295 -11.30 -0.66 46.90
CA GLN D 295 -11.14 0.79 46.99
C GLN D 295 -12.28 1.44 47.75
N MET D 296 -13.51 0.96 47.53
CA MET D 296 -14.69 1.60 48.11
C MET D 296 -15.05 1.05 49.48
N TYR D 297 -14.52 -0.11 49.86
CA TYR D 297 -14.88 -0.72 51.13
C TYR D 297 -13.71 -1.35 51.88
N GLY D 298 -12.49 -1.21 51.39
CA GLY D 298 -11.32 -1.70 52.10
C GLY D 298 -11.43 -3.14 52.57
N VAL D 299 -12.15 -3.96 51.80
CA VAL D 299 -12.34 -5.35 52.12
C VAL D 299 -11.85 -6.20 50.94
N ASN D 300 -11.60 -7.47 51.23
CA ASN D 300 -11.07 -8.40 50.22
C ASN D 300 -9.76 -7.88 49.63
N LEU D 301 -8.96 -7.20 50.45
CA LEU D 301 -7.70 -6.66 49.98
C LEU D 301 -6.77 -7.73 49.42
N GLN D 302 -7.02 -8.99 49.75
CA GLN D 302 -6.24 -10.10 49.21
C GLN D 302 -7.16 -11.26 48.82
C8 4WI E . 8.65 -28.27 -19.62
C3 4WI E . 7.30 -28.62 -24.52
C1 4WI E . 9.93 -30.82 -23.63
C13 4WI E . 12.25 -31.61 -21.79
C21 4WI E . 15.26 -32.33 -20.86
C6 4WI E . 7.55 -30.32 -20.28
C7 4WI E . 7.88 -30.35 -18.77
C10 4WI E . 12.23 -33.28 -23.71
C5 4WI E . 8.46 -29.19 -20.82
C9 4WI E . 11.42 -30.98 -23.98
C11 4WI E . 12.07 -33.02 -25.20
C12 4WI E . 11.57 -31.59 -25.37
C18 4WI E . 12.95 -31.99 -25.88
C19 4WI E . 14.23 -31.47 -25.24
C20 4WI E . 13.06 -32.13 -27.40
C16 4WI E . 12.44 -34.22 -18.86
C17 4WI E . 10.49 -33.63 -20.33
C23 4WI E . 11.50 -31.90 -18.82
C4 4WI E . 7.94 -28.44 -22.05
C2 4WI E . 8.05 -29.27 -23.35
C14 4WI E . 12.82 -32.67 -20.82
C22 4WI E . 16.48 -31.71 -20.11
C15 4WI E . 11.80 -33.12 -19.72
N5 4WI E . 6.08 -28.89 -24.67
N2 4WI E . 8.30 -28.97 -18.51
N3 4WI E . 12.00 -31.96 -23.07
N1 4WI E . 9.45 -29.56 -23.66
N4 4WI E . 14.07 -32.14 -20.26
O1 4WI E . 9.03 -27.11 -19.65
O2 4WI E . 9.25 -31.81 -23.34
O3 4WI E . 11.99 -30.47 -21.37
O4 4WI E . 15.46 -32.91 -21.90
F1 4WI E . 16.33 -30.39 -19.97
F2 4WI E . 17.65 -31.92 -20.75
F3 4WI E . 16.59 -32.24 -18.88
C8 4WI F . -4.13 4.73 -4.70
C3 4WI F . -7.20 7.02 -8.03
C1 4WI F . -7.64 8.39 -4.81
C13 4WI F . -7.28 8.12 -1.81
C21 4WI F . -7.78 8.25 1.62
C6 4WI F . -3.67 7.11 -5.06
C7 4WI F . -2.44 6.39 -4.45
C10 4WI F . -8.63 10.28 -2.20
C5 4WI F . -4.80 6.05 -5.07
C9 4WI F . -8.73 8.35 -3.74
C11 4WI F . -9.77 10.49 -3.18
C12 4WI F . -9.88 9.28 -4.08
C18 4WI F . -10.98 9.59 -3.07
C19 4WI F . -11.23 8.77 -1.83
C20 4WI F . -12.26 10.18 -3.65
C16 4WI F . -4.56 9.52 0.62
C17 4WI F . -4.68 9.59 -1.86
C23 4WI F . -4.42 7.43 -0.70
C4 4WI F . -5.62 5.92 -6.37
C2 4WI F . -6.55 7.12 -6.64
C14 4WI F . -6.64 8.65 -0.51
C22 4WI F . -8.15 7.18 2.70
C15 4WI F . -5.07 8.81 -0.62
N5 4WI F . -6.57 7.46 -9.02
N2 4WI F . -2.84 4.99 -4.37
N3 4WI F . -8.15 8.90 -2.50
N1 4WI F . -7.53 7.26 -5.56
N4 4WI F . -7.06 7.78 0.59
O1 4WI F . -4.66 3.63 -4.71
O2 4WI F . -6.92 9.37 -4.95
O3 4WI F . -7.00 6.99 -2.19
O4 4WI F . -8.17 9.39 1.80
F1 4WI F . -8.80 7.76 3.73
F2 4WI F . -7.05 6.57 3.21
F3 4WI F . -8.94 6.24 2.18
H5 4WI F . -3.94 7.97 -4.45
H6 4WI F . -3.44 7.45 -6.06
H7 4WI F . -1.56 6.50 -5.07
H8 4WI F . -2.21 6.78 -3.45
H11 4WI F . -7.84 11.02 -2.38
H12 4WI F . -8.99 10.38 -1.17
H4 4WI F . -5.47 6.28 -4.23
H10 4WI F . -9.10 7.33 -3.58
H13 4WI F . -9.87 11.48 -3.61
H14 4WI F . -10.14 9.35 -5.12
H23 4WI F . -10.48 7.98 -1.74
H24 4WI F . -11.18 9.40 -0.94
H25 4WI F . -12.23 8.32 -1.87
H26 4WI F . -12.04 10.86 -4.47
H27 4WI F . -12.81 10.73 -2.88
H28 4WI F . -12.91 9.38 -4.04
H17 4WI F . -3.49 9.72 0.51
H19 4WI F . -4.74 8.90 1.49
H18 4WI F . -5.10 10.47 0.74
H20 4WI F . -5.31 10.47 -1.95
H21 4WI F . -3.64 9.89 -1.77
H22 4WI F . -4.80 8.94 -2.74
H29 4WI F . -4.72 6.83 0.16
H30 4WI F . -4.75 6.93 -1.62
H31 4WI F . -3.33 7.55 -0.71
H2 4WI F . -4.95 5.80 -7.22
H3 4WI F . -6.24 5.02 -6.33
H32 4WI F . -5.99 8.06 -6.67
H15 4WI F . -7.05 9.62 -0.25
H9 4WI F . -2.21 4.25 -4.09
H1 4WI F . -8.17 6.50 -5.39
H16 4WI F . -6.78 6.81 0.54
C1 PEG G . -16.90 -23.42 9.21
O1 PEG G . -18.25 -23.83 9.13
C2 PEG G . -16.48 -22.62 8.01
O2 PEG G . -16.55 -21.24 8.31
C3 PEG G . -15.33 -20.55 8.06
C4 PEG G . -15.25 -19.34 8.94
O4 PEG G . -14.01 -18.68 8.82
H11 PEG G . -16.33 -24.21 9.27
H12 PEG G . -16.78 -22.88 10.00
HO1 PEG G . -18.66 -23.51 8.46
H21 PEG G . -17.08 -22.82 7.27
H22 PEG G . -15.57 -22.86 7.76
H31 PEG G . -15.30 -20.28 7.13
H32 PEG G . -14.58 -21.14 8.25
H41 PEG G . -15.37 -19.61 9.86
H42 PEG G . -15.96 -18.72 8.68
HO4 PEG G . -13.58 -18.87 8.11
C1 PEG H . -7.64 -24.64 -16.90
O1 PEG H . -6.33 -25.14 -16.96
C2 PEG H . -8.58 -25.60 -16.23
O2 PEG H . -7.92 -26.85 -16.07
C3 PEG H . -8.34 -27.55 -14.90
C4 PEG H . -7.58 -27.04 -13.71
O4 PEG H . -6.18 -27.12 -13.92
H11 PEG H . -7.95 -24.47 -17.81
H12 PEG H . -7.63 -23.81 -16.40
HO1 PEG H . -6.00 -25.36 -16.20
H21 PEG H . -9.36 -25.72 -16.78
H22 PEG H . -8.83 -25.25 -15.37
H31 PEG H . -8.17 -28.49 -15.01
H32 PEG H . -9.29 -27.40 -14.77
H41 PEG H . -7.81 -27.57 -12.93
H42 PEG H . -7.82 -26.11 -13.55
HO4 PEG H . -5.73 -27.14 -13.20
C8 4WI I . 9.68 34.00 -14.65
C3 4WI I . 12.80 31.59 -11.44
C1 4WI I . 13.32 30.55 -14.82
C13 4WI I . 12.29 30.16 -17.69
C21 4WI I . 11.30 28.89 -20.74
C6 4WI I . 12.05 34.10 -15.24
C7 4WI I . 11.32 35.37 -15.69
C10 4WI I . 14.56 28.96 -17.53
C5 4WI I . 11.00 33.22 -14.53
C9 4WI I . 13.07 29.24 -15.59
C11 4WI I . 15.02 28.02 -16.44
C12 4WI I . 14.12 28.19 -15.24
C18 4WI I . 14.14 26.88 -15.99
C19 4WI I . 12.96 26.43 -16.82
C20 4WI I . 14.86 25.75 -15.29
C16 4WI I . 12.77 32.18 -21.01
C17 4WI I . 13.90 32.53 -18.87
C23 4WI I . 11.45 32.77 -19.00
C4 4WI I . 11.29 32.81 -13.07
C2 4WI I . 12.54 31.95 -12.91
C14 4WI I . 12.43 30.46 -19.20
C22 4WI I . 9.93 28.43 -21.30
C15 4WI I . 12.64 31.98 -19.51
N5 4WI I . 13.54 32.35 -10.76
N2 4WI I . 9.95 35.17 -15.29
N3 4WI I . 13.26 29.49 -17.03
N1 4WI I . 12.47 30.76 -13.77
N4 4WI I . 11.24 29.89 -19.84
O1 4WI I . 8.60 33.63 -14.22
O2 4WI I . 14.20 31.33 -15.14
O3 4WI I . 11.27 30.53 -17.10
O4 4WI I . 12.30 28.33 -21.14
F1 4WI I . 9.48 29.30 -22.21
F2 4WI I . 8.98 28.32 -20.34
F3 4WI I . 10.04 27.23 -21.88
H5 4WI I . 12.47 33.58 -16.11
H6 4WI I . 12.87 34.35 -14.56
H7 4WI I . 11.73 36.26 -15.20
H8 4WI I . 11.39 35.52 -16.77
H11 4WI I . 15.28 29.76 -17.69
H12 4WI I . 14.42 28.41 -18.47
H4 4WI I . 10.84 32.32 -15.15
H10 4WI I . 12.05 28.88 -15.40
H13 4WI I . 16.09 27.93 -16.30
H14 4WI I . 14.52 28.22 -14.23
H23 4WI I . 12.02 26.65 -16.31
H24 4WI I . 12.97 26.96 -17.79
H25 4WI I . 13.02 25.36 -17.01
H26 4WI I . 14.16 25.13 -14.71
H27 4WI I . 15.61 26.13 -14.60
H28 4WI I . 15.36 25.10 -16.02
H17 4WI I . 11.80 31.99 -21.49
H19 4WI I . 13.51 31.49 -21.41
H18 4WI I . 13.07 33.21 -21.21
H20 4WI I . 13.80 32.47 -17.78
H21 4WI I . 14.76 31.94 -19.19
H22 4WI I . 14.03 33.58 -19.16
H29 4WI I . 11.51 33.81 -19.35
H30 4WI I . 10.52 32.33 -19.37
H31 4WI I . 11.44 32.76 -17.91
H2 4WI I . 11.39 33.71 -12.46
H3 4WI I . 10.43 32.25 -12.68
H32 4WI I . 13.44 32.49 -13.21
H15 4WI I . 13.26 29.91 -19.65
H36 4WI I . 13.89 33.18 -11.25
H9 4WI I . 9.21 35.82 -15.46
H1 4WI I . 11.76 30.07 -13.58
H16 4WI I . 10.34 30.28 -19.57
C8 4WI J . 10.35 -3.83 26.07
C3 4WI J . 13.87 -7.07 27.71
C1 4WI J . 13.44 -7.53 24.25
C13 4WI J . 11.82 -7.13 21.76
C21 4WI J . 10.14 -7.40 18.65
C6 4WI J . 12.54 -3.60 25.00
C7 4WI J . 11.87 -2.22 25.18
C10 4WI J . 13.74 -8.69 21.04
C5 4WI J . 11.58 -4.63 25.65
C9 4WI J . 12.86 -8.64 23.34
C11 4WI J . 14.40 -9.80 21.83
C12 4WI J . 13.81 -9.81 23.23
C18 4WI J . 13.54 -10.97 22.27
C19 4WI J . 12.18 -11.26 21.71
C20 4WI J . 14.32 -12.24 22.55
C16 4WI J . 13.36 -4.77 20.98
C17 4WI J . 10.99 -4.22 21.24
C23 4WI J . 11.99 -4.43 18.97
C4 4WI J . 12.12 -5.47 26.82
C2 4WI J . 13.27 -6.41 26.45
C14 4WI J . 11.68 -6.51 20.35
C22 4WI J . 8.66 -7.64 18.28
C15 4WI J . 11.98 -4.96 20.38
N5 4WI J . 14.76 -6.44 28.35
N2 4WI J . 10.57 -2.52 25.78
N3 4WI J . 12.76 -8.09 21.98
N1 4WI J . 12.84 -7.41 25.47
N4 4WI J . 10.34 -6.82 19.86
O1 4WI J . 9.34 -4.28 26.59
O2 4WI J . 14.36 -6.82 23.87
O3 4WI J . 11.08 -6.74 22.67
O4 4WI J . 11.00 -7.74 17.85
F1 4WI J . 8.57 -8.39 17.17
F2 4WI J . 7.98 -6.50 18.05
F3 4WI J . 8.03 -8.30 19.27
H5 4WI J . 12.68 -3.82 23.95
H6 4WI J . 13.50 -3.61 25.49
H7 4WI J . 12.45 -1.57 25.83
H8 4WI J . 11.73 -1.72 24.22
H11 4WI J . 14.48 -7.96 20.72
H12 4WI J . 13.24 -9.10 20.16
H4 4WI J . 11.22 -5.30 24.86
H10 4WI J . 11.89 -8.98 23.70
H13 4WI J . 15.46 -9.93 21.69
H14 4WI J . 14.43 -10.02 24.10
H23 4WI J . 12.21 -11.22 20.61
H24 4WI J . 11.85 -12.26 22.02
H25 4WI J . 11.45 -10.52 22.07
H26 4WI J . 15.25 -12.03 23.09
H27 4WI J . 14.59 -12.75 21.62
H28 4WI J . 13.73 -12.94 23.15
H17 4WI J . 13.76 -3.80 20.68
H19 4WI J . 14.03 -5.56 20.63
H18 4WI J . 13.29 -4.81 22.08
H20 4WI J . 10.95 -3.17 20.92
H21 4WI J . 10.01 -4.67 21.13
H22 4WI J . 11.30 -4.27 22.28
H29 4WI J . 10.95 -4.36 18.60
H30 4WI J . 12.42 -3.42 18.95
H31 4WI J . 12.56 -5.09 18.32
H2 4WI J . 12.46 -4.80 27.62
H3 4WI J . 11.31 -6.07 27.24
H32 4WI J . 14.09 -5.86 25.99
H15 4WI J . 12.32 -7.00 19.63
H9 4WI J . 9.88 -1.82 25.99
H1 4WI J . 12.08 -8.03 25.71
H16 4WI J . 9.56 -6.57 20.44
#